data_6XQN
#
_entry.id   6XQN
#
_cell.length_a   1.00
_cell.length_b   1.00
_cell.length_c   1.00
_cell.angle_alpha   90.00
_cell.angle_beta   90.00
_cell.angle_gamma   90.00
#
_symmetry.space_group_name_H-M   'P 1'
#
loop_
_entity.id
_entity.type
_entity.pdbx_description
1 polymer 'Protein EMRE homolog, mitochondrial-like Protein'
2 polymer 'Calcium uniporter protein'
3 polymer 'Calcium uptake protein 1, mitochondrial'
4 polymer 'Calcium uptake protein 2, mitochondrial'
5 non-polymer 'CALCIUM ION'
#
loop_
_entity_poly.entity_id
_entity_poly.type
_entity_poly.pdbx_seq_one_letter_code
_entity_poly.pdbx_strand_id
1 'polypeptide(L)' GPTAAALETAVYSKSGGLLPEPHRTSFGIIRLILTVVPGLLIGAAISKNIANFLEENDLFVPSDDDDDDD E,G,H
2 'polypeptide(L)'
;GPTAAALERLTTEEVQGLSDVKTLVNQLYEALNVREHQLQKEVELTTQLETLQQELLPLEEKKLELEQVANRRSNWMAWA
GLGLMSVQFGILARLTWWEYSWDIMEPVTYFVTYGTAMAAYAYFVLTREEYILNDVRDRQQLLLLHKKAKKTGFDVNQYN
VLKDQIAKLELDLKRLRDPLKLRLPPKAAAKEEGGWSHPQFEK
;
A,B,C,D
3 'polypeptide(L)'
;GPTAAALEPHPEEKKKKRSGFRDRKVMEYENRIRAYSTPDKIFRYFATLKVISEPGEAEVFMTPEDFVRSITPNEKQPEH
LGLDQYIIKRFDGKKISQEREKFADEGSIFYTLGECGLISFSDYIFLTTVLSTPQRNFEIAFKMFDLNGDGEVDMEEFEQ
VQSIIRSQTSMGMRHRDRPTTGNTLKSGLCSALTTYFFGADLKGKLTIKNFLEFQRKLQHDVLKLEFERHDPVDGRITER
QFGGMLLAYSGVQSKKLTAMQRQLKKHFKEGKGLTFQEVENFFTFLKNINDVDTALSFYHMAGASLDKVTMQQVARTVAK
VELSDHVCDVVFALFDCDGNGELSNKEFVSIMKQRLMRGLEKPKDMGFTRLMQAMWKCAQETAWDFALPKQSNW
;
I
4 'polypeptide(L)'
;HHSRVSVAARDGSFTVSAQKNVEHGIIYIGKPSLRKQRFMQFSSLEHEGEYYMTPRDFLFSVMFEQMERKTSVKKLTKKD
IEDTLSGIQTAGCGSTFFRDLGDKGLISYTEYLFLLTILTKPHSGFHVAFKMLDTDGNEMIEKREFFKLQKIISKQDDLM
TVKTNETGYQEAIVKEPEINTTLQMRFFGKRGQRKLHYKEFRRFMENLQTEIQEMEFLQFSKGLSFMRKEDFAEWLLFFT
NTENKDIYWKNVREKLSAGESISLDEFKSFCHFTTHLEDFAIAMQMFSLAHRPVRLAEFKRAVKVATGQELSNNILDTVF
KIFDLDGDECLSHEEFLGVLKNRMHRGLWVPQHQSIQEYWKCVKKESIKGVKEVWKQAGKGLF
;
J
#
# COMPACT_ATOMS: atom_id res chain seq x y z
N PHE A 27 -29.14 -22.98 26.02
CA PHE A 27 -29.85 -23.74 25.01
C PHE A 27 -29.43 -23.33 23.60
N GLY A 28 -28.77 -22.17 23.50
CA GLY A 28 -28.32 -21.69 22.21
C GLY A 28 -27.05 -22.35 21.72
N ILE A 29 -26.24 -22.88 22.63
CA ILE A 29 -24.95 -23.46 22.25
C ILE A 29 -25.14 -24.67 21.35
N ILE A 30 -26.22 -25.45 21.56
CA ILE A 30 -26.48 -26.59 20.70
C ILE A 30 -26.67 -26.14 19.25
N ARG A 31 -27.50 -25.12 19.04
CA ARG A 31 -27.71 -24.61 17.70
C ARG A 31 -26.45 -23.94 17.16
N LEU A 32 -25.66 -23.31 18.01
CA LEU A 32 -24.40 -22.71 17.57
C LEU A 32 -23.48 -23.78 16.99
N ILE A 33 -23.32 -24.89 17.71
CA ILE A 33 -22.47 -25.97 17.21
C ILE A 33 -23.06 -26.58 15.95
N LEU A 34 -24.38 -26.80 15.94
CA LEU A 34 -25.01 -27.41 14.79
C LEU A 34 -24.98 -26.51 13.56
N THR A 35 -24.75 -25.21 13.75
CA THR A 35 -24.59 -24.33 12.60
C THR A 35 -23.13 -24.26 12.16
N VAL A 36 -22.20 -24.12 13.10
CA VAL A 36 -20.80 -23.96 12.71
C VAL A 36 -20.25 -25.27 12.13
N VAL A 37 -20.29 -26.35 12.92
CA VAL A 37 -19.59 -27.58 12.52
C VAL A 37 -20.01 -28.08 11.14
N PRO A 38 -21.29 -28.15 10.79
CA PRO A 38 -21.62 -28.54 9.41
C PRO A 38 -21.07 -27.59 8.37
N GLY A 39 -21.06 -26.28 8.66
CA GLY A 39 -20.47 -25.35 7.71
C GLY A 39 -18.99 -25.62 7.49
N LEU A 40 -18.28 -25.88 8.57
CA LEU A 40 -16.84 -26.15 8.48
C LEU A 40 -16.57 -27.44 7.73
N LEU A 41 -17.33 -28.49 8.03
CA LEU A 41 -17.17 -29.75 7.32
C LEU A 41 -17.50 -29.62 5.84
N ILE A 42 -18.53 -28.84 5.52
CA ILE A 42 -18.89 -28.61 4.13
C ILE A 42 -17.77 -27.86 3.42
N GLY A 43 -17.17 -26.88 4.09
CA GLY A 43 -16.03 -26.19 3.50
C GLY A 43 -14.88 -27.12 3.20
N ALA A 44 -14.59 -28.05 4.13
CA ALA A 44 -13.52 -29.00 3.90
C ALA A 44 -13.82 -29.88 2.68
N ALA A 45 -15.03 -30.45 2.63
CA ALA A 45 -15.38 -31.30 1.49
C ALA A 45 -15.39 -30.52 0.17
N ILE A 46 -15.79 -29.26 0.20
CA ILE A 46 -15.84 -28.46 -1.02
C ILE A 46 -14.43 -28.16 -1.52
N SER A 47 -13.50 -27.89 -0.61
CA SER A 47 -12.13 -27.69 -1.05
C SER A 47 -11.55 -28.97 -1.62
N LYS A 48 -11.85 -30.10 -0.98
CA LYS A 48 -11.46 -31.40 -1.54
C LYS A 48 -11.93 -31.54 -2.98
N ASN A 49 -13.23 -31.33 -3.21
CA ASN A 49 -13.79 -31.55 -4.54
C ASN A 49 -13.27 -30.55 -5.55
N ILE A 50 -13.14 -29.28 -5.17
CA ILE A 50 -12.70 -28.27 -6.12
C ILE A 50 -11.24 -28.52 -6.52
N ALA A 51 -10.38 -28.89 -5.57
CA ALA A 51 -9.01 -29.18 -5.93
C ALA A 51 -8.91 -30.42 -6.82
N ASN A 52 -9.75 -31.43 -6.53
CA ASN A 52 -9.80 -32.60 -7.41
C ASN A 52 -10.18 -32.20 -8.83
N PHE A 53 -11.25 -31.43 -8.97
CA PHE A 53 -11.68 -30.99 -10.29
C PHE A 53 -10.58 -30.21 -11.01
N LEU A 54 -9.95 -29.26 -10.31
CA LEU A 54 -8.92 -28.45 -10.94
C LEU A 54 -7.76 -29.30 -11.43
N GLU A 55 -7.29 -30.25 -10.59
CA GLU A 55 -6.25 -31.16 -11.06
C GLU A 55 -6.73 -32.00 -12.23
N GLU A 56 -8.03 -32.29 -12.29
CA GLU A 56 -8.55 -33.12 -13.38
C GLU A 56 -8.63 -32.32 -14.68
N ASN A 57 -9.14 -31.11 -14.62
CA ASN A 57 -9.32 -30.28 -15.82
C ASN A 57 -8.67 -28.91 -15.66
N ASP B 20 -71.43 41.45 39.56
CA ASP B 20 -72.40 41.41 38.48
C ASP B 20 -72.56 40.01 37.92
N VAL B 21 -71.63 39.61 37.06
CA VAL B 21 -71.66 38.29 36.46
C VAL B 21 -71.38 37.17 37.46
N LYS B 22 -70.93 37.51 38.67
CA LYS B 22 -70.57 36.49 39.65
C LYS B 22 -71.80 35.70 40.10
N THR B 23 -72.87 36.39 40.52
CA THR B 23 -74.07 35.68 40.91
C THR B 23 -74.71 34.96 39.73
N LEU B 24 -74.52 35.47 38.51
CA LEU B 24 -75.09 34.81 37.34
C LEU B 24 -74.35 33.51 37.04
N VAL B 25 -73.02 33.52 37.13
CA VAL B 25 -72.30 32.27 36.93
C VAL B 25 -72.56 31.32 38.09
N ASN B 26 -72.85 31.84 39.28
CA ASN B 26 -73.24 30.98 40.39
C ASN B 26 -74.56 30.28 40.07
N GLN B 27 -75.53 31.03 39.56
CA GLN B 27 -76.81 30.43 39.17
C GLN B 27 -76.61 29.41 38.05
N LEU B 28 -75.72 29.72 37.10
CA LEU B 28 -75.42 28.77 36.03
C LEU B 28 -74.82 27.49 36.57
N TYR B 29 -73.90 27.61 37.53
CA TYR B 29 -73.32 26.41 38.14
C TYR B 29 -74.39 25.61 38.87
N GLU B 30 -75.27 26.29 39.59
CA GLU B 30 -76.36 25.60 40.27
C GLU B 30 -77.27 24.88 39.29
N ALA B 31 -77.49 25.47 38.11
CA ALA B 31 -78.38 24.86 37.13
C ALA B 31 -77.74 23.65 36.46
N LEU B 32 -76.60 23.85 35.78
CA LEU B 32 -75.99 22.77 35.02
C LEU B 32 -75.14 21.87 35.91
N ASN B 33 -74.11 22.43 36.54
CA ASN B 33 -73.20 21.66 37.39
C ASN B 33 -73.89 21.38 38.72
N VAL B 34 -74.78 20.38 38.70
CA VAL B 34 -75.61 19.99 39.83
C VAL B 34 -74.78 19.78 41.11
N ARG B 35 -73.47 19.60 40.95
CA ARG B 35 -72.46 19.38 42.00
C ARG B 35 -72.45 17.93 42.46
N GLU B 36 -73.13 17.03 41.75
CA GLU B 36 -72.88 15.60 41.84
C GLU B 36 -71.84 15.14 40.83
N HIS B 37 -70.99 16.04 40.37
CA HIS B 37 -70.13 15.79 39.23
C HIS B 37 -68.88 14.98 39.57
N GLN B 38 -68.61 14.74 40.85
CA GLN B 38 -67.43 13.97 41.24
C GLN B 38 -67.57 12.52 40.81
N LEU B 39 -68.64 11.85 41.22
CA LEU B 39 -68.84 10.45 40.82
C LEU B 39 -69.07 10.33 39.32
N GLN B 40 -69.73 11.33 38.71
CA GLN B 40 -69.86 11.35 37.27
C GLN B 40 -68.50 11.38 36.59
N LYS B 41 -67.58 12.19 37.13
CA LYS B 41 -66.22 12.23 36.61
C LYS B 41 -65.54 10.88 36.78
N GLU B 42 -65.72 10.26 37.95
CA GLU B 42 -65.13 8.94 38.17
C GLU B 42 -65.60 7.94 37.12
N VAL B 43 -66.91 7.84 36.90
CA VAL B 43 -67.42 6.81 36.00
C VAL B 43 -67.06 7.12 34.56
N GLU B 44 -67.11 8.41 34.18
CA GLU B 44 -66.73 8.78 32.82
C GLU B 44 -65.26 8.50 32.58
N LEU B 45 -64.42 8.73 33.57
CA LEU B 45 -63.00 8.44 33.45
C LEU B 45 -62.78 6.94 33.29
N THR B 46 -63.41 6.13 34.15
CA THR B 46 -63.17 4.70 34.14
C THR B 46 -63.87 4.00 32.97
N THR B 47 -64.63 4.73 32.15
CA THR B 47 -65.12 4.13 30.91
C THR B 47 -64.42 4.69 29.68
N GLN B 48 -64.04 5.97 29.70
CA GLN B 48 -63.20 6.51 28.65
C GLN B 48 -61.87 5.77 28.58
N LEU B 49 -61.35 5.33 29.73
CA LEU B 49 -60.12 4.57 29.71
C LEU B 49 -60.28 3.27 28.94
N GLU B 50 -61.39 2.56 29.16
CA GLU B 50 -61.62 1.31 28.45
C GLU B 50 -61.84 1.55 26.96
N THR B 51 -62.57 2.61 26.62
CA THR B 51 -62.77 2.93 25.21
C THR B 51 -61.45 3.26 24.53
N LEU B 52 -60.56 3.97 25.22
CA LEU B 52 -59.25 4.27 24.66
C LEU B 52 -58.44 3.00 24.45
N GLN B 53 -58.39 2.12 25.45
CA GLN B 53 -57.65 0.88 25.31
C GLN B 53 -58.16 0.05 24.13
N GLN B 54 -59.49 -0.01 23.98
CA GLN B 54 -60.07 -0.76 22.86
C GLN B 54 -59.72 -0.10 21.53
N GLU B 55 -59.67 1.23 21.50
CA GLU B 55 -59.26 1.91 20.28
C GLU B 55 -57.77 1.71 20.00
N LEU B 56 -56.99 1.40 21.04
CA LEU B 56 -55.54 1.28 20.86
C LEU B 56 -55.12 -0.11 20.39
N LEU B 57 -55.82 -1.16 20.84
CA LEU B 57 -55.35 -2.53 20.59
C LEU B 57 -55.03 -2.82 19.13
N PRO B 58 -55.85 -2.45 18.14
CA PRO B 58 -55.47 -2.75 16.74
C PRO B 58 -54.13 -2.16 16.30
N LEU B 59 -53.86 -0.89 16.64
CA LEU B 59 -52.56 -0.32 16.33
C LEU B 59 -51.44 -1.14 16.95
N GLU B 60 -51.65 -1.61 18.18
CA GLU B 60 -50.61 -2.37 18.88
C GLU B 60 -50.36 -3.70 18.20
N GLU B 61 -51.42 -4.40 17.80
CA GLU B 61 -51.22 -5.69 17.13
C GLU B 61 -50.54 -5.50 15.78
N LYS B 62 -50.89 -4.43 15.05
CA LYS B 62 -50.17 -4.13 13.81
C LYS B 62 -48.69 -3.92 14.08
N LYS B 63 -48.37 -3.15 15.12
CA LYS B 63 -46.97 -2.91 15.46
C LYS B 63 -46.25 -4.21 15.79
N LEU B 64 -46.90 -5.10 16.55
CA LEU B 64 -46.26 -6.34 16.94
C LEU B 64 -46.00 -7.23 15.72
N GLU B 65 -46.98 -7.34 14.82
CA GLU B 65 -46.78 -8.13 13.61
C GLU B 65 -45.64 -7.56 12.78
N LEU B 66 -45.60 -6.24 12.61
CA LEU B 66 -44.52 -5.63 11.84
C LEU B 66 -43.17 -5.90 12.48
N GLU B 67 -43.09 -5.83 13.81
CA GLU B 67 -41.82 -6.05 14.48
C GLU B 67 -41.34 -7.49 14.30
N GLN B 68 -42.24 -8.46 14.49
CA GLN B 68 -41.83 -9.85 14.31
C GLN B 68 -41.40 -10.13 12.87
N VAL B 69 -42.12 -9.56 11.90
CA VAL B 69 -41.78 -9.80 10.51
C VAL B 69 -40.46 -9.14 10.15
N ALA B 70 -40.10 -8.04 10.80
CA ALA B 70 -38.79 -7.45 10.57
C ALA B 70 -37.70 -8.03 11.46
N ASN B 71 -38.06 -8.89 12.41
CA ASN B 71 -37.11 -9.57 13.27
C ASN B 71 -36.63 -10.89 12.68
N ARG B 72 -37.55 -11.67 12.11
CA ARG B 72 -37.17 -12.94 11.48
C ARG B 72 -36.09 -12.74 10.44
N ARG B 73 -36.20 -11.67 9.64
CA ARG B 73 -35.24 -11.41 8.58
C ARG B 73 -33.85 -11.23 9.14
N SER B 74 -33.70 -10.39 10.18
CA SER B 74 -32.37 -10.14 10.72
C SER B 74 -31.81 -11.37 11.41
N ASN B 75 -32.66 -12.14 12.08
CA ASN B 75 -32.20 -13.38 12.70
C ASN B 75 -31.63 -14.35 11.65
N TRP B 76 -32.42 -14.62 10.61
CA TRP B 76 -31.97 -15.50 9.55
C TRP B 76 -30.69 -14.98 8.91
N MET B 77 -30.59 -13.68 8.67
CA MET B 77 -29.41 -13.14 8.03
C MET B 77 -28.17 -13.31 8.91
N ALA B 78 -28.31 -13.10 10.22
CA ALA B 78 -27.16 -13.26 11.10
C ALA B 78 -26.69 -14.71 11.14
N TRP B 79 -27.63 -15.65 11.26
CA TRP B 79 -27.23 -17.05 11.29
C TRP B 79 -26.57 -17.46 9.96
N ALA B 80 -27.09 -16.96 8.84
CA ALA B 80 -26.46 -17.27 7.56
C ALA B 80 -25.05 -16.68 7.47
N GLY B 81 -24.85 -15.48 8.00
CA GLY B 81 -23.51 -14.91 8.00
C GLY B 81 -22.54 -15.75 8.79
N LEU B 82 -22.98 -16.29 9.93
CA LEU B 82 -22.09 -17.16 10.71
C LEU B 82 -21.79 -18.44 9.96
N GLY B 83 -22.80 -19.02 9.29
CA GLY B 83 -22.55 -20.19 8.48
C GLY B 83 -21.53 -19.94 7.38
N LEU B 84 -21.59 -18.76 6.76
CA LEU B 84 -20.64 -18.46 5.69
C LEU B 84 -19.23 -18.28 6.23
N MET B 85 -19.09 -17.62 7.39
CA MET B 85 -17.77 -17.52 8.00
C MET B 85 -17.19 -18.91 8.29
N SER B 86 -18.02 -19.80 8.82
CA SER B 86 -17.55 -21.16 9.11
C SER B 86 -17.16 -21.89 7.82
N VAL B 87 -17.90 -21.69 6.74
CA VAL B 87 -17.56 -22.37 5.48
C VAL B 87 -16.22 -21.87 4.96
N GLN B 88 -15.97 -20.57 5.04
CA GLN B 88 -14.68 -20.04 4.61
C GLN B 88 -13.55 -20.62 5.45
N PHE B 89 -13.78 -20.71 6.77
CA PHE B 89 -12.78 -21.33 7.65
C PHE B 89 -12.46 -22.74 7.19
N GLY B 90 -13.49 -23.54 6.91
CA GLY B 90 -13.24 -24.90 6.49
C GLY B 90 -12.48 -24.99 5.18
N ILE B 91 -12.84 -24.15 4.21
CA ILE B 91 -12.17 -24.17 2.92
C ILE B 91 -10.69 -23.85 3.07
N LEU B 92 -10.38 -22.86 3.90
CA LEU B 92 -8.99 -22.47 4.05
C LEU B 92 -8.22 -23.50 4.86
N ALA B 93 -8.84 -24.12 5.86
CA ALA B 93 -8.11 -25.07 6.66
C ALA B 93 -7.92 -26.39 5.94
N ARG B 94 -8.75 -26.69 4.95
CA ARG B 94 -8.55 -27.88 4.15
C ARG B 94 -7.58 -27.62 3.00
N LEU B 95 -7.33 -26.37 2.65
CA LEU B 95 -6.31 -26.15 1.61
C LEU B 95 -4.92 -26.16 2.21
N THR B 96 -4.67 -25.37 3.25
CA THR B 96 -3.31 -25.17 3.74
C THR B 96 -2.82 -26.27 4.66
N TRP B 97 -3.49 -27.42 4.74
CA TRP B 97 -2.98 -28.48 5.60
C TRP B 97 -3.09 -29.87 5.03
N TRP B 98 -3.81 -30.08 3.94
CA TRP B 98 -3.83 -31.37 3.28
C TRP B 98 -3.33 -31.28 1.85
N GLU B 99 -3.86 -30.34 1.07
CA GLU B 99 -3.51 -30.25 -0.34
C GLU B 99 -2.18 -29.52 -0.54
N TYR B 100 -2.03 -28.36 0.09
CA TYR B 100 -0.89 -27.49 -0.11
C TYR B 100 -0.11 -27.35 1.19
N SER B 101 0.88 -26.47 1.18
CA SER B 101 1.58 -26.09 2.40
C SER B 101 1.06 -24.73 2.86
N TRP B 102 1.51 -24.32 4.04
CA TRP B 102 1.07 -23.01 4.53
C TRP B 102 1.71 -21.89 3.72
N ASP B 103 2.99 -22.01 3.39
CA ASP B 103 3.69 -20.86 2.82
C ASP B 103 3.18 -20.52 1.44
N ILE B 104 2.76 -21.51 0.66
CA ILE B 104 2.24 -21.20 -0.66
C ILE B 104 0.84 -20.62 -0.56
N MET B 105 0.09 -20.98 0.48
CA MET B 105 -1.25 -20.45 0.72
C MET B 105 -1.29 -19.34 1.75
N GLU B 106 -0.22 -18.58 1.91
CA GLU B 106 -0.29 -17.43 2.80
C GLU B 106 -0.94 -16.23 2.13
N PRO B 107 -0.52 -15.85 0.92
CA PRO B 107 -1.17 -14.68 0.29
C PRO B 107 -2.58 -14.98 -0.13
N VAL B 108 -2.91 -16.24 -0.44
CA VAL B 108 -4.27 -16.55 -0.80
C VAL B 108 -5.19 -16.30 0.39
N THR B 109 -4.76 -16.67 1.59
CA THR B 109 -5.57 -16.42 2.77
C THR B 109 -5.67 -14.93 3.08
N TYR B 110 -4.56 -14.20 2.92
CA TYR B 110 -4.65 -12.77 3.18
C TYR B 110 -5.62 -12.10 2.22
N PHE B 111 -5.56 -12.45 0.94
CA PHE B 111 -6.43 -11.80 -0.03
C PHE B 111 -7.87 -12.27 0.07
N VAL B 112 -8.09 -13.50 0.51
CA VAL B 112 -9.46 -13.94 0.78
C VAL B 112 -10.04 -13.18 1.96
N THR B 113 -9.25 -12.96 3.00
CA THR B 113 -9.73 -12.14 4.13
C THR B 113 -10.04 -10.71 3.70
N TYR B 114 -9.17 -10.12 2.88
CA TYR B 114 -9.43 -8.78 2.35
C TYR B 114 -10.71 -8.76 1.54
N GLY B 115 -10.90 -9.74 0.66
CA GLY B 115 -12.12 -9.81 -0.13
C GLY B 115 -13.36 -10.00 0.71
N THR B 116 -13.26 -10.76 1.80
CA THR B 116 -14.41 -10.96 2.67
C THR B 116 -14.78 -9.67 3.39
N ALA B 117 -13.78 -8.93 3.88
CA ALA B 117 -14.08 -7.63 4.47
C ALA B 117 -14.71 -6.69 3.45
N MET B 118 -14.20 -6.70 2.22
CA MET B 118 -14.77 -5.85 1.18
C MET B 118 -16.21 -6.24 0.87
N ALA B 119 -16.50 -7.53 0.86
CA ALA B 119 -17.86 -7.98 0.58
C ALA B 119 -18.81 -7.64 1.73
N ALA B 120 -18.33 -7.70 2.97
CA ALA B 120 -19.16 -7.25 4.09
C ALA B 120 -19.46 -5.77 3.98
N TYR B 121 -18.46 -4.97 3.61
CA TYR B 121 -18.70 -3.54 3.44
C TYR B 121 -19.70 -3.29 2.31
N ALA B 122 -19.59 -4.03 1.21
CA ALA B 122 -20.54 -3.87 0.12
C ALA B 122 -21.94 -4.28 0.53
N TYR B 123 -22.07 -5.31 1.36
CA TYR B 123 -23.38 -5.67 1.89
C TYR B 123 -23.96 -4.54 2.72
N PHE B 124 -23.15 -3.96 3.60
CA PHE B 124 -23.62 -2.82 4.39
C PHE B 124 -24.07 -1.67 3.50
N VAL B 125 -23.28 -1.35 2.47
CA VAL B 125 -23.63 -0.21 1.63
C VAL B 125 -24.85 -0.50 0.78
N LEU B 126 -25.11 -1.77 0.46
CA LEU B 126 -26.26 -2.08 -0.37
C LEU B 126 -27.54 -2.19 0.44
N THR B 127 -27.45 -2.64 1.69
CA THR B 127 -28.65 -2.75 2.50
C THR B 127 -29.17 -1.37 2.93
N ARG B 128 -28.29 -0.39 3.03
CA ARG B 128 -28.70 0.97 3.38
C ARG B 128 -28.46 1.93 2.21
N ASN B 134 -33.35 5.07 25.83
CA ASN B 134 -34.07 3.82 26.02
C ASN B 134 -35.37 3.80 25.23
N ASP B 135 -36.35 4.58 25.70
CA ASP B 135 -37.64 4.66 25.00
C ASP B 135 -37.53 5.46 23.71
N VAL B 136 -36.67 6.49 23.69
CA VAL B 136 -36.44 7.25 22.47
C VAL B 136 -35.81 6.37 21.40
N ARG B 137 -35.00 5.39 21.81
CA ARG B 137 -34.49 4.41 20.85
C ARG B 137 -35.64 3.62 20.24
N ASP B 138 -36.64 3.25 21.04
CA ASP B 138 -37.81 2.57 20.51
C ASP B 138 -38.59 3.46 19.57
N ARG B 139 -38.69 4.76 19.89
CA ARG B 139 -39.37 5.68 18.99
C ARG B 139 -38.66 5.76 17.64
N GLN B 140 -37.33 5.84 17.66
CA GLN B 140 -36.57 5.86 16.42
C GLN B 140 -36.74 4.56 15.64
N GLN B 141 -36.71 3.43 16.33
CA GLN B 141 -36.92 2.14 15.67
C GLN B 141 -38.29 2.07 15.03
N LEU B 142 -39.32 2.57 15.71
CA LEU B 142 -40.66 2.53 15.16
C LEU B 142 -40.81 3.48 13.98
N LEU B 143 -40.15 4.65 14.04
CA LEU B 143 -40.19 5.57 12.92
C LEU B 143 -39.52 4.95 11.69
N LEU B 144 -38.36 4.32 11.88
CA LEU B 144 -37.69 3.67 10.75
C LEU B 144 -38.51 2.50 10.23
N LEU B 145 -39.18 1.77 11.13
CA LEU B 145 -40.02 0.65 10.69
C LEU B 145 -41.21 1.14 9.87
N HIS B 146 -41.84 2.24 10.30
CA HIS B 146 -42.94 2.80 9.53
C HIS B 146 -42.46 3.32 8.18
N LYS B 147 -41.29 3.97 8.16
CA LYS B 147 -40.76 4.48 6.90
C LYS B 147 -40.46 3.35 5.93
N LYS B 148 -39.82 2.28 6.41
CA LYS B 148 -39.50 1.14 5.55
C LYS B 148 -40.76 0.40 5.12
N ALA B 149 -41.78 0.37 5.98
CA ALA B 149 -43.02 -0.31 5.63
C ALA B 149 -43.73 0.40 4.49
N LYS B 150 -44.13 1.68 4.68
CA LYS B 150 -45.26 2.30 3.91
C LYS B 150 -46.49 1.40 3.96
N LYS B 151 -46.72 0.79 5.12
CA LYS B 151 -47.83 -0.12 5.32
C LYS B 151 -48.95 0.62 6.06
N THR B 152 -50.09 0.77 5.39
CA THR B 152 -51.23 1.44 6.01
C THR B 152 -51.79 0.59 7.14
N GLY B 153 -52.77 1.16 7.83
CA GLY B 153 -53.38 0.51 8.98
C GLY B 153 -52.68 0.77 10.29
N PHE B 154 -51.39 1.09 10.27
CA PHE B 154 -50.64 1.42 11.48
C PHE B 154 -49.98 2.78 11.30
N ASP B 155 -50.57 3.80 11.93
CA ASP B 155 -50.07 5.17 11.83
C ASP B 155 -49.32 5.48 13.11
N VAL B 156 -47.99 5.58 13.02
CA VAL B 156 -47.17 5.59 14.23
C VAL B 156 -47.50 6.79 15.11
N ASN B 157 -47.74 7.95 14.51
CA ASN B 157 -48.00 9.14 15.30
C ASN B 157 -49.36 9.08 15.98
N GLN B 158 -50.34 8.47 15.32
CA GLN B 158 -51.63 8.27 15.97
C GLN B 158 -51.48 7.34 17.17
N TYR B 159 -50.71 6.27 17.01
CA TYR B 159 -50.48 5.37 18.13
C TYR B 159 -49.74 6.07 19.25
N ASN B 160 -48.83 7.00 18.91
CA ASN B 160 -48.08 7.70 19.95
C ASN B 160 -48.97 8.64 20.75
N VAL B 161 -49.72 9.50 20.05
CA VAL B 161 -50.61 10.41 20.79
C VAL B 161 -51.65 9.61 21.55
N LEU B 162 -52.05 8.44 21.04
CA LEU B 162 -53.04 7.63 21.74
C LEU B 162 -52.47 7.03 23.02
N LYS B 163 -51.27 6.47 22.95
CA LYS B 163 -50.64 5.95 24.15
C LYS B 163 -50.42 7.06 25.18
N ASP B 164 -50.06 8.25 24.70
CA ASP B 164 -49.84 9.36 25.64
C ASP B 164 -51.13 9.78 26.31
N GLN B 165 -52.23 9.84 25.56
CA GLN B 165 -53.52 10.18 26.13
C GLN B 165 -53.94 9.13 27.16
N ILE B 166 -53.69 7.86 26.87
CA ILE B 166 -54.05 6.79 27.80
C ILE B 166 -53.23 6.87 29.07
N ALA B 167 -51.92 7.11 28.94
CA ALA B 167 -51.07 7.23 30.13
C ALA B 167 -51.51 8.39 31.01
N LYS B 168 -51.76 9.55 30.41
CA LYS B 168 -52.24 10.69 31.19
C LYS B 168 -53.56 10.36 31.89
N LEU B 169 -54.48 9.71 31.18
CA LEU B 169 -55.77 9.41 31.79
C LEU B 169 -55.62 8.44 32.95
N GLU B 170 -54.77 7.42 32.79
CA GLU B 170 -54.56 6.46 33.87
C GLU B 170 -53.89 7.10 35.08
N LEU B 171 -52.96 8.03 34.84
CA LEU B 171 -52.35 8.76 35.94
C LEU B 171 -53.40 9.61 36.67
N ASP B 172 -54.28 10.26 35.92
CA ASP B 172 -55.37 11.01 36.55
C ASP B 172 -56.27 10.08 37.35
N LEU B 173 -56.48 8.86 36.87
CA LEU B 173 -57.29 7.90 37.62
C LEU B 173 -56.59 7.48 38.91
N LYS B 174 -55.28 7.30 38.85
CA LYS B 174 -54.52 7.00 40.07
C LYS B 174 -54.66 8.13 41.08
N ARG B 175 -54.65 9.37 40.59
CA ARG B 175 -54.89 10.50 41.49
C ARG B 175 -56.29 10.45 42.07
N LEU B 176 -57.29 10.14 41.25
CA LEU B 176 -58.67 10.12 41.71
C LEU B 176 -58.87 9.06 42.79
N ARG B 177 -58.35 7.86 42.56
CA ARG B 177 -58.50 6.79 43.55
C ARG B 177 -57.72 7.12 44.83
N ASP B 178 -56.53 7.69 44.67
CA ASP B 178 -55.69 8.09 45.79
C ASP B 178 -55.41 6.94 46.75
N GLY C 17 -55.56 37.66 33.61
CA GLY C 17 -56.37 36.47 33.79
C GLY C 17 -57.80 36.64 33.33
N LEU C 18 -58.27 37.90 33.33
CA LEU C 18 -59.63 38.17 32.87
C LEU C 18 -59.81 37.77 31.40
N SER C 19 -58.78 38.01 30.58
CA SER C 19 -58.84 37.58 29.19
C SER C 19 -58.96 36.07 29.09
N ASP C 20 -58.34 35.34 30.02
CA ASP C 20 -58.41 33.88 29.98
C ASP C 20 -59.83 33.40 30.24
N VAL C 21 -60.49 33.94 31.28
CA VAL C 21 -61.85 33.52 31.56
C VAL C 21 -62.79 34.01 30.45
N LYS C 22 -62.48 35.15 29.83
CA LYS C 22 -63.23 35.57 28.66
C LYS C 22 -63.13 34.54 27.54
N THR C 23 -61.93 34.01 27.31
CA THR C 23 -61.76 32.98 26.29
C THR C 23 -62.48 31.69 26.65
N LEU C 24 -62.54 31.36 27.95
CA LEU C 24 -63.35 30.21 28.37
C LEU C 24 -64.81 30.42 28.02
N VAL C 25 -65.33 31.62 28.31
CA VAL C 25 -66.73 31.93 27.97
C VAL C 25 -66.94 31.86 26.47
N ASN C 26 -65.95 32.31 25.69
CA ASN C 26 -66.07 32.24 24.24
C ASN C 26 -66.13 30.80 23.76
N GLN C 27 -65.30 29.93 24.33
CA GLN C 27 -65.37 28.51 24.01
C GLN C 27 -66.75 27.95 24.34
N LEU C 28 -67.26 28.28 25.52
CA LEU C 28 -68.60 27.85 25.90
C LEU C 28 -69.65 28.34 24.89
N TYR C 29 -69.49 29.57 24.41
CA TYR C 29 -70.48 30.13 23.51
C TYR C 29 -70.43 29.45 22.14
N GLU C 30 -69.22 29.23 21.62
CA GLU C 30 -69.09 28.47 20.38
C GLU C 30 -69.65 27.07 20.55
N ALA C 31 -69.54 26.49 21.74
CA ALA C 31 -70.13 25.17 21.98
C ALA C 31 -71.65 25.23 21.94
N LEU C 32 -72.24 26.22 22.63
CA LEU C 32 -73.71 26.29 22.71
C LEU C 32 -74.36 26.65 21.38
N ASN C 33 -73.68 27.43 20.54
CA ASN C 33 -74.32 27.85 19.29
C ASN C 33 -74.46 26.71 18.28
N VAL C 34 -73.93 25.52 18.60
CA VAL C 34 -73.92 24.42 17.63
C VAL C 34 -75.34 24.01 17.26
N ARG C 35 -75.54 23.77 15.97
CA ARG C 35 -76.74 23.12 15.45
C ARG C 35 -76.31 21.85 14.74
N GLU C 36 -77.10 20.79 14.88
CA GLU C 36 -76.66 19.45 14.49
C GLU C 36 -75.32 19.13 15.14
N HIS C 37 -75.39 19.00 16.47
CA HIS C 37 -74.21 18.97 17.33
C HIS C 37 -73.07 18.11 16.79
N GLN C 38 -73.34 16.85 16.48
CA GLN C 38 -72.26 15.97 16.05
C GLN C 38 -71.97 16.07 14.56
N LEU C 39 -72.94 16.48 13.76
CA LEU C 39 -72.75 16.53 12.31
C LEU C 39 -71.92 17.75 11.94
N GLN C 40 -72.40 18.93 12.29
CA GLN C 40 -71.69 20.14 11.89
C GLN C 40 -70.32 20.18 12.55
N LYS C 41 -70.19 19.61 13.75
CA LYS C 41 -68.89 19.49 14.39
C LYS C 41 -67.96 18.57 13.59
N GLU C 42 -68.49 17.44 13.11
CA GLU C 42 -67.69 16.58 12.25
C GLU C 42 -67.23 17.33 11.00
N VAL C 43 -68.12 18.15 10.44
CA VAL C 43 -67.77 18.94 9.25
C VAL C 43 -66.64 19.90 9.59
N GLU C 44 -66.78 20.63 10.69
CA GLU C 44 -65.75 21.59 11.07
C GLU C 44 -64.42 20.88 11.30
N LEU C 45 -64.46 19.68 11.90
CA LEU C 45 -63.23 18.93 12.10
C LEU C 45 -62.62 18.53 10.76
N THR C 46 -63.45 18.21 9.78
CA THR C 46 -62.93 17.88 8.46
C THR C 46 -62.23 19.08 7.83
N THR C 47 -62.85 20.25 7.92
CA THR C 47 -62.21 21.45 7.39
C THR C 47 -60.90 21.74 8.11
N GLN C 48 -60.87 21.55 9.43
CA GLN C 48 -59.63 21.76 10.18
C GLN C 48 -58.55 20.81 9.72
N LEU C 49 -58.90 19.53 9.57
CA LEU C 49 -57.93 18.53 9.10
C LEU C 49 -57.39 18.92 7.73
N GLU C 50 -58.27 19.32 6.82
CA GLU C 50 -57.83 19.72 5.49
C GLU C 50 -56.88 20.91 5.55
N THR C 51 -57.22 21.91 6.36
CA THR C 51 -56.38 23.10 6.46
C THR C 51 -55.00 22.76 7.02
N LEU C 52 -54.97 21.99 8.10
CA LEU C 52 -53.69 21.63 8.70
C LEU C 52 -52.84 20.81 7.75
N GLN C 53 -53.47 19.93 6.95
CA GLN C 53 -52.69 19.14 6.01
C GLN C 53 -52.13 19.99 4.88
N GLN C 54 -52.96 20.87 4.32
CA GLN C 54 -52.49 21.78 3.28
C GLN C 54 -51.33 22.62 3.79
N GLU C 55 -51.36 23.00 5.06
CA GLU C 55 -50.22 23.70 5.64
C GLU C 55 -49.03 22.77 5.83
N LEU C 56 -49.29 21.52 6.18
CA LEU C 56 -48.20 20.59 6.46
C LEU C 56 -47.39 20.26 5.22
N LEU C 57 -48.03 20.24 4.06
CA LEU C 57 -47.33 19.81 2.83
C LEU C 57 -46.01 20.53 2.58
N PRO C 58 -45.91 21.87 2.61
CA PRO C 58 -44.61 22.52 2.36
C PRO C 58 -43.49 22.04 3.27
N LEU C 59 -43.77 21.79 4.55
CA LEU C 59 -42.73 21.28 5.44
C LEU C 59 -42.26 19.92 4.99
N GLU C 60 -43.19 19.06 4.55
CA GLU C 60 -42.79 17.75 4.07
C GLU C 60 -41.96 17.85 2.79
N GLU C 61 -42.29 18.80 1.92
CA GLU C 61 -41.47 19.06 0.75
C GLU C 61 -40.05 19.40 1.16
N LYS C 62 -39.90 20.37 2.06
CA LYS C 62 -38.57 20.75 2.53
C LYS C 62 -37.83 19.56 3.11
N LYS C 63 -38.52 18.75 3.91
CA LYS C 63 -37.86 17.63 4.58
C LYS C 63 -37.39 16.58 3.58
N LEU C 64 -38.23 16.22 2.62
CA LEU C 64 -37.82 15.21 1.64
C LEU C 64 -36.68 15.71 0.77
N GLU C 65 -36.71 16.99 0.39
CA GLU C 65 -35.60 17.53 -0.40
C GLU C 65 -34.30 17.45 0.39
N LEU C 66 -34.32 17.87 1.65
CA LEU C 66 -33.11 17.82 2.47
C LEU C 66 -32.63 16.39 2.64
N GLU C 67 -33.57 15.46 2.85
CA GLU C 67 -33.18 14.06 3.03
C GLU C 67 -32.48 13.50 1.81
N GLN C 68 -33.04 13.75 0.62
CA GLN C 68 -32.40 13.23 -0.59
C GLN C 68 -31.04 13.86 -0.82
N VAL C 69 -30.94 15.18 -0.62
CA VAL C 69 -29.69 15.88 -0.86
C VAL C 69 -28.64 15.50 0.18
N ALA C 70 -29.06 14.92 1.30
CA ALA C 70 -28.09 14.43 2.28
C ALA C 70 -27.83 12.94 2.17
N ASN C 71 -28.67 12.21 1.43
CA ASN C 71 -28.47 10.77 1.24
C ASN C 71 -27.58 10.46 0.05
N ARG C 72 -27.78 11.15 -1.07
CA ARG C 72 -26.98 10.87 -2.26
C ARG C 72 -25.49 11.09 -1.99
N ARG C 73 -25.16 12.07 -1.15
CA ARG C 73 -23.77 12.36 -0.84
C ARG C 73 -23.11 11.17 -0.18
N SER C 74 -23.75 10.61 0.86
CA SER C 74 -23.17 9.47 1.54
C SER C 74 -23.08 8.26 0.63
N ASN C 75 -24.09 8.07 -0.23
CA ASN C 75 -24.03 6.95 -1.17
C ASN C 75 -22.82 7.06 -2.09
N TRP C 76 -22.62 8.22 -2.69
CA TRP C 76 -21.49 8.39 -3.60
C TRP C 76 -20.16 8.29 -2.85
N MET C 77 -20.09 8.80 -1.63
CA MET C 77 -18.85 8.71 -0.87
C MET C 77 -18.49 7.26 -0.56
N ALA C 78 -19.49 6.46 -0.18
CA ALA C 78 -19.22 5.05 0.10
C ALA C 78 -18.81 4.29 -1.16
N TRP C 79 -19.45 4.60 -2.29
CA TRP C 79 -19.02 3.98 -3.54
C TRP C 79 -17.58 4.33 -3.86
N ALA C 80 -17.19 5.60 -3.67
CA ALA C 80 -15.81 5.99 -3.93
C ALA C 80 -14.84 5.26 -3.03
N GLY C 81 -15.16 5.14 -1.74
CA GLY C 81 -14.30 4.39 -0.84
C GLY C 81 -14.14 2.94 -1.26
N LEU C 82 -15.23 2.29 -1.63
CA LEU C 82 -15.15 0.90 -2.06
C LEU C 82 -14.32 0.76 -3.33
N GLY C 83 -14.48 1.69 -4.27
CA GLY C 83 -13.68 1.64 -5.49
C GLY C 83 -12.20 1.79 -5.23
N LEU C 84 -11.82 2.73 -4.36
CA LEU C 84 -10.42 2.91 -4.03
C LEU C 84 -9.84 1.67 -3.36
N MET C 85 -10.60 1.06 -2.43
CA MET C 85 -10.12 -0.15 -1.79
C MET C 85 -9.94 -1.27 -2.79
N SER C 86 -10.87 -1.40 -3.75
CA SER C 86 -10.74 -2.44 -4.76
C SER C 86 -9.52 -2.21 -5.64
N VAL C 87 -9.24 -0.94 -5.98
CA VAL C 87 -8.06 -0.64 -6.78
C VAL C 87 -6.79 -1.05 -6.04
N GLN C 88 -6.72 -0.72 -4.75
CA GLN C 88 -5.56 -1.14 -3.96
C GLN C 88 -5.42 -2.65 -3.91
N PHE C 89 -6.55 -3.35 -3.76
CA PHE C 89 -6.54 -4.81 -3.78
C PHE C 89 -5.93 -5.33 -5.06
N GLY C 90 -6.41 -4.84 -6.20
CA GLY C 90 -5.90 -5.32 -7.48
C GLY C 90 -4.42 -5.03 -7.67
N ILE C 91 -3.99 -3.81 -7.31
CA ILE C 91 -2.58 -3.45 -7.45
C ILE C 91 -1.70 -4.37 -6.62
N LEU C 92 -2.08 -4.60 -5.37
CA LEU C 92 -1.25 -5.45 -4.51
C LEU C 92 -1.23 -6.88 -5.01
N ALA C 93 -2.35 -7.40 -5.50
CA ALA C 93 -2.36 -8.76 -6.00
C ALA C 93 -1.48 -8.90 -7.23
N ARG C 94 -1.51 -7.92 -8.12
CA ARG C 94 -0.69 -8.01 -9.33
C ARG C 94 0.79 -7.88 -8.98
N LEU C 95 1.14 -6.99 -8.05
CA LEU C 95 2.54 -6.88 -7.66
C LEU C 95 3.01 -8.10 -6.88
N THR C 96 2.10 -8.81 -6.22
CA THR C 96 2.51 -9.95 -5.40
C THR C 96 2.67 -11.22 -6.23
N TRP C 97 1.78 -11.46 -7.19
CA TRP C 97 1.79 -12.76 -7.84
C TRP C 97 2.50 -12.78 -9.18
N TRP C 98 2.74 -11.62 -9.80
CA TRP C 98 3.35 -11.57 -11.12
C TRP C 98 4.72 -10.91 -11.11
N GLU C 99 4.81 -9.67 -10.63
CA GLU C 99 6.07 -8.94 -10.72
C GLU C 99 7.06 -9.39 -9.66
N TYR C 100 6.62 -9.57 -8.42
CA TYR C 100 7.49 -9.90 -7.31
C TYR C 100 7.00 -11.16 -6.62
N SER C 101 7.55 -11.48 -5.46
CA SER C 101 7.08 -12.59 -4.66
C SER C 101 6.46 -12.09 -3.37
N TRP C 102 5.75 -12.99 -2.69
CA TRP C 102 5.13 -12.59 -1.43
C TRP C 102 6.17 -12.43 -0.34
N ASP C 103 7.28 -13.13 -0.44
CA ASP C 103 8.36 -12.99 0.53
C ASP C 103 8.85 -11.54 0.58
N ILE C 104 8.89 -10.88 -0.57
CA ILE C 104 9.38 -9.51 -0.63
C ILE C 104 8.26 -8.49 -0.51
N MET C 105 7.00 -8.90 -0.68
CA MET C 105 5.86 -8.00 -0.62
C MET C 105 5.00 -8.18 0.62
N GLU C 106 5.55 -8.76 1.69
CA GLU C 106 4.75 -8.86 2.90
C GLU C 106 4.74 -7.53 3.65
N PRO C 107 5.89 -6.94 3.97
CA PRO C 107 5.85 -5.67 4.71
C PRO C 107 5.21 -4.55 3.91
N VAL C 108 5.33 -4.59 2.58
CA VAL C 108 4.76 -3.53 1.77
C VAL C 108 3.24 -3.55 1.89
N THR C 109 2.64 -4.73 1.78
CA THR C 109 1.18 -4.83 1.89
C THR C 109 0.73 -4.50 3.30
N TYR C 110 1.46 -4.96 4.32
CA TYR C 110 1.04 -4.64 5.68
C TYR C 110 1.04 -3.15 5.92
N PHE C 111 2.09 -2.46 5.49
CA PHE C 111 2.16 -1.02 5.75
C PHE C 111 1.22 -0.24 4.85
N VAL C 112 0.90 -0.76 3.66
CA VAL C 112 -0.09 -0.09 2.81
C VAL C 112 -1.48 -0.21 3.44
N THR C 113 -1.79 -1.36 4.03
CA THR C 113 -3.06 -1.49 4.73
C THR C 113 -3.12 -0.59 5.96
N TYR C 114 -2.03 -0.52 6.72
CA TYR C 114 -1.94 0.41 7.84
C TYR C 114 -2.19 1.84 7.38
N GLY C 115 -1.56 2.25 6.27
CA GLY C 115 -1.73 3.59 5.79
C GLY C 115 -3.15 3.87 5.34
N THR C 116 -3.79 2.90 4.68
CA THR C 116 -5.18 3.09 4.25
C THR C 116 -6.09 3.24 5.45
N ALA C 117 -5.92 2.41 6.48
CA ALA C 117 -6.75 2.52 7.68
C ALA C 117 -6.53 3.86 8.38
N MET C 118 -5.27 4.28 8.51
CA MET C 118 -4.98 5.56 9.15
C MET C 118 -5.58 6.71 8.36
N ALA C 119 -5.55 6.63 7.03
CA ALA C 119 -6.11 7.69 6.22
C ALA C 119 -7.63 7.73 6.33
N ALA C 120 -8.28 6.58 6.40
CA ALA C 120 -9.73 6.56 6.58
C ALA C 120 -10.11 7.18 7.93
N TYR C 121 -9.41 6.80 9.00
CA TYR C 121 -9.72 7.38 10.29
C TYR C 121 -9.41 8.87 10.34
N ALA C 122 -8.37 9.31 9.64
CA ALA C 122 -8.07 10.74 9.58
C ALA C 122 -9.14 11.51 8.82
N TYR C 123 -9.65 10.94 7.72
CA TYR C 123 -10.76 11.58 7.02
C TYR C 123 -11.98 11.68 7.92
N PHE C 124 -12.29 10.61 8.66
CA PHE C 124 -13.45 10.64 9.56
C PHE C 124 -13.29 11.72 10.62
N VAL C 125 -12.14 11.76 11.29
CA VAL C 125 -11.94 12.75 12.34
C VAL C 125 -11.95 14.16 11.75
N LEU C 126 -11.45 14.33 10.52
CA LEU C 126 -11.40 15.66 9.95
C LEU C 126 -12.79 16.15 9.57
N THR C 127 -13.60 15.29 8.96
CA THR C 127 -14.96 15.70 8.65
C THR C 127 -15.77 15.94 9.92
N ARG C 128 -15.51 15.17 10.97
CA ARG C 128 -16.19 15.40 12.25
C ARG C 128 -15.81 16.77 12.83
N GLU C 129 -14.51 17.06 12.88
CA GLU C 129 -14.07 18.34 13.42
C GLU C 129 -14.60 19.51 12.61
N GLU C 130 -14.54 19.42 11.28
CA GLU C 130 -15.05 20.50 10.44
C GLU C 130 -16.54 20.69 10.65
N TYR C 131 -17.30 19.58 10.72
CA TYR C 131 -18.74 19.68 10.90
C TYR C 131 -19.10 20.31 12.24
N ILE C 132 -18.43 19.89 13.31
CA ILE C 132 -18.79 20.43 14.62
C ILE C 132 -18.37 21.89 14.73
N LEU C 133 -17.21 22.24 14.17
CA LEU C 133 -16.78 23.64 14.18
C LEU C 133 -17.77 24.51 13.43
N ASN C 134 -18.16 24.09 12.21
CA ASN C 134 -19.11 24.88 11.43
C ASN C 134 -20.45 24.99 12.12
N ASP C 135 -20.92 23.89 12.73
CA ASP C 135 -22.22 23.90 13.40
C ASP C 135 -22.20 24.83 14.60
N VAL C 136 -21.16 24.77 15.43
CA VAL C 136 -21.07 25.64 16.60
C VAL C 136 -20.95 27.10 16.17
N ARG C 137 -20.17 27.36 15.12
CA ARG C 137 -20.04 28.73 14.63
C ARG C 137 -21.35 29.28 14.12
N ASP C 138 -22.10 28.46 13.36
CA ASP C 138 -23.39 28.91 12.85
C ASP C 138 -24.39 29.11 13.97
N ARG C 139 -24.36 28.25 14.99
CA ARG C 139 -25.27 28.41 16.12
C ARG C 139 -24.95 29.68 16.91
N GLN C 140 -23.65 29.96 17.11
CA GLN C 140 -23.27 31.18 17.81
C GLN C 140 -23.62 32.43 17.00
N GLN C 141 -23.45 32.37 15.68
CA GLN C 141 -23.80 33.51 14.84
C GLN C 141 -25.31 33.73 14.80
N LEU C 142 -26.08 32.66 14.82
CA LEU C 142 -27.54 32.76 14.78
C LEU C 142 -28.11 33.01 16.17
N PHE C 154 -36.18 25.20 7.71
CA PHE C 154 -37.04 24.08 8.11
C PHE C 154 -37.05 23.93 9.62
N ASP C 155 -37.93 24.67 10.29
CA ASP C 155 -38.08 24.58 11.73
C ASP C 155 -38.73 23.24 12.04
N VAL C 156 -37.92 22.29 12.51
CA VAL C 156 -38.40 20.92 12.65
C VAL C 156 -39.48 20.82 13.70
N ASN C 157 -39.49 21.71 14.68
CA ASN C 157 -40.42 21.56 15.79
C ASN C 157 -41.83 22.02 15.44
N GLN C 158 -41.98 22.99 14.54
CA GLN C 158 -43.35 23.31 14.14
C GLN C 158 -43.88 22.26 13.19
N TYR C 159 -43.01 21.64 12.38
CA TYR C 159 -43.44 20.47 11.63
C TYR C 159 -43.88 19.35 12.56
N ASN C 160 -43.15 19.15 13.66
CA ASN C 160 -43.44 18.04 14.55
C ASN C 160 -44.73 18.26 15.33
N VAL C 161 -44.90 19.46 15.88
CA VAL C 161 -46.14 19.75 16.58
C VAL C 161 -47.31 19.78 15.60
N LEU C 162 -47.04 20.08 14.33
CA LEU C 162 -48.09 20.02 13.33
C LEU C 162 -48.52 18.58 13.09
N LYS C 163 -47.56 17.68 12.95
CA LYS C 163 -47.90 16.26 12.81
C LYS C 163 -48.70 15.77 13.99
N ASP C 164 -48.27 16.11 15.20
CA ASP C 164 -48.97 15.62 16.38
C ASP C 164 -50.38 16.19 16.48
N GLN C 165 -50.57 17.47 16.18
CA GLN C 165 -51.90 18.03 16.25
C GLN C 165 -52.82 17.44 15.19
N ILE C 166 -52.31 17.25 13.98
CA ILE C 166 -53.17 16.71 12.93
C ILE C 166 -53.51 15.26 13.23
N ALA C 167 -52.60 14.52 13.87
CA ALA C 167 -52.92 13.15 14.24
C ALA C 167 -54.00 13.11 15.31
N LYS C 168 -53.87 13.94 16.34
CA LYS C 168 -54.93 14.01 17.34
C LYS C 168 -56.26 14.37 16.71
N LEU C 169 -56.25 15.25 15.72
CA LEU C 169 -57.52 15.63 15.10
C LEU C 169 -58.11 14.48 14.29
N GLU C 170 -57.28 13.77 13.52
CA GLU C 170 -57.77 12.60 12.80
C GLU C 170 -58.34 11.57 13.77
N LEU C 171 -57.71 11.45 14.93
CA LEU C 171 -58.19 10.50 15.93
C LEU C 171 -59.55 10.92 16.48
N ASP C 172 -59.73 12.21 16.72
CA ASP C 172 -61.04 12.68 17.17
C ASP C 172 -62.10 12.44 16.10
N LEU C 173 -61.72 12.63 14.84
CA LEU C 173 -62.66 12.38 13.75
C LEU C 173 -63.06 10.92 13.69
N LYS C 174 -62.08 10.01 13.83
CA LYS C 174 -62.38 8.59 13.87
C LYS C 174 -63.34 8.27 15.01
N ARG C 175 -63.00 8.70 16.22
CA ARG C 175 -63.87 8.43 17.37
C ARG C 175 -65.27 8.99 17.17
N LEU C 176 -65.38 10.12 16.46
CA LEU C 176 -66.70 10.69 16.20
C LEU C 176 -67.46 9.91 15.14
N ARG C 177 -66.74 9.26 14.22
CA ARG C 177 -67.41 8.55 13.13
C ARG C 177 -68.29 7.42 13.67
N ASP C 178 -67.75 6.61 14.57
CA ASP C 178 -68.51 5.49 15.12
C ASP C 178 -68.17 5.27 16.60
N ILE D 30 -3.70 20.67 5.70
CA ILE D 30 -2.47 21.22 6.26
C ILE D 30 -2.28 20.73 7.70
N ARG D 31 -3.32 20.81 8.51
CA ARG D 31 -3.21 20.31 9.87
C ARG D 31 -3.04 18.80 9.90
N LEU D 32 -3.66 18.10 8.95
CA LEU D 32 -3.49 16.64 8.87
C LEU D 32 -2.03 16.27 8.66
N ILE D 33 -1.37 16.90 7.68
CA ILE D 33 0.04 16.59 7.45
C ILE D 33 0.88 17.05 8.63
N LEU D 34 0.60 18.23 9.18
CA LEU D 34 1.39 18.75 10.29
C LEU D 34 1.22 17.92 11.56
N THR D 35 0.16 17.12 11.64
CA THR D 35 0.00 16.20 12.75
C THR D 35 0.66 14.85 12.47
N VAL D 36 0.46 14.31 11.27
CA VAL D 36 0.97 12.98 10.96
C VAL D 36 2.50 12.99 10.86
N VAL D 37 3.04 13.80 9.93
CA VAL D 37 4.47 13.72 9.60
C VAL D 37 5.37 13.92 10.81
N PRO D 38 5.16 14.93 11.67
CA PRO D 38 6.00 15.03 12.87
C PRO D 38 5.88 13.83 13.79
N GLY D 39 4.68 13.25 13.92
CA GLY D 39 4.55 12.05 14.73
C GLY D 39 5.35 10.90 14.17
N LEU D 40 5.34 10.73 12.85
CA LEU D 40 6.08 9.64 12.24
C LEU D 40 7.58 9.84 12.41
N LEU D 41 8.07 11.06 12.20
CA LEU D 41 9.49 11.33 12.38
C LEU D 41 9.90 11.14 13.84
N ILE D 42 9.04 11.55 14.78
CA ILE D 42 9.34 11.36 16.19
C ILE D 42 9.40 9.87 16.53
N GLY D 43 8.47 9.09 15.96
CA GLY D 43 8.53 7.65 16.16
C GLY D 43 9.81 7.04 15.63
N ALA D 44 10.24 7.47 14.45
CA ALA D 44 11.49 6.94 13.89
C ALA D 44 12.67 7.27 14.80
N ALA D 45 12.79 8.53 15.21
CA ALA D 45 13.89 8.93 16.08
C ALA D 45 13.82 8.23 17.42
N ILE D 46 12.61 7.99 17.94
CA ILE D 46 12.46 7.34 19.23
C ILE D 46 12.88 5.89 19.15
N SER D 47 12.55 5.21 18.04
CA SER D 47 13.01 3.85 17.87
C SER D 47 14.52 3.79 17.74
N LYS D 48 15.10 4.72 16.98
CA LYS D 48 16.55 4.84 16.91
C LYS D 48 17.16 4.93 18.31
N ASN D 49 16.68 5.89 19.12
CA ASN D 49 17.28 6.14 20.42
C ASN D 49 17.07 4.96 21.36
N ILE D 50 15.88 4.35 21.31
CA ILE D 50 15.59 3.23 22.19
C ILE D 50 16.47 2.04 21.83
N ALA D 51 16.67 1.80 20.53
CA ALA D 51 17.54 0.70 20.13
C ALA D 51 18.98 0.97 20.54
N ASN D 52 19.44 2.21 20.42
CA ASN D 52 20.78 2.53 20.92
C ASN D 52 20.88 2.26 22.42
N PHE D 53 19.92 2.75 23.19
CA PHE D 53 19.93 2.53 24.64
C PHE D 53 19.96 1.04 24.97
N LEU D 54 19.10 0.24 24.32
CA LEU D 54 19.05 -1.19 24.59
C LEU D 54 20.37 -1.86 24.22
N ASP E 20 -83.13 30.47 28.29
CA ASP E 20 -82.85 30.62 29.71
C ASP E 20 -81.36 30.79 29.97
N VAL E 21 -80.69 29.70 30.35
CA VAL E 21 -79.26 29.75 30.59
C VAL E 21 -78.51 30.14 29.32
N LYS E 22 -79.05 29.80 28.15
CA LYS E 22 -78.43 30.22 26.90
C LYS E 22 -78.48 31.74 26.76
N THR E 23 -79.64 32.34 27.05
CA THR E 23 -79.71 33.79 27.05
C THR E 23 -78.83 34.38 28.15
N LEU E 24 -78.68 33.67 29.26
CA LEU E 24 -77.80 34.14 30.33
C LEU E 24 -76.36 34.25 29.83
N VAL E 25 -75.85 33.18 29.19
CA VAL E 25 -74.48 33.25 28.70
C VAL E 25 -74.36 34.16 27.49
N ASN E 26 -75.46 34.41 26.76
CA ASN E 26 -75.40 35.40 25.69
C ASN E 26 -75.24 36.81 26.25
N GLN E 27 -76.01 37.14 27.29
CA GLN E 27 -75.83 38.43 27.96
C GLN E 27 -74.44 38.54 28.56
N LEU E 28 -73.93 37.45 29.13
CA LEU E 28 -72.57 37.47 29.65
C LEU E 28 -71.54 37.62 28.54
N TYR E 29 -71.82 37.08 27.35
CA TYR E 29 -70.95 37.26 26.20
C TYR E 29 -70.90 38.74 25.83
N GLU E 30 -72.06 39.37 25.74
CA GLU E 30 -72.10 40.80 25.45
C GLU E 30 -71.42 41.59 26.56
N ALA E 31 -71.49 41.11 27.81
CA ALA E 31 -70.92 41.83 28.93
C ALA E 31 -69.39 41.72 28.94
N LEU E 32 -68.87 40.51 29.07
CA LEU E 32 -67.42 40.33 29.22
C LEU E 32 -66.72 40.10 27.88
N ASN E 33 -67.24 39.20 27.05
CA ASN E 33 -66.67 38.93 25.73
C ASN E 33 -67.05 40.04 24.77
N VAL E 34 -66.46 41.22 25.02
CA VAL E 34 -66.77 42.46 24.31
C VAL E 34 -66.78 42.29 22.80
N ARG E 35 -66.10 41.24 22.31
CA ARG E 35 -65.98 40.85 20.90
C ARG E 35 -65.00 41.76 20.17
N GLU E 36 -64.33 42.67 20.87
CA GLU E 36 -63.17 43.37 20.36
C GLU E 36 -61.88 42.59 20.57
N HIS E 37 -61.98 41.32 20.93
CA HIS E 37 -60.82 40.52 21.31
C HIS E 37 -60.11 39.90 20.11
N GLN E 38 -60.52 40.20 18.88
CA GLN E 38 -59.80 39.69 17.72
C GLN E 38 -58.46 40.40 17.54
N LEU E 39 -58.50 41.72 17.33
CA LEU E 39 -57.25 42.48 17.23
C LEU E 39 -56.48 42.46 18.54
N GLN E 40 -57.20 42.47 19.67
CA GLN E 40 -56.54 42.35 20.96
C GLN E 40 -55.80 41.02 21.06
N LYS E 41 -56.40 39.95 20.54
CA LYS E 41 -55.75 38.65 20.55
C LYS E 41 -54.53 38.63 19.63
N GLU E 42 -54.65 39.26 18.45
CA GLU E 42 -53.50 39.34 17.55
C GLU E 42 -52.32 40.04 18.21
N VAL E 43 -52.57 41.21 18.81
CA VAL E 43 -51.46 41.95 19.41
C VAL E 43 -50.95 41.24 20.67
N GLU E 44 -51.84 40.56 21.39
CA GLU E 44 -51.39 39.81 22.56
C GLU E 44 -50.53 38.64 22.13
N LEU E 45 -50.86 38.01 21.01
CA LEU E 45 -50.06 36.86 20.58
C LEU E 45 -48.72 37.32 20.04
N THR E 46 -48.71 38.37 19.21
CA THR E 46 -47.43 38.86 18.68
C THR E 46 -46.54 39.41 19.78
N THR E 47 -47.08 39.61 20.99
CA THR E 47 -46.21 39.96 22.12
C THR E 47 -45.89 38.76 23.00
N GLN E 48 -46.83 37.83 23.13
CA GLN E 48 -46.58 36.60 23.87
C GLN E 48 -45.43 35.81 23.26
N LEU E 49 -45.31 35.85 21.93
CA LEU E 49 -44.23 35.14 21.27
C LEU E 49 -42.87 35.72 21.65
N GLU E 50 -42.77 37.06 21.63
CA GLU E 50 -41.53 37.71 22.06
C GLU E 50 -41.22 37.39 23.51
N THR E 51 -42.25 37.42 24.37
CA THR E 51 -42.05 37.10 25.77
C THR E 51 -41.49 35.69 25.94
N LEU E 52 -42.07 34.71 25.26
CA LEU E 52 -41.62 33.34 25.42
C LEU E 52 -40.21 33.14 24.87
N GLN E 53 -39.88 33.79 23.75
CA GLN E 53 -38.51 33.66 23.26
C GLN E 53 -37.52 34.27 24.23
N GLN E 54 -37.87 35.41 24.82
CA GLN E 54 -37.02 36.04 25.81
C GLN E 54 -36.85 35.15 27.02
N GLU E 55 -37.87 34.36 27.35
CA GLU E 55 -37.74 33.37 28.42
C GLU E 55 -36.80 32.23 28.01
N LEU E 56 -36.91 31.77 26.77
CA LEU E 56 -36.15 30.60 26.35
C LEU E 56 -34.66 30.88 26.23
N LEU E 57 -34.29 32.11 25.85
CA LEU E 57 -32.89 32.39 25.46
C LEU E 57 -31.83 31.85 26.41
N PRO E 58 -31.87 32.12 27.72
CA PRO E 58 -30.79 31.61 28.60
C PRO E 58 -30.60 30.09 28.52
N LEU E 59 -31.70 29.35 28.37
CA LEU E 59 -31.59 27.90 28.27
C LEU E 59 -30.80 27.50 27.03
N GLU E 60 -31.04 28.19 25.92
CA GLU E 60 -30.30 27.89 24.70
C GLU E 60 -28.82 28.24 24.87
N GLU E 61 -28.53 29.33 25.56
CA GLU E 61 -27.13 29.68 25.81
C GLU E 61 -26.44 28.59 26.63
N LYS E 62 -27.09 28.14 27.70
CA LYS E 62 -26.52 27.07 28.52
C LYS E 62 -26.28 25.81 27.70
N LYS E 63 -27.26 25.42 26.88
CA LYS E 63 -27.10 24.23 26.06
C LYS E 63 -25.93 24.37 25.11
N LEU E 64 -25.81 25.53 24.45
CA LEU E 64 -24.71 25.75 23.51
C LEU E 64 -23.37 25.65 24.21
N GLU E 65 -23.25 26.27 25.38
CA GLU E 65 -21.99 26.22 26.12
C GLU E 65 -21.63 24.79 26.50
N LEU E 66 -22.60 24.05 27.05
CA LEU E 66 -22.31 22.68 27.45
C LEU E 66 -21.89 21.82 26.26
N GLU E 67 -22.58 21.96 25.13
CA GLU E 67 -22.27 21.10 23.99
C GLU E 67 -20.92 21.46 23.37
N GLN E 68 -20.57 22.75 23.33
CA GLN E 68 -19.26 23.11 22.79
C GLN E 68 -18.14 22.63 23.71
N VAL E 69 -18.37 22.69 25.04
CA VAL E 69 -17.34 22.20 25.95
C VAL E 69 -17.20 20.69 25.83
N ALA E 70 -18.29 19.97 25.57
CA ALA E 70 -18.18 18.54 25.38
C ALA E 70 -17.71 18.17 23.98
N ASN E 71 -17.64 19.14 23.06
CA ASN E 71 -17.11 18.86 21.72
C ASN E 71 -15.60 19.10 21.63
N ARG E 72 -15.11 20.12 22.33
CA ARG E 72 -13.66 20.33 22.43
C ARG E 72 -12.94 19.06 22.85
N ARG E 73 -13.44 18.42 23.90
CA ARG E 73 -12.80 17.22 24.45
C ARG E 73 -12.74 16.11 23.41
N SER E 74 -13.85 15.87 22.70
CA SER E 74 -13.87 14.82 21.69
C SER E 74 -12.85 15.10 20.59
N ASN E 75 -12.80 16.34 20.11
CA ASN E 75 -11.83 16.68 19.08
C ASN E 75 -10.41 16.43 19.56
N TRP E 76 -10.09 16.90 20.76
CA TRP E 76 -8.74 16.74 21.29
C TRP E 76 -8.36 15.26 21.42
N MET E 77 -9.29 14.45 21.94
CA MET E 77 -8.98 13.04 22.15
C MET E 77 -8.80 12.30 20.82
N ALA E 78 -9.62 12.63 19.82
CA ALA E 78 -9.46 11.97 18.53
C ALA E 78 -8.14 12.37 17.87
N TRP E 79 -7.73 13.63 18.04
CA TRP E 79 -6.44 14.06 17.49
C TRP E 79 -5.29 13.32 18.17
N ALA E 80 -5.36 13.17 19.49
CA ALA E 80 -4.32 12.41 20.19
C ALA E 80 -4.28 10.96 19.73
N GLY E 81 -5.44 10.37 19.46
CA GLY E 81 -5.46 9.01 18.95
C GLY E 81 -4.77 8.90 17.61
N LEU E 82 -5.06 9.83 16.70
CA LEU E 82 -4.39 9.82 15.40
C LEU E 82 -2.87 9.99 15.55
N GLY E 83 -2.46 10.87 16.45
CA GLY E 83 -1.03 11.07 16.69
C GLY E 83 -0.34 9.81 17.16
N LEU E 84 -0.95 9.11 18.13
CA LEU E 84 -0.35 7.88 18.62
C LEU E 84 -0.31 6.81 17.53
N MET E 85 -1.36 6.74 16.71
CA MET E 85 -1.36 5.81 15.58
C MET E 85 -0.18 6.08 14.65
N SER E 86 0.06 7.34 14.31
CA SER E 86 1.15 7.67 13.40
C SER E 86 2.51 7.39 14.03
N VAL E 87 2.66 7.65 15.33
CA VAL E 87 3.93 7.37 15.99
C VAL E 87 4.24 5.87 15.95
N GLN E 88 3.23 5.04 16.24
CA GLN E 88 3.42 3.60 16.19
C GLN E 88 3.80 3.14 14.78
N PHE E 89 3.07 3.64 13.77
CA PHE E 89 3.42 3.30 12.39
C PHE E 89 4.87 3.66 12.09
N GLY E 90 5.29 4.84 12.53
CA GLY E 90 6.66 5.27 12.29
C GLY E 90 7.67 4.29 12.87
N ILE E 91 7.50 3.96 14.15
CA ILE E 91 8.46 3.07 14.81
C ILE E 91 8.52 1.74 14.09
N LEU E 92 7.36 1.18 13.76
CA LEU E 92 7.34 -0.12 13.09
C LEU E 92 8.05 -0.06 11.74
N ALA E 93 7.78 0.99 10.95
CA ALA E 93 8.42 1.08 9.65
C ALA E 93 9.94 1.18 9.76
N ARG E 94 10.41 2.02 10.69
CA ARG E 94 11.85 2.21 10.82
C ARG E 94 12.52 0.91 11.20
N LEU E 95 11.95 0.18 12.17
CA LEU E 95 12.57 -1.09 12.54
C LEU E 95 12.48 -2.10 11.40
N THR E 96 11.34 -2.14 10.70
CA THR E 96 11.12 -3.12 9.64
C THR E 96 11.95 -2.84 8.41
N TRP E 97 12.66 -1.73 8.34
CA TRP E 97 13.49 -1.48 7.15
C TRP E 97 14.91 -1.02 7.44
N TRP E 98 15.22 -0.53 8.63
CA TRP E 98 16.55 -0.01 8.90
C TRP E 98 17.32 -0.82 9.93
N GLU E 99 16.75 -1.02 11.11
CA GLU E 99 17.50 -1.63 12.21
C GLU E 99 17.43 -3.15 12.22
N TYR E 100 16.37 -3.74 11.68
CA TYR E 100 16.22 -5.19 11.66
C TYR E 100 15.75 -5.62 10.27
N SER E 101 15.59 -6.92 10.10
CA SER E 101 15.00 -7.48 8.90
C SER E 101 13.53 -7.82 9.16
N TRP E 102 12.80 -8.11 8.08
CA TRP E 102 11.39 -8.41 8.22
C TRP E 102 11.18 -9.73 8.95
N ASP E 103 12.09 -10.69 8.79
CA ASP E 103 11.91 -12.00 9.40
C ASP E 103 11.75 -11.88 10.91
N ILE E 104 12.65 -11.17 11.57
CA ILE E 104 12.58 -11.07 13.03
C ILE E 104 11.45 -10.16 13.48
N MET E 105 10.92 -9.33 12.59
CA MET E 105 9.90 -8.35 12.97
C MET E 105 8.51 -8.72 12.49
N GLU E 106 8.26 -9.97 12.15
CA GLU E 106 6.88 -10.35 11.89
C GLU E 106 6.11 -10.63 13.18
N PRO E 107 6.64 -11.43 14.11
CA PRO E 107 5.87 -11.67 15.33
C PRO E 107 5.73 -10.42 16.17
N VAL E 108 6.72 -9.53 16.13
CA VAL E 108 6.62 -8.28 16.87
C VAL E 108 5.54 -7.40 16.27
N THR E 109 5.44 -7.39 14.93
CA THR E 109 4.38 -6.62 14.28
C THR E 109 3.01 -7.16 14.65
N TYR E 110 2.83 -8.47 14.57
CA TYR E 110 1.52 -9.03 14.90
C TYR E 110 1.15 -8.76 16.35
N PHE E 111 2.09 -8.94 17.27
CA PHE E 111 1.74 -8.77 18.67
C PHE E 111 1.58 -7.31 19.03
N VAL E 112 2.24 -6.40 18.31
CA VAL E 112 2.01 -4.97 18.53
C VAL E 112 0.63 -4.58 18.05
N THR E 113 0.19 -5.14 16.92
CA THR E 113 -1.18 -4.87 16.47
C THR E 113 -2.20 -5.43 17.46
N TYR E 114 -1.93 -6.63 17.99
CA TYR E 114 -2.81 -7.18 19.01
C TYR E 114 -2.87 -6.29 20.24
N GLY E 115 -1.73 -5.79 20.69
CA GLY E 115 -1.71 -4.91 21.84
C GLY E 115 -2.43 -3.60 21.58
N THR E 116 -2.30 -3.06 20.36
CA THR E 116 -3.02 -1.84 20.02
C THR E 116 -4.53 -2.08 20.04
N ALA E 117 -4.98 -3.22 19.51
CA ALA E 117 -6.41 -3.53 19.58
C ALA E 117 -6.88 -3.67 21.02
N MET E 118 -6.10 -4.34 21.85
CA MET E 118 -6.48 -4.49 23.25
C MET E 118 -6.53 -3.15 23.97
N ALA E 119 -5.60 -2.24 23.64
CA ALA E 119 -5.61 -0.93 24.26
C ALA E 119 -6.80 -0.10 23.81
N ALA E 120 -7.13 -0.15 22.51
CA ALA E 120 -8.30 0.55 22.02
C ALA E 120 -9.57 0.04 22.68
N TYR E 121 -9.66 -1.27 22.89
CA TYR E 121 -10.85 -1.81 23.54
C TYR E 121 -10.90 -1.41 25.01
N ALA E 122 -9.76 -1.41 25.71
CA ALA E 122 -9.75 -0.97 27.09
C ALA E 122 -10.14 0.49 27.20
N TYR E 123 -9.79 1.31 26.20
CA TYR E 123 -10.21 2.70 26.21
C TYR E 123 -11.70 2.83 25.96
N PHE E 124 -12.23 2.11 24.97
CA PHE E 124 -13.65 2.15 24.69
C PHE E 124 -14.49 1.49 25.77
N VAL E 125 -13.87 0.80 26.72
CA VAL E 125 -14.61 0.25 27.84
C VAL E 125 -14.48 1.17 29.06
N LEU E 126 -13.37 1.90 29.16
CA LEU E 126 -13.21 2.80 30.30
C LEU E 126 -13.93 4.13 30.10
N THR E 127 -14.18 4.52 28.85
CA THR E 127 -15.01 5.70 28.60
C THR E 127 -16.44 5.48 29.09
N ARG E 128 -16.97 4.28 28.89
CA ARG E 128 -18.33 3.97 29.30
C ARG E 128 -18.34 2.93 30.41
N ASN E 134 -35.47 11.80 12.76
CA ASN E 134 -34.07 11.70 13.16
C ASN E 134 -33.75 12.69 14.27
N ASP E 135 -34.71 13.58 14.56
CA ASP E 135 -34.53 14.53 15.65
C ASP E 135 -34.46 13.80 16.99
N VAL E 136 -35.08 12.62 17.09
CA VAL E 136 -35.04 11.86 18.32
C VAL E 136 -33.62 11.44 18.65
N ARG E 137 -32.77 11.29 17.63
CA ARG E 137 -31.36 11.01 17.88
C ARG E 137 -30.70 12.18 18.60
N ASP E 138 -30.96 13.41 18.13
CA ASP E 138 -30.42 14.58 18.81
C ASP E 138 -30.98 14.72 20.22
N ARG E 139 -32.26 14.39 20.40
CA ARG E 139 -32.84 14.48 21.74
C ARG E 139 -32.21 13.45 22.68
N GLN E 140 -31.97 12.23 22.20
CA GLN E 140 -31.26 11.25 23.00
C GLN E 140 -29.85 11.71 23.34
N GLN E 141 -29.16 12.30 22.36
CA GLN E 141 -27.80 12.79 22.61
C GLN E 141 -27.80 13.87 23.69
N LEU E 142 -28.73 14.82 23.60
CA LEU E 142 -28.80 15.87 24.59
C LEU E 142 -29.14 15.32 25.97
N LEU E 143 -30.08 14.36 26.02
CA LEU E 143 -30.45 13.77 27.30
C LEU E 143 -29.27 13.03 27.92
N LEU E 144 -28.51 12.31 27.11
CA LEU E 144 -27.34 11.59 27.62
C LEU E 144 -26.28 12.56 28.11
N LEU E 145 -26.02 13.63 27.36
CA LEU E 145 -25.06 14.64 27.81
C LEU E 145 -25.49 15.26 29.12
N HIS E 146 -26.79 15.55 29.27
CA HIS E 146 -27.28 16.14 30.52
C HIS E 146 -27.16 15.16 31.68
N LYS E 147 -27.48 13.89 31.44
CA LYS E 147 -27.38 12.89 32.50
C LYS E 147 -25.93 12.69 32.93
N LYS E 148 -25.00 12.69 31.99
CA LYS E 148 -23.60 12.49 32.32
C LYS E 148 -23.01 13.70 33.04
N ALA E 149 -23.25 14.90 32.49
CA ALA E 149 -22.62 16.09 33.03
C ALA E 149 -23.39 16.67 34.21
N LYS E 150 -24.74 16.70 34.16
CA LYS E 150 -25.60 16.93 35.36
C LYS E 150 -25.29 18.26 36.05
N LYS E 151 -25.13 19.31 35.26
CA LYS E 151 -24.80 20.64 35.76
C LYS E 151 -26.07 21.47 35.87
N THR E 152 -26.22 22.18 36.98
CA THR E 152 -27.40 23.00 37.21
C THR E 152 -27.44 24.17 36.23
N GLY E 153 -28.60 24.82 36.17
CA GLY E 153 -28.81 25.94 35.27
C GLY E 153 -29.43 25.58 33.94
N PHE E 154 -29.50 24.30 33.60
CA PHE E 154 -30.09 23.85 32.34
C PHE E 154 -30.82 22.55 32.58
N ASP E 155 -32.14 22.57 32.38
CA ASP E 155 -32.98 21.39 32.50
C ASP E 155 -33.52 21.06 31.12
N VAL E 156 -33.15 19.88 30.60
CA VAL E 156 -33.55 19.54 29.24
C VAL E 156 -35.07 19.48 29.12
N ASN E 157 -35.75 19.11 30.19
CA ASN E 157 -37.20 18.95 30.12
C ASN E 157 -37.89 20.29 29.94
N GLN E 158 -37.60 21.25 30.82
CA GLN E 158 -38.22 22.57 30.70
C GLN E 158 -37.85 23.19 29.37
N TYR E 159 -36.65 22.93 28.87
CA TYR E 159 -36.25 23.47 27.59
C TYR E 159 -37.09 22.87 26.46
N ASN E 160 -37.36 21.57 26.52
CA ASN E 160 -38.18 20.94 25.49
C ASN E 160 -39.61 21.46 25.53
N VAL E 161 -40.20 21.54 26.72
CA VAL E 161 -41.58 22.00 26.78
C VAL E 161 -41.68 23.45 26.33
N LEU E 162 -40.64 24.25 26.61
CA LEU E 162 -40.70 25.64 26.17
C LEU E 162 -40.52 25.74 24.67
N LYS E 163 -39.63 24.92 24.09
CA LYS E 163 -39.50 24.89 22.64
C LYS E 163 -40.80 24.53 21.97
N ASP E 164 -41.52 23.55 22.50
CA ASP E 164 -42.76 23.13 21.84
C ASP E 164 -43.84 24.17 22.01
N GLN E 165 -43.91 24.83 23.16
CA GLN E 165 -44.93 25.85 23.31
C GLN E 165 -44.67 27.04 22.40
N ILE E 166 -43.40 27.46 22.28
CA ILE E 166 -43.12 28.58 21.39
C ILE E 166 -43.33 28.18 19.93
N ALA E 167 -43.07 26.92 19.58
CA ALA E 167 -43.37 26.46 18.23
C ALA E 167 -44.85 26.57 17.93
N LYS E 168 -45.68 26.01 18.81
CA LYS E 168 -47.13 26.13 18.62
C LYS E 168 -47.56 27.59 18.51
N LEU E 169 -46.89 28.49 19.24
CA LEU E 169 -47.30 29.90 19.14
C LEU E 169 -46.93 30.49 17.80
N GLU E 170 -45.71 30.21 17.31
CA GLU E 170 -45.34 30.63 15.96
C GLU E 170 -46.34 30.14 14.93
N LEU E 171 -46.77 28.89 15.10
CA LEU E 171 -47.73 28.28 14.16
C LEU E 171 -49.05 29.03 14.18
N ASP E 172 -49.57 29.30 15.38
CA ASP E 172 -50.82 30.05 15.50
C ASP E 172 -50.68 31.44 14.90
N LEU E 173 -49.52 32.07 15.07
CA LEU E 173 -49.32 33.40 14.51
C LEU E 173 -49.31 33.36 13.00
N LYS E 174 -48.71 32.30 12.42
CA LYS E 174 -48.74 32.15 10.98
C LYS E 174 -50.17 31.97 10.47
N ARG E 175 -50.95 31.12 11.15
CA ARG E 175 -52.35 30.95 10.76
C ARG E 175 -53.12 32.26 10.87
N LEU E 176 -52.81 33.08 11.88
CA LEU E 176 -53.55 34.31 12.07
C LEU E 176 -53.18 35.37 11.04
N ARG E 177 -51.88 35.48 10.71
CA ARG E 177 -51.46 36.46 9.72
C ARG E 177 -52.03 36.13 8.35
N ASP E 178 -52.12 34.84 8.03
CA ASP E 178 -52.69 34.37 6.77
C ASP E 178 -51.98 34.97 5.56
N ILE F 29 -7.03 2.78 36.30
CA ILE F 29 -5.86 2.15 35.68
C ILE F 29 -5.31 1.01 36.53
N ILE F 30 -5.36 1.16 37.86
CA ILE F 30 -4.88 0.09 38.73
C ILE F 30 -5.69 -1.18 38.50
N ARG F 31 -7.02 -1.05 38.47
CA ARG F 31 -7.87 -2.22 38.22
C ARG F 31 -7.68 -2.75 36.81
N LEU F 32 -7.42 -1.87 35.85
CA LEU F 32 -7.14 -2.31 34.48
C LEU F 32 -5.93 -3.22 34.46
N ILE F 33 -4.84 -2.79 35.11
CA ILE F 33 -3.64 -3.61 35.16
C ILE F 33 -3.91 -4.90 35.92
N LEU F 34 -4.63 -4.81 37.03
CA LEU F 34 -4.90 -5.99 37.85
C LEU F 34 -5.80 -6.98 37.13
N THR F 35 -6.50 -6.53 36.09
CA THR F 35 -7.28 -7.46 35.26
C THR F 35 -6.46 -8.04 34.13
N VAL F 36 -5.68 -7.22 33.44
CA VAL F 36 -4.93 -7.70 32.28
C VAL F 36 -3.79 -8.62 32.72
N VAL F 37 -2.87 -8.10 33.54
CA VAL F 37 -1.62 -8.82 33.82
C VAL F 37 -1.86 -10.23 34.38
N PRO F 38 -2.74 -10.45 35.36
CA PRO F 38 -2.99 -11.83 35.79
C PRO F 38 -3.53 -12.71 34.69
N GLY F 39 -4.38 -12.19 33.82
CA GLY F 39 -4.86 -12.99 32.71
C GLY F 39 -3.74 -13.44 31.79
N LEU F 40 -2.82 -12.53 31.49
CA LEU F 40 -1.70 -12.88 30.62
C LEU F 40 -0.79 -13.91 31.27
N LEU F 41 -0.49 -13.74 32.56
CA LEU F 41 0.35 -14.72 33.25
C LEU F 41 -0.34 -16.08 33.32
N ILE F 42 -1.66 -16.08 33.53
CA ILE F 42 -2.41 -17.33 33.57
C ILE F 42 -2.37 -18.01 32.21
N GLY F 43 -2.49 -17.22 31.14
CA GLY F 43 -2.36 -17.78 29.81
C GLY F 43 -0.98 -18.39 29.56
N ALA F 44 0.07 -17.70 30.01
CA ALA F 44 1.42 -18.23 29.86
C ALA F 44 1.58 -19.56 30.58
N ALA F 45 1.15 -19.62 31.85
CA ALA F 45 1.26 -20.87 32.60
C ALA F 45 0.41 -21.97 31.98
N ILE F 46 -0.75 -21.61 31.42
CA ILE F 46 -1.61 -22.60 30.80
C ILE F 46 -0.96 -23.14 29.53
N SER F 47 -0.27 -22.27 28.78
CA SER F 47 0.45 -22.72 27.60
C SER F 47 1.60 -23.67 27.98
N LYS F 48 2.32 -23.33 29.06
CA LYS F 48 3.31 -24.26 29.60
C LYS F 48 2.71 -25.62 29.86
N ASN F 49 1.63 -25.65 30.63
CA ASN F 49 1.04 -26.91 31.06
C ASN F 49 0.47 -27.68 29.87
N ILE F 50 -0.16 -26.98 28.93
CA ILE F 50 -0.75 -27.66 27.77
C ILE F 50 0.33 -28.26 26.90
N ALA F 51 1.45 -27.56 26.69
CA ALA F 51 2.52 -28.15 25.88
C ALA F 51 3.13 -29.36 26.58
N ASN F 52 3.31 -29.28 27.90
CA ASN F 52 3.80 -30.44 28.64
C ASN F 52 2.85 -31.62 28.52
N PHE F 53 1.55 -31.39 28.78
CA PHE F 53 0.56 -32.45 28.68
C PHE F 53 0.53 -33.07 27.28
N LEU F 54 0.51 -32.23 26.24
CA LEU F 54 0.45 -32.76 24.89
C LEU F 54 1.67 -33.62 24.58
N GLY G 17 -71.83 16.25 24.69
CA GLY G 17 -70.95 17.35 25.03
C GLY G 17 -71.41 18.12 26.27
N LEU G 18 -72.48 17.63 26.90
CA LEU G 18 -73.00 18.29 28.10
C LEU G 18 -72.00 18.19 29.24
N SER G 19 -71.31 17.06 29.38
CA SER G 19 -70.29 16.93 30.42
C SER G 19 -69.13 17.89 30.15
N ASP G 20 -68.78 18.09 28.88
CA ASP G 20 -67.68 19.00 28.55
C ASP G 20 -68.01 20.42 28.98
N VAL G 21 -69.21 20.90 28.64
CA VAL G 21 -69.58 22.26 29.02
C VAL G 21 -69.79 22.36 30.53
N LYS G 22 -70.22 21.27 31.18
CA LYS G 22 -70.34 21.29 32.63
C LYS G 22 -68.97 21.49 33.28
N THR G 23 -67.97 20.71 32.86
CA THR G 23 -66.63 20.90 33.38
C THR G 23 -66.08 22.27 33.02
N LEU G 24 -66.41 22.78 31.84
CA LEU G 24 -65.95 24.11 31.47
C LEU G 24 -66.54 25.18 32.39
N VAL G 25 -67.84 25.07 32.70
CA VAL G 25 -68.48 26.02 33.60
C VAL G 25 -67.86 25.91 35.00
N ASN G 26 -67.57 24.69 35.44
CA ASN G 26 -66.90 24.54 36.73
C ASN G 26 -65.54 25.23 36.72
N GLN G 27 -64.79 25.06 35.64
CA GLN G 27 -63.47 25.69 35.54
C GLN G 27 -63.60 27.21 35.57
N LEU G 28 -64.52 27.76 34.78
CA LEU G 28 -64.72 29.21 34.77
C LEU G 28 -65.13 29.72 36.14
N TYR G 29 -66.02 28.99 36.82
CA TYR G 29 -66.48 29.42 38.14
C TYR G 29 -65.33 29.40 39.14
N GLU G 30 -64.50 28.36 39.09
CA GLU G 30 -63.34 28.29 39.99
C GLU G 30 -62.34 29.41 39.68
N ALA G 31 -62.15 29.71 38.40
CA ALA G 31 -61.20 30.75 38.01
C ALA G 31 -61.68 32.12 38.47
N LEU G 32 -62.96 32.42 38.31
CA LEU G 32 -63.47 33.71 38.76
C LEU G 32 -63.60 33.79 40.27
N ASN G 33 -63.75 32.64 40.94
CA ASN G 33 -63.97 32.65 42.39
C ASN G 33 -62.73 33.02 43.17
N VAL G 34 -61.53 32.82 42.60
CA VAL G 34 -60.30 33.01 43.37
C VAL G 34 -60.14 34.47 43.76
N ARG G 35 -59.66 34.68 44.98
CA ARG G 35 -59.23 35.97 45.47
C ARG G 35 -57.71 35.97 45.55
N GLU G 36 -57.12 37.17 45.47
CA GLU G 36 -55.67 37.31 45.34
C GLU G 36 -55.16 36.47 44.18
N HIS G 37 -55.77 36.71 43.01
CA HIS G 37 -55.53 35.89 41.82
C HIS G 37 -54.05 35.65 41.56
N GLN G 38 -53.22 36.67 41.81
CA GLN G 38 -51.79 36.52 41.58
C GLN G 38 -51.05 35.92 42.78
N LEU G 39 -51.65 35.95 43.97
CA LEU G 39 -51.00 35.41 45.16
C LEU G 39 -51.47 33.98 45.46
N GLN G 40 -52.78 33.79 45.63
CA GLN G 40 -53.31 32.49 46.03
C GLN G 40 -53.03 31.43 44.96
N LYS G 41 -53.06 31.82 43.68
CA LYS G 41 -52.72 30.87 42.63
C LYS G 41 -51.25 30.47 42.71
N GLU G 42 -50.37 31.38 43.08
CA GLU G 42 -48.96 31.01 43.27
C GLU G 42 -48.81 29.99 44.39
N VAL G 43 -49.59 30.15 45.47
CA VAL G 43 -49.56 29.17 46.55
C VAL G 43 -50.04 27.82 46.04
N GLU G 44 -51.20 27.80 45.38
CA GLU G 44 -51.73 26.54 44.89
C GLU G 44 -50.76 25.90 43.91
N LEU G 45 -50.03 26.72 43.15
CA LEU G 45 -49.02 26.20 42.24
C LEU G 45 -47.91 25.50 43.00
N THR G 46 -47.45 26.10 44.10
CA THR G 46 -46.41 25.47 44.90
C THR G 46 -46.90 24.13 45.46
N THR G 47 -48.12 24.12 46.02
CA THR G 47 -48.67 22.88 46.55
C THR G 47 -48.78 21.81 45.47
N GLN G 48 -49.28 22.19 44.30
CA GLN G 48 -49.47 21.22 43.22
C GLN G 48 -48.13 20.69 42.73
N LEU G 49 -47.13 21.57 42.60
CA LEU G 49 -45.80 21.13 42.18
C LEU G 49 -45.21 20.16 43.18
N GLU G 50 -45.31 20.47 44.47
CA GLU G 50 -44.81 19.55 45.49
C GLU G 50 -45.51 18.21 45.41
N THR G 51 -46.84 18.22 45.26
CA THR G 51 -47.58 16.97 45.20
C THR G 51 -47.21 16.15 43.98
N LEU G 52 -46.99 16.81 42.85
CA LEU G 52 -46.65 16.05 41.64
C LEU G 52 -45.23 15.48 41.73
N GLN G 53 -44.30 16.22 42.32
CA GLN G 53 -42.96 15.67 42.52
C GLN G 53 -43.00 14.48 43.48
N GLN G 54 -43.80 14.59 44.54
CA GLN G 54 -43.96 13.49 45.48
C GLN G 54 -44.64 12.29 44.81
N GLU G 55 -45.44 12.53 43.78
CA GLU G 55 -46.02 11.43 43.02
C GLU G 55 -44.99 10.82 42.07
N LEU G 56 -44.10 11.64 41.52
CA LEU G 56 -43.10 11.15 40.59
C LEU G 56 -42.03 10.30 41.27
N LEU G 57 -41.73 10.59 42.54
CA LEU G 57 -40.61 9.92 43.22
C LEU G 57 -40.54 8.41 43.01
N PRO G 58 -41.60 7.63 43.23
CA PRO G 58 -41.45 6.16 43.06
C PRO G 58 -41.05 5.75 41.65
N LEU G 59 -41.58 6.40 40.62
CA LEU G 59 -41.19 6.05 39.26
C LEU G 59 -39.70 6.29 39.03
N GLU G 60 -39.18 7.42 39.53
CA GLU G 60 -37.76 7.70 39.35
C GLU G 60 -36.90 6.71 40.11
N GLU G 61 -37.32 6.34 41.32
CA GLU G 61 -36.58 5.34 42.08
C GLU G 61 -36.53 4.01 41.33
N LYS G 62 -37.68 3.55 40.84
CA LYS G 62 -37.71 2.31 40.08
C LYS G 62 -36.82 2.38 38.85
N LYS G 63 -36.87 3.50 38.12
CA LYS G 63 -36.06 3.63 36.92
C LYS G 63 -34.57 3.56 37.26
N LEU G 64 -34.15 4.28 38.31
CA LEU G 64 -32.74 4.25 38.69
C LEU G 64 -32.30 2.86 39.09
N GLU G 65 -33.13 2.16 39.87
CA GLU G 65 -32.77 0.80 40.27
C GLU G 65 -32.61 -0.11 39.05
N LEU G 66 -33.57 -0.05 38.12
CA LEU G 66 -33.51 -0.93 36.96
C LEU G 66 -32.31 -0.59 36.07
N GLU G 67 -32.00 0.69 35.95
CA GLU G 67 -30.85 1.11 35.16
C GLU G 67 -29.55 0.56 35.75
N GLN G 68 -29.37 0.73 37.06
CA GLN G 68 -28.16 0.19 37.69
C GLN G 68 -28.06 -1.32 37.51
N VAL G 69 -29.18 -2.02 37.70
CA VAL G 69 -29.16 -3.48 37.59
C VAL G 69 -28.83 -3.91 36.17
N ALA G 70 -29.26 -3.15 35.17
CA ALA G 70 -28.96 -3.52 33.79
C ALA G 70 -27.64 -2.95 33.30
N ASN G 71 -26.97 -2.12 34.10
CA ASN G 71 -25.67 -1.58 33.71
C ASN G 71 -24.50 -2.34 34.29
N ARG G 72 -24.57 -2.72 35.57
CA ARG G 72 -23.46 -3.47 36.16
C ARG G 72 -23.22 -4.78 35.43
N ARG G 73 -24.29 -5.38 34.89
CA ARG G 73 -24.16 -6.60 34.11
C ARG G 73 -23.26 -6.37 32.90
N SER G 74 -23.56 -5.34 32.11
CA SER G 74 -22.76 -5.08 30.93
C SER G 74 -21.33 -4.72 31.30
N ASN G 75 -21.14 -4.03 32.43
CA ASN G 75 -19.78 -3.71 32.85
C ASN G 75 -18.98 -4.98 33.11
N TRP G 76 -19.56 -5.90 33.89
CA TRP G 76 -18.86 -7.16 34.17
C TRP G 76 -18.61 -7.95 32.90
N MET G 77 -19.56 -7.93 31.96
CA MET G 77 -19.38 -8.71 30.73
C MET G 77 -18.24 -8.15 29.88
N ALA G 78 -18.14 -6.83 29.78
CA ALA G 78 -17.04 -6.26 29.01
C ALA G 78 -15.70 -6.52 29.69
N TRP G 79 -15.67 -6.47 31.02
CA TRP G 79 -14.45 -6.79 31.75
C TRP G 79 -14.01 -8.23 31.49
N ALA G 80 -14.97 -9.16 31.47
CA ALA G 80 -14.64 -10.55 31.15
C ALA G 80 -14.12 -10.69 29.74
N GLY G 81 -14.70 -9.95 28.80
CA GLY G 81 -14.17 -9.98 27.44
C GLY G 81 -12.72 -9.55 27.36
N LEU G 82 -12.37 -8.47 28.08
CA LEU G 82 -10.99 -8.02 28.06
C LEU G 82 -10.05 -9.05 28.71
N GLY G 83 -10.47 -9.62 29.84
CA GLY G 83 -9.66 -10.65 30.47
C GLY G 83 -9.39 -11.82 29.53
N LEU G 84 -10.41 -12.27 28.81
CA LEU G 84 -10.21 -13.41 27.91
C LEU G 84 -9.30 -13.05 26.74
N MET G 85 -9.44 -11.84 26.20
CA MET G 85 -8.54 -11.42 25.13
C MET G 85 -7.09 -11.42 25.60
N SER G 86 -6.85 -10.93 26.83
CA SER G 86 -5.47 -10.91 27.33
C SER G 86 -4.94 -12.31 27.57
N VAL G 87 -5.80 -13.23 28.03
CA VAL G 87 -5.36 -14.62 28.23
C VAL G 87 -4.94 -15.22 26.90
N GLN G 88 -5.72 -14.99 25.85
CA GLN G 88 -5.34 -15.51 24.54
C GLN G 88 -4.02 -14.92 24.08
N PHE G 89 -3.83 -13.62 24.31
CA PHE G 89 -2.57 -12.99 23.91
C PHE G 89 -1.42 -13.67 24.61
N GLY G 90 -1.55 -13.90 25.92
CA GLY G 90 -0.46 -14.54 26.66
C GLY G 90 -0.13 -15.91 26.13
N ILE G 91 -1.16 -16.71 25.81
CA ILE G 91 -0.90 -18.05 25.29
C ILE G 91 -0.12 -17.97 23.99
N LEU G 92 -0.57 -17.09 23.08
CA LEU G 92 0.11 -17.00 21.79
C LEU G 92 1.54 -16.50 21.96
N ALA G 93 1.76 -15.51 22.81
CA ALA G 93 3.10 -14.96 22.97
C ALA G 93 4.06 -16.00 23.53
N ARG G 94 3.63 -16.77 24.53
CA ARG G 94 4.55 -17.76 25.08
C ARG G 94 4.85 -18.84 24.05
N LEU G 95 3.83 -19.34 23.34
CA LEU G 95 4.10 -20.40 22.38
C LEU G 95 5.02 -19.90 21.27
N THR G 96 4.76 -18.70 20.76
CA THR G 96 5.55 -18.20 19.64
C THR G 96 6.99 -17.93 20.04
N TRP G 97 7.24 -17.44 21.25
CA TRP G 97 8.59 -16.98 21.55
C TRP G 97 9.39 -17.86 22.50
N TRP G 98 8.77 -18.82 23.16
CA TRP G 98 9.51 -19.69 24.07
C TRP G 98 9.58 -21.11 23.56
N GLU G 99 8.43 -21.75 23.33
CA GLU G 99 8.41 -23.18 23.03
C GLU G 99 8.78 -23.45 21.57
N TYR G 100 7.97 -22.96 20.64
CA TYR G 100 8.18 -23.15 19.22
C TYR G 100 8.45 -21.80 18.57
N SER G 101 9.19 -21.82 17.46
CA SER G 101 9.51 -20.58 16.78
C SER G 101 8.28 -20.03 16.08
N TRP G 102 8.41 -18.82 15.54
CA TRP G 102 7.29 -18.22 14.82
C TRP G 102 7.03 -18.91 13.50
N ASP G 103 8.06 -19.47 12.86
CA ASP G 103 7.88 -20.04 11.54
C ASP G 103 6.91 -21.21 11.55
N ILE G 104 6.89 -21.96 12.65
CA ILE G 104 5.99 -23.11 12.76
C ILE G 104 4.61 -22.70 13.27
N MET G 105 4.50 -21.58 13.96
CA MET G 105 3.26 -21.12 14.55
C MET G 105 2.71 -19.86 13.87
N GLU G 106 2.86 -19.73 12.57
CA GLU G 106 2.11 -18.67 11.89
C GLU G 106 0.68 -19.11 11.57
N PRO G 107 0.47 -20.34 11.08
CA PRO G 107 -0.91 -20.75 10.80
C PRO G 107 -1.74 -20.89 12.05
N VAL G 108 -1.15 -21.33 13.15
CA VAL G 108 -1.92 -21.54 14.35
C VAL G 108 -2.46 -20.22 14.87
N THR G 109 -1.64 -19.16 14.83
CA THR G 109 -2.13 -17.86 15.27
C THR G 109 -3.12 -17.28 14.31
N TYR G 110 -2.95 -17.47 13.00
CA TYR G 110 -3.96 -16.95 12.09
C TYR G 110 -5.31 -17.62 12.33
N PHE G 111 -5.32 -18.94 12.43
CA PHE G 111 -6.60 -19.63 12.58
C PHE G 111 -7.18 -19.44 13.96
N VAL G 112 -6.35 -19.17 14.98
CA VAL G 112 -6.90 -18.87 16.30
C VAL G 112 -7.49 -17.47 16.33
N THR G 113 -6.86 -16.51 15.64
CA THR G 113 -7.49 -15.20 15.48
C THR G 113 -8.83 -15.32 14.77
N TYR G 114 -8.89 -16.15 13.73
CA TYR G 114 -10.16 -16.38 13.04
C TYR G 114 -11.20 -16.98 13.98
N GLY G 115 -10.81 -18.02 14.73
CA GLY G 115 -11.74 -18.62 15.68
C GLY G 115 -12.23 -17.64 16.72
N THR G 116 -11.36 -16.74 17.17
CA THR G 116 -11.76 -15.76 18.17
C THR G 116 -12.73 -14.75 17.59
N ALA G 117 -12.49 -14.25 16.38
CA ALA G 117 -13.45 -13.35 15.75
C ALA G 117 -14.80 -14.03 15.56
N MET G 118 -14.78 -15.30 15.13
CA MET G 118 -16.04 -16.03 14.97
C MET G 118 -16.76 -16.20 16.30
N ALA G 119 -16.02 -16.43 17.39
CA ALA G 119 -16.66 -16.60 18.69
C ALA G 119 -17.24 -15.28 19.18
N ALA G 120 -16.56 -14.16 18.95
CA ALA G 120 -17.13 -12.86 19.29
C ALA G 120 -18.42 -12.61 18.53
N TYR G 121 -18.39 -12.86 17.22
CA TYR G 121 -19.61 -12.71 16.43
C TYR G 121 -20.72 -13.63 16.94
N ALA G 122 -20.38 -14.86 17.32
CA ALA G 122 -21.39 -15.79 17.79
C ALA G 122 -21.99 -15.31 19.11
N TYR G 123 -21.18 -14.70 19.97
CA TYR G 123 -21.71 -14.18 21.22
C TYR G 123 -22.66 -13.01 20.96
N PHE G 124 -22.28 -12.10 20.06
CA PHE G 124 -23.18 -11.00 19.73
C PHE G 124 -24.50 -11.52 19.17
N VAL G 125 -24.43 -12.48 18.26
CA VAL G 125 -25.64 -13.04 17.66
C VAL G 125 -26.50 -13.72 18.71
N LEU G 126 -25.88 -14.49 19.61
CA LEU G 126 -26.63 -15.20 20.62
C LEU G 126 -27.34 -14.23 21.55
N THR G 127 -26.62 -13.21 22.03
CA THR G 127 -27.26 -12.27 22.95
C THR G 127 -28.39 -11.51 22.25
N ARG G 128 -28.18 -11.08 21.00
CA ARG G 128 -29.23 -10.36 20.28
C ARG G 128 -30.46 -11.24 20.10
N GLU G 129 -30.26 -12.43 19.54
CA GLU G 129 -31.40 -13.31 19.27
C GLU G 129 -32.14 -13.66 20.55
N GLU G 130 -31.42 -14.01 21.62
CA GLU G 130 -32.08 -14.38 22.87
C GLU G 130 -32.87 -13.21 23.44
N TYR G 131 -32.26 -12.02 23.49
CA TYR G 131 -32.96 -10.86 24.04
C TYR G 131 -34.20 -10.53 23.23
N ILE G 132 -34.10 -10.54 21.90
CA ILE G 132 -35.24 -10.10 21.09
C ILE G 132 -36.33 -11.15 21.10
N LEU G 133 -35.98 -12.43 21.10
CA LEU G 133 -37.00 -13.47 21.20
C LEU G 133 -37.71 -13.40 22.55
N ASN G 134 -36.97 -13.19 23.64
CA ASN G 134 -37.60 -13.04 24.94
C ASN G 134 -38.53 -11.83 24.97
N ASP G 135 -38.09 -10.71 24.40
CA ASP G 135 -38.91 -9.50 24.40
C ASP G 135 -40.19 -9.71 23.59
N VAL G 136 -40.09 -10.33 22.41
CA VAL G 136 -41.26 -10.53 21.58
C VAL G 136 -42.21 -11.54 22.24
N ARG G 137 -41.66 -12.57 22.89
CA ARG G 137 -42.51 -13.53 23.59
C ARG G 137 -43.24 -12.87 24.75
N ASP G 138 -42.54 -12.02 25.51
CA ASP G 138 -43.19 -11.33 26.62
C ASP G 138 -44.26 -10.36 26.12
N ARG G 139 -43.99 -9.68 25.00
CA ARG G 139 -44.99 -8.76 24.45
C ARG G 139 -46.21 -9.50 23.94
N GLN G 140 -46.02 -10.67 23.32
CA GLN G 140 -47.15 -11.46 22.84
C GLN G 140 -47.94 -12.05 24.00
N GLN G 141 -47.25 -12.46 25.06
CA GLN G 141 -47.96 -13.02 26.23
C GLN G 141 -48.70 -11.93 27.00
N LEU G 142 -48.11 -10.74 27.09
CA LEU G 142 -48.73 -9.63 27.81
C LEU G 142 -49.54 -8.75 26.85
N PHE G 154 -43.07 -0.88 36.00
CA PHE G 154 -42.56 0.42 35.62
C PHE G 154 -43.02 0.82 34.23
N ASP G 155 -44.09 1.60 34.14
CA ASP G 155 -44.59 2.11 32.88
C ASP G 155 -43.86 3.42 32.56
N VAL G 156 -43.07 3.43 31.50
CA VAL G 156 -42.27 4.61 31.19
C VAL G 156 -43.15 5.77 30.73
N ASN G 157 -44.28 5.47 30.09
CA ASN G 157 -45.08 6.53 29.49
C ASN G 157 -45.67 7.45 30.53
N GLN G 158 -46.20 6.89 31.63
CA GLN G 158 -46.79 7.77 32.62
C GLN G 158 -45.72 8.50 33.42
N TYR G 159 -44.53 7.90 33.55
CA TYR G 159 -43.43 8.63 34.17
C TYR G 159 -43.02 9.83 33.32
N ASN G 160 -42.98 9.66 32.01
CA ASN G 160 -42.59 10.77 31.13
C ASN G 160 -43.69 11.83 31.06
N VAL G 161 -44.95 11.39 31.04
CA VAL G 161 -46.07 12.34 31.08
C VAL G 161 -46.04 13.11 32.39
N LEU G 162 -45.62 12.46 33.47
CA LEU G 162 -45.52 13.16 34.76
C LEU G 162 -44.39 14.16 34.75
N LYS G 163 -43.25 13.80 34.14
CA LYS G 163 -42.18 14.78 33.98
C LYS G 163 -42.68 15.98 33.19
N ASP G 164 -43.48 15.74 32.16
CA ASP G 164 -44.02 16.84 31.37
C ASP G 164 -44.90 17.75 32.20
N GLN G 165 -45.83 17.15 32.94
CA GLN G 165 -46.75 17.96 33.75
C GLN G 165 -45.99 18.76 34.81
N ILE G 166 -44.96 18.15 35.40
CA ILE G 166 -44.27 18.84 36.49
C ILE G 166 -43.35 19.94 35.95
N ALA G 167 -42.71 19.71 34.79
CA ALA G 167 -41.87 20.76 34.22
C ALA G 167 -42.72 21.94 33.77
N LYS G 168 -43.87 21.67 33.16
CA LYS G 168 -44.76 22.77 32.80
C LYS G 168 -45.25 23.53 34.02
N LEU G 169 -45.56 22.80 35.11
CA LEU G 169 -46.01 23.48 36.31
C LEU G 169 -44.91 24.36 36.91
N GLU G 170 -43.68 23.84 36.96
CA GLU G 170 -42.57 24.64 37.48
C GLU G 170 -42.29 25.85 36.60
N LEU G 171 -42.43 25.68 35.28
CA LEU G 171 -42.20 26.80 34.36
C LEU G 171 -43.25 27.88 34.58
N ASP G 172 -44.51 27.48 34.74
CA ASP G 172 -45.56 28.47 34.99
C ASP G 172 -45.33 29.17 36.32
N LEU G 173 -44.93 28.42 37.35
CA LEU G 173 -44.63 29.02 38.64
C LEU G 173 -43.50 30.04 38.52
N LYS G 174 -42.44 29.67 37.78
CA LYS G 174 -41.35 30.60 37.52
C LYS G 174 -41.86 31.88 36.86
N ARG G 175 -42.72 31.73 35.85
CA ARG G 175 -43.22 32.91 35.14
C ARG G 175 -44.08 33.78 36.04
N LEU G 176 -44.83 33.17 36.95
CA LEU G 176 -45.70 33.96 37.82
C LEU G 176 -44.91 34.67 38.91
N ARG G 177 -43.87 34.02 39.44
CA ARG G 177 -43.06 34.65 40.47
C ARG G 177 -42.28 35.83 39.92
N ASP G 178 -41.52 35.60 38.85
CA ASP G 178 -40.76 36.67 38.21
C ASP G 178 -40.95 36.65 36.70
N GLY H 20 -2.19 -31.48 -14.71
CA GLY H 20 -1.23 -31.16 -13.67
C GLY H 20 -1.24 -29.69 -13.29
N PHE H 21 -2.21 -29.30 -12.48
CA PHE H 21 -2.37 -27.94 -12.01
C PHE H 21 -1.52 -27.63 -10.78
N ARG H 22 -1.62 -28.49 -9.76
CA ARG H 22 -0.88 -28.28 -8.53
C ARG H 22 0.62 -28.28 -8.77
N ASP H 23 1.09 -29.13 -9.69
CA ASP H 23 2.52 -29.17 -9.97
C ASP H 23 2.99 -27.87 -10.59
N ARG H 24 2.21 -27.32 -11.52
CA ARG H 24 2.57 -26.01 -12.09
C ARG H 24 2.58 -24.93 -11.02
N LYS H 25 1.59 -24.95 -10.12
CA LYS H 25 1.57 -23.97 -9.04
C LYS H 25 2.81 -24.08 -8.17
N VAL H 26 3.19 -25.31 -7.82
CA VAL H 26 4.34 -25.52 -6.95
C VAL H 26 5.62 -25.09 -7.65
N MET H 27 5.75 -25.40 -8.95
CA MET H 27 6.97 -25.02 -9.66
C MET H 27 7.08 -23.51 -9.78
N GLU H 28 5.96 -22.81 -10.00
CA GLU H 28 6.01 -21.36 -10.04
C GLU H 28 6.40 -20.79 -8.68
N TYR H 29 5.85 -21.36 -7.60
CA TYR H 29 6.23 -20.92 -6.27
C TYR H 29 7.73 -21.12 -6.05
N GLU H 30 8.26 -22.25 -6.51
CA GLU H 30 9.68 -22.50 -6.33
C GLU H 30 10.53 -21.52 -7.13
N ASN H 31 10.08 -21.16 -8.34
CA ASN H 31 10.82 -20.15 -9.09
C ASN H 31 10.81 -18.81 -8.37
N ARG H 32 9.68 -18.45 -7.75
CA ARG H 32 9.66 -17.20 -6.98
C ARG H 32 10.61 -17.27 -5.79
N ILE H 33 10.68 -18.42 -5.12
CA ILE H 33 11.66 -18.59 -4.04
C ILE H 33 13.07 -18.40 -4.56
N ARG H 34 13.39 -19.07 -5.68
CA ARG H 34 14.74 -18.98 -6.24
C ARG H 34 15.09 -17.55 -6.60
N ALA H 35 14.13 -16.82 -7.16
CA ALA H 35 14.46 -15.52 -7.73
C ALA H 35 14.46 -14.41 -6.70
N TYR H 36 13.68 -14.50 -5.63
CA TYR H 36 13.50 -13.34 -4.76
C TYR H 36 13.76 -13.59 -3.28
N SER H 37 13.72 -14.82 -2.79
CA SER H 37 13.81 -15.04 -1.35
C SER H 37 15.24 -14.85 -0.87
N THR H 38 15.40 -14.92 0.46
CA THR H 38 16.67 -14.74 1.14
C THR H 38 17.55 -15.97 0.99
N PRO H 39 18.88 -15.80 0.97
CA PRO H 39 19.77 -16.97 0.81
C PRO H 39 19.61 -18.03 1.88
N ASP H 40 18.88 -17.76 2.95
CA ASP H 40 18.62 -18.78 3.95
C ASP H 40 17.39 -19.62 3.65
N LYS H 41 16.30 -18.97 3.22
CA LYS H 41 15.12 -19.74 2.84
C LYS H 41 15.41 -20.68 1.68
N ILE H 42 16.19 -20.23 0.69
CA ILE H 42 16.53 -21.11 -0.42
C ILE H 42 17.29 -22.32 0.07
N PHE H 43 18.08 -22.17 1.13
CA PHE H 43 18.83 -23.29 1.65
C PHE H 43 17.93 -24.24 2.44
N ARG H 44 17.20 -23.69 3.41
CA ARG H 44 16.37 -24.57 4.25
C ARG H 44 15.27 -25.22 3.41
N TYR H 45 14.90 -24.62 2.29
CA TYR H 45 13.88 -25.21 1.45
C TYR H 45 14.45 -26.27 0.52
N PHE H 46 15.63 -26.04 -0.05
CA PHE H 46 16.17 -27.00 -1.00
C PHE H 46 17.05 -28.06 -0.35
N ALA H 47 17.55 -27.82 0.86
CA ALA H 47 18.30 -28.84 1.57
C ALA H 47 17.41 -30.04 1.87
N THR H 48 18.01 -31.23 1.83
CA THR H 48 17.25 -32.47 2.02
C THR H 48 17.83 -33.41 3.07
N LEU H 49 18.91 -33.05 3.74
CA LEU H 49 19.50 -33.92 4.74
C LEU H 49 19.56 -33.23 6.10
N LYS H 50 19.54 -34.05 7.15
CA LYS H 50 19.70 -33.56 8.52
C LYS H 50 20.54 -34.59 9.26
N VAL H 51 21.77 -34.23 9.60
CA VAL H 51 22.72 -35.16 10.21
C VAL H 51 22.87 -34.83 11.68
N ILE H 52 22.85 -35.87 12.53
CA ILE H 52 23.01 -35.70 13.96
C ILE H 52 24.30 -36.37 14.42
N ALA H 58 22.98 -31.43 15.39
CA ALA H 58 21.95 -31.29 14.37
C ALA H 58 22.31 -30.18 13.40
N GLU H 59 22.58 -30.56 12.15
CA GLU H 59 22.91 -29.59 11.12
C GLU H 59 22.31 -30.04 9.79
N VAL H 60 21.75 -29.09 9.06
CA VAL H 60 21.15 -29.35 7.77
C VAL H 60 22.26 -29.44 6.72
N PHE H 61 21.97 -30.15 5.64
CA PHE H 61 22.93 -30.37 4.57
C PHE H 61 22.17 -30.50 3.28
N MET H 62 22.86 -30.29 2.17
CA MET H 62 22.28 -30.47 0.85
C MET H 62 23.24 -31.29 0.03
N THR H 63 22.78 -32.42 -0.47
CA THR H 63 23.58 -33.21 -1.37
C THR H 63 23.87 -32.39 -2.64
N PRO H 64 24.93 -32.72 -3.38
CA PRO H 64 25.25 -31.90 -4.55
C PRO H 64 24.11 -31.75 -5.54
N GLU H 65 23.30 -32.80 -5.72
CA GLU H 65 22.13 -32.71 -6.57
C GLU H 65 21.20 -31.59 -6.12
N ASP H 66 21.05 -31.42 -4.82
CA ASP H 66 20.21 -30.35 -4.30
C ASP H 66 20.81 -28.99 -4.61
N PHE H 67 22.14 -28.89 -4.57
CA PHE H 67 22.77 -27.62 -4.91
C PHE H 67 22.53 -27.28 -6.36
N VAL H 68 22.62 -28.27 -7.24
CA VAL H 68 22.34 -28.02 -8.65
C VAL H 68 20.88 -27.63 -8.85
N ARG H 69 19.97 -28.27 -8.12
CA ARG H 69 18.55 -27.93 -8.25
C ARG H 69 18.25 -26.52 -7.81
N SER H 70 18.99 -26.00 -6.83
CA SER H 70 18.70 -24.69 -6.28
C SER H 70 19.03 -23.54 -7.23
N ILE H 71 19.69 -23.79 -8.35
CA ILE H 71 20.05 -22.71 -9.26
C ILE H 71 19.36 -22.81 -10.61
N THR H 72 19.03 -24.02 -11.06
CA THR H 72 18.38 -24.18 -12.36
C THR H 72 16.87 -24.13 -12.21
N PRO H 73 16.20 -23.12 -12.76
CA PRO H 73 14.75 -23.01 -12.56
C PRO H 73 13.99 -24.15 -13.22
N ASN H 74 12.74 -24.31 -12.77
CA ASN H 74 11.79 -25.31 -13.26
C ASN H 74 12.17 -26.73 -12.85
N GLU H 75 12.86 -26.87 -11.73
CA GLU H 75 13.11 -28.18 -11.13
C GLU H 75 12.24 -28.36 -9.89
N LYS H 76 11.63 -29.54 -9.78
CA LYS H 76 10.69 -29.85 -8.71
C LYS H 76 11.38 -30.58 -7.56
N GLN H 77 11.10 -30.14 -6.34
CA GLN H 77 11.61 -30.79 -5.13
C GLN H 77 10.81 -32.06 -4.85
N PRO H 78 11.43 -33.07 -4.24
CA PRO H 78 10.67 -34.24 -3.80
C PRO H 78 9.50 -33.79 -2.92
N GLU H 79 8.43 -34.59 -2.94
CA GLU H 79 7.18 -34.12 -2.35
C GLU H 79 7.33 -33.92 -0.85
N HIS H 80 7.87 -34.92 -0.15
CA HIS H 80 7.82 -34.90 1.31
C HIS H 80 8.83 -33.94 1.92
N LEU H 81 9.99 -33.76 1.28
CA LEU H 81 11.08 -33.04 1.92
C LEU H 81 10.78 -31.55 2.01
N GLY H 82 10.66 -30.87 0.87
CA GLY H 82 10.16 -29.51 0.86
C GLY H 82 10.85 -28.62 1.89
N LEU H 83 10.04 -27.79 2.56
CA LEU H 83 10.53 -26.81 3.51
C LEU H 83 10.55 -27.38 4.92
N ASP H 84 11.69 -27.26 5.59
CA ASP H 84 11.83 -27.64 7.01
C ASP H 84 11.38 -29.08 7.26
N GLN H 85 11.56 -29.95 6.29
CA GLN H 85 11.36 -31.38 6.47
C GLN H 85 12.50 -32.07 5.76
N TYR H 86 13.25 -32.90 6.47
CA TYR H 86 14.45 -33.51 5.91
C TYR H 86 14.44 -34.99 6.20
N ILE H 87 15.39 -35.69 5.57
CA ILE H 87 15.62 -37.10 5.84
C ILE H 87 16.65 -37.16 6.96
N ILE H 88 16.19 -37.30 8.20
CA ILE H 88 17.11 -37.33 9.33
C ILE H 88 18.01 -38.55 9.18
N LYS H 89 19.31 -38.32 9.27
CA LYS H 89 20.31 -39.37 9.10
C LYS H 89 21.08 -39.55 10.39
N ARG H 90 21.56 -40.77 10.61
CA ARG H 90 22.25 -41.11 11.85
C ARG H 90 23.75 -40.92 11.68
N PHE H 91 24.37 -40.32 12.69
CA PHE H 91 25.80 -40.05 12.67
C PHE H 91 26.61 -41.33 12.76
N GLU H 99 33.06 -47.42 7.02
CA GLU H 99 33.17 -46.33 6.05
C GLU H 99 31.84 -45.62 5.86
N ARG H 100 31.87 -44.29 5.93
CA ARG H 100 30.67 -43.51 5.72
C ARG H 100 30.34 -43.45 4.23
N GLU H 101 29.06 -43.27 3.93
CA GLU H 101 28.61 -43.21 2.55
C GLU H 101 29.11 -41.92 1.89
N LYS H 102 29.39 -42.02 0.59
CA LYS H 102 29.91 -40.91 -0.19
C LYS H 102 28.80 -40.37 -1.08
N PHE H 103 28.57 -39.06 -0.99
CA PHE H 103 27.55 -38.42 -1.81
C PHE H 103 28.10 -37.77 -3.07
N ALA H 104 29.42 -37.70 -3.23
CA ALA H 104 30.02 -37.14 -4.43
C ALA H 104 31.15 -38.07 -4.88
N ASP H 105 31.31 -38.19 -6.18
CA ASP H 105 32.34 -39.06 -6.72
C ASP H 105 33.73 -38.56 -6.34
N GLU H 106 34.67 -39.50 -6.23
CA GLU H 106 36.04 -39.12 -5.93
C GLU H 106 36.57 -38.19 -7.00
N GLY H 107 37.35 -37.20 -6.59
CA GLY H 107 37.90 -36.22 -7.50
C GLY H 107 36.96 -35.06 -7.80
N SER H 108 35.68 -35.19 -7.51
CA SER H 108 34.75 -34.08 -7.68
C SER H 108 35.11 -32.97 -6.71
N ILE H 109 34.83 -31.73 -7.12
CA ILE H 109 35.21 -30.60 -6.28
C ILE H 109 34.38 -30.56 -5.00
N PHE H 110 33.12 -30.99 -5.05
CA PHE H 110 32.31 -30.99 -3.83
C PHE H 110 32.90 -31.92 -2.78
N TYR H 111 33.70 -32.89 -3.21
CA TYR H 111 34.28 -33.81 -2.25
C TYR H 111 35.27 -33.10 -1.36
N THR H 112 35.92 -32.05 -1.87
CA THR H 112 36.89 -31.34 -1.06
C THR H 112 36.24 -30.36 -0.10
N LEU H 113 34.91 -30.26 -0.10
CA LEU H 113 34.26 -29.35 0.84
C LEU H 113 34.55 -29.72 2.29
N GLY H 114 34.87 -30.98 2.56
CA GLY H 114 35.24 -31.40 3.89
C GLY H 114 34.42 -32.58 4.36
N GLU H 115 33.14 -32.56 4.04
CA GLU H 115 32.26 -33.69 4.34
C GLU H 115 32.50 -34.77 3.30
N CYS H 116 31.71 -35.83 3.33
CA CYS H 116 31.82 -36.83 2.28
C CYS H 116 31.01 -36.37 1.08
N GLY H 117 31.24 -35.15 0.63
CA GLY H 117 30.53 -34.60 -0.51
C GLY H 117 29.26 -33.84 -0.19
N LEU H 118 29.10 -33.34 1.02
CA LEU H 118 27.90 -32.61 1.41
C LEU H 118 28.22 -31.14 1.58
N ILE H 119 27.22 -30.30 1.32
CA ILE H 119 27.38 -28.85 1.40
C ILE H 119 26.58 -28.34 2.58
N SER H 120 27.23 -27.59 3.46
CA SER H 120 26.60 -26.86 4.53
C SER H 120 26.41 -25.41 4.12
N PHE H 121 25.44 -24.75 4.77
CA PHE H 121 25.09 -23.37 4.41
C PHE H 121 26.31 -22.49 4.23
N SER H 122 27.28 -22.60 5.15
CA SER H 122 28.52 -21.85 5.05
C SER H 122 29.17 -22.04 3.69
N ASP H 123 29.27 -23.30 3.24
CA ASP H 123 29.82 -23.56 1.92
C ASP H 123 28.82 -23.25 0.81
N TYR H 124 27.52 -23.28 1.09
CA TYR H 124 26.56 -22.97 0.05
C TYR H 124 26.72 -21.54 -0.43
N ILE H 125 26.84 -20.59 0.50
CA ILE H 125 27.03 -19.20 0.10
C ILE H 125 28.33 -19.04 -0.69
N PHE H 126 29.42 -19.65 -0.21
CA PHE H 126 30.69 -19.52 -0.90
C PHE H 126 30.62 -20.07 -2.32
N LEU H 127 30.08 -21.27 -2.48
CA LEU H 127 30.00 -21.87 -3.82
C LEU H 127 29.11 -21.03 -4.73
N THR H 128 27.99 -20.54 -4.20
CA THR H 128 27.08 -19.81 -5.08
C THR H 128 27.61 -18.41 -5.41
N THR H 129 28.55 -17.88 -4.63
CA THR H 129 29.19 -16.63 -5.05
C THR H 129 30.44 -16.85 -5.88
N VAL H 130 30.99 -18.06 -5.90
CA VAL H 130 32.06 -18.36 -6.85
C VAL H 130 31.48 -18.68 -8.21
N LEU H 131 30.31 -19.30 -8.27
CA LEU H 131 29.69 -19.61 -9.56
C LEU H 131 29.34 -18.36 -10.34
N SER H 132 28.92 -17.29 -9.66
CA SER H 132 28.28 -16.17 -10.35
C SER H 132 29.28 -15.14 -10.89
N THR H 133 30.11 -14.58 -10.03
CA THR H 133 30.89 -13.40 -10.38
C THR H 133 31.89 -13.71 -11.50
N PRO H 134 32.08 -12.78 -12.43
CA PRO H 134 33.03 -13.00 -13.53
C PRO H 134 34.47 -12.93 -13.08
N GLN H 135 35.34 -13.60 -13.83
CA GLN H 135 36.73 -13.75 -13.40
C GLN H 135 37.46 -12.41 -13.36
N ARG H 136 37.00 -11.41 -14.13
CA ARG H 136 37.65 -10.11 -14.09
C ARG H 136 37.58 -9.50 -12.70
N ASN H 137 36.44 -9.63 -12.03
CA ASN H 137 36.30 -9.08 -10.68
C ASN H 137 37.25 -9.77 -9.71
N PHE H 138 37.40 -11.09 -9.83
CA PHE H 138 38.34 -11.79 -8.97
C PHE H 138 39.77 -11.34 -9.23
N GLU H 139 40.13 -11.18 -10.50
CA GLU H 139 41.45 -10.64 -10.83
C GLU H 139 41.68 -9.31 -10.17
N ILE H 140 40.71 -8.39 -10.32
CA ILE H 140 40.89 -7.04 -9.78
C ILE H 140 40.99 -7.07 -8.26
N ALA H 141 40.11 -7.83 -7.61
CA ALA H 141 40.12 -7.90 -6.15
C ALA H 141 41.42 -8.48 -5.63
N PHE H 142 41.89 -9.54 -6.25
CA PHE H 142 43.17 -10.12 -5.83
C PHE H 142 44.30 -9.12 -6.05
N LYS H 143 44.29 -8.39 -7.17
CA LYS H 143 45.35 -7.43 -7.44
C LYS H 143 45.36 -6.31 -6.42
N MET H 144 44.17 -5.88 -5.96
CA MET H 144 44.10 -4.72 -5.08
C MET H 144 44.66 -5.05 -3.70
N PHE H 145 44.05 -6.02 -3.00
CA PHE H 145 44.43 -6.35 -1.63
C PHE H 145 45.58 -7.34 -1.67
N ASP H 146 46.79 -6.81 -1.74
CA ASP H 146 48.02 -7.58 -1.76
C ASP H 146 49.17 -6.58 -1.62
N LEU H 147 50.36 -7.11 -1.35
CA LEU H 147 51.54 -6.29 -1.17
C LEU H 147 52.53 -6.66 -2.26
N ASN H 148 52.80 -5.70 -3.16
CA ASN H 148 53.71 -5.83 -4.30
C ASN H 148 53.55 -7.17 -5.00
N GLY H 149 52.34 -7.71 -4.98
CA GLY H 149 52.09 -9.04 -5.51
C GLY H 149 50.91 -9.06 -6.45
N ASP H 150 51.09 -9.76 -7.58
CA ASP H 150 49.99 -9.91 -8.53
C ASP H 150 48.92 -10.85 -7.98
N GLY H 151 49.33 -11.99 -7.44
CA GLY H 151 48.39 -12.99 -6.99
C GLY H 151 48.64 -13.49 -5.58
N GLU H 152 49.05 -12.62 -4.68
CA GLU H 152 49.31 -12.99 -3.31
C GLU H 152 48.15 -12.56 -2.43
N VAL H 153 47.70 -13.45 -1.55
CA VAL H 153 46.58 -13.15 -0.68
C VAL H 153 46.72 -14.00 0.59
N ASP H 154 46.18 -13.48 1.69
CA ASP H 154 46.15 -14.16 2.98
C ASP H 154 44.73 -14.33 3.45
N MET H 155 44.57 -15.03 4.58
CA MET H 155 43.24 -15.35 5.08
C MET H 155 42.43 -14.11 5.40
N GLU H 156 43.06 -13.10 6.02
CA GLU H 156 42.33 -11.87 6.30
C GLU H 156 42.00 -11.14 5.01
N GLU H 157 42.96 -11.04 4.09
CA GLU H 157 42.69 -10.46 2.79
C GLU H 157 41.64 -11.26 2.04
N PHE H 158 41.66 -12.59 2.19
CA PHE H 158 40.63 -13.40 1.54
C PHE H 158 39.25 -13.13 2.13
N GLU H 159 39.16 -12.92 3.44
CA GLU H 159 37.88 -12.56 4.03
C GLU H 159 37.40 -11.22 3.50
N GLN H 160 38.32 -10.27 3.34
CA GLN H 160 37.96 -8.98 2.74
C GLN H 160 37.42 -9.18 1.32
N VAL H 161 38.11 -10.00 0.53
CA VAL H 161 37.69 -10.24 -0.85
C VAL H 161 36.30 -10.85 -0.87
N GLN H 162 36.05 -11.86 -0.02
CA GLN H 162 34.73 -12.48 0.03
C GLN H 162 33.67 -11.46 0.37
N SER H 163 33.90 -10.66 1.41
CA SER H 163 32.91 -9.66 1.81
C SER H 163 32.60 -8.70 0.67
N ILE H 164 33.66 -8.18 0.03
CA ILE H 164 33.45 -7.20 -1.03
C ILE H 164 32.66 -7.80 -2.19
N ILE H 165 33.03 -9.03 -2.60
CA ILE H 165 32.38 -9.63 -3.76
C ILE H 165 30.95 -10.03 -3.43
N ARG H 166 30.68 -10.47 -2.21
CA ARG H 166 29.31 -10.77 -1.84
C ARG H 166 28.47 -9.51 -1.77
N SER H 167 29.08 -8.37 -1.44
CA SER H 167 28.33 -7.12 -1.42
C SER H 167 27.81 -6.78 -2.81
N GLN H 168 28.66 -6.88 -3.82
CA GLN H 168 28.28 -6.57 -5.19
C GLN H 168 27.56 -7.73 -5.85
N CYS H 190 33.74 -20.20 4.37
CA CYS H 190 34.41 -21.36 3.82
C CYS H 190 34.90 -22.28 4.93
N SER H 191 34.38 -23.50 4.96
CA SER H 191 34.73 -24.49 5.97
C SER H 191 35.40 -25.69 5.30
N ALA H 192 36.58 -26.04 5.80
CA ALA H 192 37.44 -27.16 5.42
C ALA H 192 38.17 -26.92 4.10
N LEU H 193 38.04 -25.75 3.49
CA LEU H 193 38.79 -25.42 2.29
C LEU H 193 40.04 -24.64 2.61
N THR H 194 40.25 -24.30 3.88
CA THR H 194 41.43 -23.52 4.24
C THR H 194 42.68 -24.31 3.94
N THR H 195 42.69 -25.60 4.27
CA THR H 195 43.85 -26.43 4.00
C THR H 195 44.11 -26.53 2.50
N TYR H 196 43.03 -26.65 1.72
CA TYR H 196 43.14 -26.81 0.28
C TYR H 196 43.81 -25.61 -0.39
N PHE H 197 43.49 -24.39 0.05
CA PHE H 197 44.03 -23.22 -0.63
C PHE H 197 45.20 -22.58 0.09
N PHE H 198 45.39 -22.87 1.37
CA PHE H 198 46.45 -22.22 2.14
C PHE H 198 47.44 -23.19 2.75
N GLY H 199 47.08 -24.45 2.96
CA GLY H 199 47.99 -25.42 3.54
C GLY H 199 47.70 -25.64 5.02
N ALA H 200 48.39 -26.65 5.56
CA ALA H 200 48.20 -26.97 6.97
C ALA H 200 48.71 -25.85 7.87
N ASP H 201 49.76 -25.14 7.44
CA ASP H 201 50.25 -24.01 8.21
C ASP H 201 49.30 -22.82 8.16
N LEU H 202 48.35 -22.81 7.22
CA LEU H 202 47.36 -21.75 7.06
C LEU H 202 47.99 -20.41 6.70
N LYS H 203 49.25 -20.41 6.25
CA LYS H 203 49.93 -19.19 5.85
C LYS H 203 50.32 -19.18 4.38
N GLY H 204 49.93 -20.18 3.61
CA GLY H 204 50.20 -20.17 2.19
C GLY H 204 49.41 -19.11 1.46
N LYS H 205 49.93 -18.69 0.30
CA LYS H 205 49.31 -17.64 -0.50
C LYS H 205 48.58 -18.26 -1.70
N LEU H 206 47.35 -17.82 -1.92
CA LEU H 206 46.55 -18.30 -3.03
C LEU H 206 46.88 -17.48 -4.27
N THR H 207 47.54 -18.09 -5.25
CA THR H 207 47.81 -17.40 -6.50
C THR H 207 46.53 -17.35 -7.33
N ILE H 208 46.30 -16.19 -7.96
CA ILE H 208 45.04 -15.98 -8.68
C ILE H 208 44.83 -17.08 -9.71
N LYS H 209 45.91 -17.64 -10.26
CA LYS H 209 45.79 -18.73 -11.22
C LYS H 209 45.11 -19.94 -10.58
N ASN H 210 45.55 -20.32 -9.39
CA ASN H 210 44.95 -21.47 -8.70
C ASN H 210 43.47 -21.25 -8.44
N PHE H 211 43.09 -20.06 -7.98
CA PHE H 211 41.69 -19.81 -7.69
C PHE H 211 40.85 -19.81 -8.96
N LEU H 212 41.36 -19.22 -10.04
CA LEU H 212 40.60 -19.25 -11.28
C LEU H 212 40.44 -20.67 -11.80
N GLU H 213 41.49 -21.49 -11.68
CA GLU H 213 41.35 -22.89 -12.08
C GLU H 213 40.33 -23.61 -11.22
N PHE H 214 40.30 -23.32 -9.91
CA PHE H 214 39.29 -23.90 -9.03
C PHE H 214 37.89 -23.49 -9.46
N GLN H 215 37.70 -22.21 -9.76
CA GLN H 215 36.39 -21.75 -10.22
C GLN H 215 35.98 -22.45 -11.51
N ARG H 216 36.92 -22.60 -12.43
CA ARG H 216 36.62 -23.27 -13.69
C ARG H 216 36.23 -24.73 -13.46
N LYS H 217 36.96 -25.42 -12.58
CA LYS H 217 36.59 -26.80 -12.27
C LYS H 217 35.23 -26.88 -11.61
N LEU H 218 34.90 -25.90 -10.77
CA LEU H 218 33.57 -25.88 -10.16
C LEU H 218 32.50 -25.77 -11.22
N GLN H 219 32.64 -24.83 -12.14
CA GLN H 219 31.64 -24.68 -13.20
C GLN H 219 31.54 -25.95 -14.01
N HIS H 220 32.67 -26.61 -14.28
CA HIS H 220 32.63 -27.85 -15.04
C HIS H 220 31.87 -28.94 -14.30
N ASP H 221 32.12 -29.10 -13.00
CA ASP H 221 31.42 -30.13 -12.23
C ASP H 221 29.92 -29.84 -12.11
N VAL H 222 29.55 -28.58 -11.89
CA VAL H 222 28.13 -28.24 -11.84
C VAL H 222 27.48 -28.50 -13.19
N LEU H 223 28.22 -28.24 -14.27
CA LEU H 223 27.68 -28.54 -15.60
C LEU H 223 27.49 -30.04 -15.79
N LYS H 224 28.45 -30.84 -15.33
CA LYS H 224 28.29 -32.29 -15.47
C LYS H 224 27.11 -32.80 -14.66
N LEU H 225 26.89 -32.24 -13.47
CA LEU H 225 25.72 -32.64 -12.69
C LEU H 225 24.42 -32.22 -13.37
N GLU H 226 24.37 -30.99 -13.90
CA GLU H 226 23.19 -30.52 -14.62
C GLU H 226 22.92 -31.36 -15.84
N PHE H 227 23.97 -31.86 -16.49
CA PHE H 227 23.80 -32.77 -17.62
C PHE H 227 23.26 -34.12 -17.16
N GLU H 228 23.87 -34.70 -16.12
CA GLU H 228 23.45 -36.03 -15.67
C GLU H 228 22.05 -36.02 -15.10
N ARG H 229 21.56 -34.87 -14.66
CA ARG H 229 20.21 -34.80 -14.14
C ARG H 229 19.17 -34.87 -15.25
N HIS H 230 19.62 -35.03 -16.50
CA HIS H 230 18.76 -35.20 -17.66
C HIS H 230 18.67 -36.65 -18.11
N ASP H 231 19.22 -37.57 -17.33
CA ASP H 231 19.15 -39.02 -17.58
C ASP H 231 19.68 -39.37 -18.96
N PRO H 232 20.97 -39.27 -19.19
CA PRO H 232 21.50 -39.64 -20.51
C PRO H 232 21.47 -41.15 -20.72
N VAL H 233 21.26 -41.54 -21.97
CA VAL H 233 21.31 -42.94 -22.38
C VAL H 233 22.48 -43.12 -23.33
N ASP H 234 23.37 -44.05 -23.00
CA ASP H 234 24.61 -44.30 -23.74
C ASP H 234 25.53 -43.08 -23.72
N GLY H 235 25.14 -42.03 -23.00
CA GLY H 235 25.90 -40.80 -22.98
C GLY H 235 25.47 -39.78 -24.00
N ARG H 236 24.19 -39.78 -24.38
CA ARG H 236 23.67 -38.86 -25.38
C ARG H 236 22.39 -38.22 -24.89
N ILE H 237 22.25 -36.93 -25.13
CA ILE H 237 21.10 -36.16 -24.69
C ILE H 237 20.17 -35.94 -25.88
N THR H 238 18.88 -35.88 -25.61
CA THR H 238 17.90 -35.61 -26.66
C THR H 238 18.01 -34.17 -27.11
N GLU H 239 17.87 -33.93 -28.42
CA GLU H 239 17.92 -32.58 -28.95
C GLU H 239 16.99 -31.64 -28.20
N ARG H 240 15.77 -32.11 -27.91
CA ARG H 240 14.84 -31.28 -27.14
C ARG H 240 15.37 -31.02 -25.74
N GLN H 241 16.05 -32.00 -25.14
CA GLN H 241 16.61 -31.79 -23.82
C GLN H 241 17.76 -30.78 -23.86
N PHE H 242 18.59 -30.83 -24.91
CA PHE H 242 19.62 -29.81 -25.06
C PHE H 242 19.01 -28.43 -25.27
N GLY H 243 17.91 -28.37 -26.02
CA GLY H 243 17.20 -27.11 -26.15
C GLY H 243 16.71 -26.59 -24.82
N GLY H 244 16.17 -27.49 -23.99
CA GLY H 244 15.77 -27.09 -22.65
C GLY H 244 16.93 -26.54 -21.85
N MET H 245 18.03 -27.30 -21.79
CA MET H 245 19.22 -26.85 -21.07
C MET H 245 19.68 -25.48 -21.53
N LEU H 246 19.61 -25.23 -22.84
CA LEU H 246 20.06 -23.95 -23.38
C LEU H 246 19.09 -22.83 -23.04
N LEU H 247 17.79 -23.08 -23.16
CA LEU H 247 16.73 -22.11 -22.88
C LEU H 247 16.22 -22.17 -21.45
N ALA H 248 16.84 -22.99 -20.59
CA ALA H 248 16.34 -23.13 -19.21
C ALA H 248 16.32 -21.80 -18.49
N TYR H 249 17.34 -20.98 -18.69
CA TYR H 249 17.41 -19.69 -18.01
C TYR H 249 16.80 -18.59 -18.85
N SER H 250 16.14 -18.94 -19.95
CA SER H 250 15.53 -17.97 -20.85
C SER H 250 14.03 -17.82 -20.64
N GLY H 251 13.32 -17.54 -21.73
CA GLY H 251 11.88 -17.35 -21.64
C GLY H 251 11.17 -18.61 -21.17
N VAL H 252 10.17 -18.40 -20.31
CA VAL H 252 9.40 -19.50 -19.76
C VAL H 252 8.65 -20.26 -20.86
N GLN H 253 8.12 -19.52 -21.85
CA GLN H 253 7.33 -20.15 -22.90
C GLN H 253 8.14 -21.19 -23.68
N SER H 254 7.51 -22.35 -23.90
CA SER H 254 8.12 -23.46 -24.60
C SER H 254 7.78 -23.53 -26.08
N LYS H 255 7.01 -22.57 -26.59
CA LYS H 255 6.61 -22.55 -28.00
C LYS H 255 7.79 -22.81 -28.94
N LYS H 256 8.79 -21.93 -28.88
CA LYS H 256 9.98 -22.08 -29.72
C LYS H 256 10.56 -23.49 -29.64
N LEU H 257 10.54 -24.11 -28.45
CA LEU H 257 11.07 -25.47 -28.35
C LEU H 257 10.24 -26.42 -29.22
N THR H 258 8.91 -26.27 -29.18
CA THR H 258 8.05 -27.08 -30.01
C THR H 258 8.44 -26.90 -31.47
N ALA H 259 8.44 -25.65 -31.94
CA ALA H 259 8.88 -25.33 -33.29
C ALA H 259 10.19 -26.01 -33.62
N MET H 260 11.10 -26.08 -32.64
CA MET H 260 12.36 -26.81 -32.85
C MET H 260 12.11 -28.28 -33.07
N GLN H 261 11.20 -28.88 -32.31
CA GLN H 261 10.90 -30.29 -32.50
C GLN H 261 10.34 -30.55 -33.90
N ARG H 262 9.42 -29.70 -34.34
CA ARG H 262 8.89 -29.83 -35.70
C ARG H 262 9.98 -29.66 -36.75
N GLN H 263 10.89 -28.71 -36.53
CA GLN H 263 11.98 -28.48 -37.48
C GLN H 263 12.88 -29.69 -37.58
N LEU H 264 13.30 -30.23 -36.44
CA LEU H 264 14.15 -31.41 -36.44
C LEU H 264 13.43 -32.61 -37.03
N LYS H 265 12.11 -32.71 -36.82
CA LYS H 265 11.35 -33.81 -37.40
C LYS H 265 11.36 -33.73 -38.92
N LYS H 266 10.99 -32.57 -39.47
CA LYS H 266 10.98 -32.39 -40.91
C LYS H 266 12.39 -32.22 -41.48
N HIS H 267 13.42 -32.29 -40.65
CA HIS H 267 14.80 -32.15 -41.09
C HIS H 267 15.64 -33.40 -40.82
N PHE H 268 15.05 -34.44 -40.21
CA PHE H 268 15.78 -35.66 -39.86
C PHE H 268 16.93 -35.41 -38.90
N LYS H 269 16.78 -34.42 -38.01
CA LYS H 269 17.81 -34.14 -37.03
C LYS H 269 17.48 -34.71 -35.66
N GLU H 270 16.21 -34.65 -35.25
CA GLU H 270 15.79 -35.24 -33.99
C GLU H 270 16.09 -36.74 -34.00
N GLY H 271 16.86 -37.19 -33.02
CA GLY H 271 17.12 -38.61 -32.88
C GLY H 271 18.54 -39.01 -33.23
N LYS H 272 19.50 -38.16 -32.90
CA LYS H 272 20.91 -38.46 -33.14
C LYS H 272 21.72 -38.25 -31.88
N GLY H 273 21.28 -37.31 -31.04
CA GLY H 273 21.85 -37.16 -29.72
C GLY H 273 23.12 -36.36 -29.67
N LEU H 274 23.37 -35.65 -28.58
CA LEU H 274 24.58 -34.89 -28.38
C LEU H 274 25.32 -35.47 -27.19
N THR H 275 26.61 -35.69 -27.34
CA THR H 275 27.41 -36.17 -26.23
C THR H 275 27.66 -35.03 -25.24
N PHE H 276 28.20 -35.38 -24.08
CA PHE H 276 28.48 -34.33 -23.11
C PHE H 276 29.63 -33.45 -23.61
N GLN H 277 30.57 -34.04 -24.32
CA GLN H 277 31.73 -33.28 -24.80
C GLN H 277 31.28 -32.16 -25.72
N GLU H 278 30.28 -32.42 -26.57
CA GLU H 278 29.77 -31.40 -27.46
C GLU H 278 29.15 -30.24 -26.68
N VAL H 279 28.40 -30.55 -25.62
CA VAL H 279 27.82 -29.49 -24.81
C VAL H 279 28.91 -28.69 -24.11
N GLU H 280 29.95 -29.37 -23.63
CA GLU H 280 31.05 -28.67 -22.99
C GLU H 280 31.73 -27.72 -23.97
N ASN H 281 31.99 -28.20 -25.20
CA ASN H 281 32.58 -27.33 -26.21
C ASN H 281 31.68 -26.16 -26.54
N PHE H 282 30.37 -26.39 -26.60
CA PHE H 282 29.46 -25.29 -26.88
C PHE H 282 29.48 -24.25 -25.78
N PHE H 283 29.57 -24.66 -24.53
CA PHE H 283 29.58 -23.66 -23.46
C PHE H 283 30.92 -22.93 -23.39
N THR H 284 32.03 -23.62 -23.65
CA THR H 284 33.29 -22.91 -23.77
C THR H 284 33.24 -21.91 -24.91
N PHE H 285 32.55 -22.25 -26.01
CA PHE H 285 32.33 -21.29 -27.08
C PHE H 285 31.54 -20.09 -26.57
N LEU H 286 30.43 -20.34 -25.88
CA LEU H 286 29.63 -19.26 -25.33
C LEU H 286 30.43 -18.39 -24.37
N LYS H 287 31.53 -18.91 -23.82
CA LYS H 287 32.30 -18.13 -22.87
C LYS H 287 33.00 -16.93 -23.50
N ASN H 288 32.78 -16.67 -24.80
CA ASN H 288 33.34 -15.52 -25.49
C ASN H 288 32.24 -14.73 -26.20
N ILE H 289 31.05 -14.71 -25.59
CA ILE H 289 29.86 -14.22 -26.26
C ILE H 289 29.98 -12.76 -26.67
N ASN H 290 30.76 -11.96 -25.95
CA ASN H 290 30.93 -10.56 -26.34
C ASN H 290 31.59 -10.45 -27.71
N ASP H 291 32.76 -11.07 -27.86
CA ASP H 291 33.44 -11.05 -29.15
C ASP H 291 32.63 -11.76 -30.22
N VAL H 292 31.91 -12.82 -29.85
CA VAL H 292 31.05 -13.49 -30.82
C VAL H 292 29.96 -12.56 -31.33
N ASP H 293 29.36 -11.77 -30.45
CA ASP H 293 28.32 -10.84 -30.85
C ASP H 293 28.88 -9.74 -31.74
N THR H 294 30.03 -9.19 -31.36
CA THR H 294 30.66 -8.17 -32.20
C THR H 294 30.96 -8.72 -33.59
N ALA H 295 31.55 -9.91 -33.65
CA ALA H 295 31.88 -10.51 -34.94
C ALA H 295 30.63 -10.82 -35.75
N LEU H 296 29.56 -11.23 -35.09
CA LEU H 296 28.32 -11.53 -35.79
C LEU H 296 27.73 -10.27 -36.42
N SER H 297 27.65 -9.19 -35.64
CA SER H 297 27.16 -7.94 -36.19
C SER H 297 28.04 -7.45 -37.33
N PHE H 298 29.36 -7.65 -37.21
CA PHE H 298 30.27 -7.23 -38.28
C PHE H 298 29.97 -8.00 -39.57
N TYR H 299 29.93 -9.33 -39.48
CA TYR H 299 29.62 -10.15 -40.66
C TYR H 299 28.24 -9.84 -41.21
N HIS H 300 27.29 -9.47 -40.34
CA HIS H 300 25.95 -9.13 -40.79
C HIS H 300 25.97 -7.86 -41.63
N MET H 301 26.51 -6.77 -41.07
CA MET H 301 26.57 -5.52 -41.83
C MET H 301 27.47 -5.63 -43.05
N ALA H 302 28.43 -6.55 -43.05
CA ALA H 302 29.30 -6.70 -44.21
C ALA H 302 28.53 -7.16 -45.44
N GLY H 303 27.42 -7.86 -45.26
CA GLY H 303 26.63 -8.37 -46.36
C GLY H 303 26.56 -9.89 -46.46
N ALA H 304 27.42 -10.61 -45.74
CA ALA H 304 27.38 -12.06 -45.76
C ALA H 304 26.23 -12.60 -44.92
N SER H 305 25.76 -13.78 -45.29
CA SER H 305 24.63 -14.40 -44.61
C SER H 305 25.10 -15.24 -43.44
N LEU H 306 24.35 -15.17 -42.33
CA LEU H 306 24.68 -15.90 -41.11
C LEU H 306 24.25 -17.35 -41.24
N ASP H 307 25.03 -18.11 -42.01
CA ASP H 307 24.72 -19.50 -42.29
C ASP H 307 25.49 -20.40 -41.32
N LYS H 308 25.40 -21.71 -41.53
CA LYS H 308 26.10 -22.65 -40.67
C LYS H 308 27.61 -22.51 -40.80
N VAL H 309 28.09 -22.36 -42.04
CA VAL H 309 29.53 -22.30 -42.26
C VAL H 309 30.09 -21.03 -41.66
N THR H 310 29.32 -19.93 -41.69
CA THR H 310 29.78 -18.70 -41.08
C THR H 310 29.94 -18.89 -39.57
N MET H 311 28.99 -19.60 -38.94
CA MET H 311 29.06 -19.80 -37.50
C MET H 311 30.22 -20.71 -37.11
N GLN H 312 30.54 -21.70 -37.94
CA GLN H 312 31.68 -22.55 -37.61
C GLN H 312 32.99 -21.83 -37.88
N GLN H 313 33.04 -20.99 -38.92
CA GLN H 313 34.24 -20.19 -39.17
C GLN H 313 34.48 -19.19 -38.04
N VAL H 314 33.44 -18.48 -37.60
CA VAL H 314 33.64 -17.53 -36.52
C VAL H 314 33.97 -18.26 -35.22
N ALA H 315 33.38 -19.43 -34.99
CA ALA H 315 33.73 -20.21 -33.81
C ALA H 315 35.22 -20.55 -33.81
N ARG H 316 35.70 -21.11 -34.93
CA ARG H 316 37.11 -21.45 -35.02
C ARG H 316 38.01 -20.23 -34.86
N THR H 317 37.62 -19.10 -35.45
CA THR H 317 38.52 -17.95 -35.47
C THR H 317 38.59 -17.25 -34.12
N VAL H 318 37.45 -16.96 -33.50
CA VAL H 318 37.44 -16.10 -32.32
C VAL H 318 37.23 -16.86 -31.02
N ALA H 319 36.92 -18.15 -31.06
CA ALA H 319 36.72 -18.91 -29.84
C ALA H 319 37.68 -20.09 -29.71
N LYS H 320 38.38 -20.45 -30.79
CA LYS H 320 39.33 -21.57 -30.80
C LYS H 320 38.69 -22.87 -30.34
N VAL H 321 37.45 -23.09 -30.76
CA VAL H 321 36.72 -24.30 -30.41
C VAL H 321 36.13 -24.88 -31.68
N GLU H 322 36.20 -26.20 -31.82
CA GLU H 322 35.69 -26.86 -33.02
C GLU H 322 34.26 -27.30 -32.72
N LEU H 323 33.30 -26.70 -33.43
CA LEU H 323 31.91 -27.07 -33.30
C LEU H 323 31.58 -28.23 -34.24
N SER H 324 30.68 -29.08 -33.79
CA SER H 324 30.16 -30.14 -34.63
C SER H 324 29.02 -29.60 -35.48
N ASP H 325 28.71 -30.33 -36.56
CA ASP H 325 27.59 -29.94 -37.41
C ASP H 325 26.29 -29.91 -36.62
N HIS H 326 26.07 -30.96 -35.82
CA HIS H 326 24.79 -31.12 -35.15
C HIS H 326 24.49 -29.95 -34.21
N VAL H 327 25.50 -29.46 -33.50
CA VAL H 327 25.27 -28.39 -32.54
C VAL H 327 24.82 -27.12 -33.26
N CYS H 328 25.44 -26.81 -34.39
CA CYS H 328 24.99 -25.66 -35.18
C CYS H 328 23.59 -25.90 -35.71
N ASP H 329 23.30 -27.12 -36.15
CA ASP H 329 21.95 -27.44 -36.60
C ASP H 329 20.93 -27.15 -35.52
N VAL H 330 21.24 -27.53 -34.27
CA VAL H 330 20.28 -27.32 -33.18
C VAL H 330 20.14 -25.86 -32.81
N VAL H 331 21.26 -25.13 -32.68
CA VAL H 331 21.16 -23.70 -32.37
C VAL H 331 20.29 -23.02 -33.42
N PHE H 332 20.47 -23.38 -34.69
CA PHE H 332 19.69 -22.75 -35.75
C PHE H 332 18.24 -23.21 -35.71
N ALA H 333 17.98 -24.46 -35.34
CA ALA H 333 16.61 -24.96 -35.33
C ALA H 333 15.71 -24.16 -34.39
N LEU H 334 16.24 -23.71 -33.25
CA LEU H 334 15.45 -22.92 -32.32
C LEU H 334 15.79 -21.43 -32.32
N PHE H 335 16.55 -20.94 -33.31
CA PHE H 335 16.88 -19.52 -33.30
C PHE H 335 16.72 -18.84 -34.66
N ASP H 336 16.29 -19.55 -35.70
CA ASP H 336 16.06 -18.91 -36.99
C ASP H 336 14.91 -17.92 -36.90
N CYS H 337 14.84 -17.02 -37.89
CA CYS H 337 13.83 -15.98 -37.87
C CYS H 337 12.44 -16.60 -37.93
N ASP H 338 12.08 -17.17 -39.08
CA ASP H 338 10.96 -18.10 -39.14
C ASP H 338 11.38 -19.45 -39.69
N GLY H 339 11.84 -19.50 -40.95
CA GLY H 339 12.39 -20.71 -41.53
C GLY H 339 13.84 -20.56 -41.96
N ASN H 340 14.18 -19.36 -42.43
CA ASN H 340 15.43 -19.14 -43.13
C ASN H 340 16.64 -19.36 -42.23
N GLY H 341 17.76 -19.70 -42.86
CA GLY H 341 19.00 -19.94 -42.16
C GLY H 341 19.66 -18.70 -41.58
N GLU H 342 19.12 -17.51 -41.83
CA GLU H 342 19.66 -16.32 -41.21
C GLU H 342 19.34 -16.31 -39.73
N LEU H 343 20.36 -16.05 -38.91
CA LEU H 343 20.22 -16.11 -37.47
C LEU H 343 19.76 -14.77 -36.92
N SER H 344 18.92 -14.82 -35.88
CA SER H 344 18.44 -13.62 -35.21
C SER H 344 19.44 -13.17 -34.13
N ASN H 345 20.54 -12.61 -34.61
CA ASN H 345 21.70 -12.26 -33.78
C ASN H 345 21.29 -11.57 -32.47
N LYS H 346 20.36 -10.62 -32.55
CA LYS H 346 20.01 -9.83 -31.38
C LYS H 346 19.41 -10.71 -30.27
N GLU H 347 18.29 -11.36 -30.57
CA GLU H 347 17.64 -12.23 -29.58
C GLU H 347 18.55 -13.38 -29.17
N PHE H 348 19.36 -13.88 -30.10
CA PHE H 348 20.28 -14.96 -29.77
C PHE H 348 21.29 -14.52 -28.71
N VAL H 349 21.93 -13.38 -28.92
CA VAL H 349 22.86 -12.85 -27.93
C VAL H 349 22.15 -12.57 -26.62
N SER H 350 20.95 -12.01 -26.69
CA SER H 350 20.18 -11.74 -25.46
C SER H 350 19.98 -13.00 -24.64
N ILE H 351 19.45 -14.05 -25.27
CA ILE H 351 19.13 -15.27 -24.53
C ILE H 351 20.40 -15.94 -24.03
N MET H 352 21.45 -15.97 -24.86
CA MET H 352 22.67 -16.64 -24.44
C MET H 352 23.35 -15.89 -23.30
N LYS H 353 23.23 -14.56 -23.28
CA LYS H 353 23.76 -13.78 -22.17
C LYS H 353 22.98 -14.04 -20.90
N GLN H 354 21.64 -14.02 -20.97
CA GLN H 354 20.87 -14.25 -19.76
C GLN H 354 20.96 -15.69 -19.29
N ARG H 355 21.42 -16.61 -20.14
CA ARG H 355 21.63 -17.98 -19.71
C ARG H 355 23.04 -18.22 -19.15
N LEU H 356 24.06 -17.66 -19.79
CA LEU H 356 25.42 -17.87 -19.29
C LEU H 356 25.63 -17.24 -17.93
N MET H 357 25.00 -16.11 -17.66
CA MET H 357 25.13 -15.42 -16.38
C MET H 357 24.33 -16.07 -15.27
N ARG H 358 23.78 -17.26 -15.48
CA ARG H 358 22.97 -17.97 -14.49
C ARG H 358 21.79 -17.14 -14.01
N GLY H 359 21.36 -16.16 -14.78
CA GLY H 359 20.25 -15.31 -14.40
C GLY H 359 20.67 -13.94 -13.95
N ARG I 35 30.53 14.49 -37.68
CA ARG I 35 31.85 14.14 -38.19
C ARG I 35 32.01 14.56 -39.64
N LYS I 36 31.07 14.15 -40.49
CA LYS I 36 31.13 14.56 -41.90
C LYS I 36 31.04 16.08 -42.02
N GLN I 37 30.33 16.72 -41.09
CA GLN I 37 30.36 18.18 -41.04
C GLN I 37 31.79 18.69 -40.92
N ARG I 38 32.56 18.06 -40.03
CA ARG I 38 33.97 18.42 -39.90
C ARG I 38 34.71 18.16 -41.21
N PHE I 39 34.40 17.05 -41.87
CA PHE I 39 35.03 16.73 -43.16
C PHE I 39 34.80 17.84 -44.18
N MET I 40 33.55 18.28 -44.33
CA MET I 40 33.27 19.33 -45.30
C MET I 40 33.84 20.68 -44.88
N GLN I 41 33.86 20.97 -43.58
CA GLN I 41 34.44 22.22 -43.11
C GLN I 41 35.94 22.29 -43.32
N PHE I 42 36.65 21.17 -43.19
CA PHE I 42 38.11 21.20 -43.17
C PHE I 42 38.75 20.67 -44.44
N SER I 43 37.97 20.08 -45.35
CA SER I 43 38.52 19.58 -46.60
C SER I 43 39.05 20.74 -47.43
N SER I 44 40.25 20.59 -47.97
CA SER I 44 40.87 21.67 -48.72
C SER I 44 41.22 21.32 -50.17
N LEU I 45 41.12 20.06 -50.57
CA LEU I 45 41.29 19.69 -51.96
C LEU I 45 39.97 19.22 -52.53
N GLU I 46 39.76 19.43 -53.82
CA GLU I 46 38.56 18.94 -54.46
C GLU I 46 38.86 18.49 -55.89
N HIS I 47 38.18 17.42 -56.29
CA HIS I 47 38.26 16.89 -57.65
C HIS I 47 36.91 16.30 -57.99
N GLU I 48 36.29 16.79 -59.06
CA GLU I 48 35.04 16.25 -59.58
C GLU I 48 33.95 16.27 -58.51
N GLY I 49 33.77 17.44 -57.91
CA GLY I 49 32.76 17.56 -56.87
C GLY I 49 33.01 16.70 -55.65
N GLU I 50 34.22 16.19 -55.48
CA GLU I 50 34.57 15.33 -54.36
C GLU I 50 35.62 16.02 -53.50
N TYR I 51 35.46 15.94 -52.19
CA TYR I 51 36.33 16.62 -51.24
C TYR I 51 37.46 15.71 -50.78
N TYR I 52 38.57 16.32 -50.37
CA TYR I 52 39.76 15.58 -49.98
C TYR I 52 40.51 16.40 -48.94
N MET I 53 41.20 15.70 -48.04
CA MET I 53 42.01 16.31 -47.00
C MET I 53 43.49 16.04 -47.25
N THR I 54 44.32 17.01 -46.89
CA THR I 54 45.74 16.79 -46.77
C THR I 54 46.09 16.33 -45.36
N PRO I 55 47.24 15.69 -45.17
CA PRO I 55 47.64 15.34 -43.79
C PRO I 55 47.67 16.54 -42.86
N ARG I 56 48.07 17.71 -43.38
CA ARG I 56 48.02 18.93 -42.57
C ARG I 56 46.58 19.30 -42.23
N ASP I 57 45.71 19.29 -43.24
CA ASP I 57 44.28 19.48 -43.01
C ASP I 57 43.76 18.48 -41.99
N PHE I 58 44.17 17.22 -42.13
CA PHE I 58 43.64 16.18 -41.25
C PHE I 58 44.08 16.42 -39.80
N LEU I 59 45.35 16.76 -39.61
CA LEU I 59 45.84 17.05 -38.26
C LEU I 59 45.11 18.25 -37.67
N PHE I 60 44.93 19.31 -38.45
CA PHE I 60 44.24 20.47 -37.92
C PHE I 60 42.78 20.16 -37.66
N SER I 61 42.23 19.16 -38.35
CA SER I 61 40.87 18.74 -38.08
C SER I 61 40.77 17.94 -36.80
N VAL I 62 41.73 17.05 -36.55
CA VAL I 62 41.66 16.26 -35.32
C VAL I 62 42.02 17.11 -34.11
N MET I 63 42.67 18.26 -34.31
CA MET I 63 42.98 19.10 -33.16
C MET I 63 41.93 20.16 -32.87
N PHE I 64 41.21 20.65 -33.88
CA PHE I 64 40.32 21.79 -33.70
C PHE I 64 38.96 21.50 -34.31
N GLU I 65 37.97 22.27 -33.85
CA GLU I 65 36.60 22.16 -34.34
C GLU I 65 36.33 23.07 -35.53
N GLN I 66 36.92 24.27 -35.53
CA GLN I 66 36.73 25.25 -36.56
C GLN I 66 38.05 25.53 -37.27
N MET I 67 37.96 25.97 -38.52
CA MET I 67 39.15 26.26 -39.30
C MET I 67 39.69 27.64 -38.93
N GLU I 68 41.02 27.75 -38.92
CA GLU I 68 41.67 28.99 -38.50
C GLU I 68 41.54 30.05 -39.58
N ARG I 69 41.87 29.70 -40.82
CA ARG I 69 41.75 30.60 -41.96
C ARG I 69 40.70 30.03 -42.90
N LYS I 70 39.64 30.80 -43.15
CA LYS I 70 38.52 30.34 -43.97
C LYS I 70 38.91 30.35 -45.45
N THR I 71 39.85 29.48 -45.79
CA THR I 71 40.31 29.39 -47.18
C THR I 71 39.30 28.63 -48.02
N SER I 72 39.16 29.04 -49.27
CA SER I 72 38.23 28.37 -50.17
C SER I 72 38.79 27.02 -50.58
N VAL I 73 37.88 26.08 -50.83
CA VAL I 73 38.31 24.74 -51.26
C VAL I 73 38.90 24.85 -52.66
N LYS I 74 40.20 24.59 -52.79
CA LYS I 74 40.82 24.59 -54.11
C LYS I 74 40.27 23.44 -54.93
N LYS I 75 39.77 23.74 -56.13
CA LYS I 75 39.25 22.73 -57.03
C LYS I 75 40.37 22.28 -57.95
N LEU I 76 40.82 21.03 -57.78
CA LEU I 76 41.99 20.50 -58.47
C LEU I 76 41.56 19.46 -59.50
N THR I 77 42.43 19.24 -60.48
CA THR I 77 42.18 18.31 -61.57
C THR I 77 42.88 16.99 -61.36
N LYS I 78 42.49 16.01 -62.19
CA LYS I 78 43.02 14.65 -62.13
C LYS I 78 44.55 14.63 -62.15
N LYS I 79 45.16 15.29 -63.12
CA LYS I 79 46.62 15.34 -63.19
C LYS I 79 47.20 15.96 -61.93
N ASP I 80 46.61 17.06 -61.47
CA ASP I 80 47.11 17.73 -60.28
C ASP I 80 46.97 16.86 -59.05
N ILE I 81 45.82 16.20 -58.87
CA ILE I 81 45.65 15.37 -57.67
C ILE I 81 46.55 14.14 -57.73
N GLU I 82 46.93 13.69 -58.93
CA GLU I 82 47.99 12.68 -59.00
C GLU I 82 49.33 13.28 -58.60
N ASP I 83 49.58 14.53 -58.96
CA ASP I 83 50.89 15.11 -58.65
C ASP I 83 51.04 15.36 -57.15
N THR I 84 49.92 15.58 -56.45
CA THR I 84 49.99 15.81 -55.01
C THR I 84 50.61 14.62 -54.29
N LEU I 85 50.36 13.40 -54.77
CA LEU I 85 50.92 12.18 -54.18
C LEU I 85 52.16 11.67 -54.89
N SER I 86 52.67 12.38 -55.90
CA SER I 86 53.93 11.99 -56.51
C SER I 86 55.09 12.11 -55.52
N GLY I 87 55.30 13.29 -54.97
CA GLY I 87 56.45 13.56 -54.13
C GLY I 87 56.38 13.04 -52.71
N ILE I 88 55.98 11.77 -52.54
CA ILE I 88 55.93 11.18 -51.20
C ILE I 88 56.94 10.05 -51.13
N GLN I 89 56.99 9.33 -50.01
CA GLN I 89 57.99 8.33 -49.63
C GLN I 89 59.27 8.99 -49.16
N THR I 90 59.36 10.32 -49.21
CA THR I 90 60.41 11.05 -48.50
C THR I 90 60.16 11.09 -47.01
N ALA I 91 58.95 10.74 -46.57
CA ALA I 91 58.58 10.80 -45.17
C ALA I 91 59.08 9.59 -44.40
N GLY I 92 59.56 9.85 -43.19
CA GLY I 92 59.98 8.78 -42.30
C GLY I 92 58.79 7.93 -41.89
N CYS I 93 58.95 6.61 -41.96
CA CYS I 93 57.86 5.68 -41.70
C CYS I 93 57.70 5.37 -40.21
N GLY I 94 58.15 6.28 -39.34
CA GLY I 94 57.98 6.13 -37.92
C GLY I 94 56.84 6.97 -37.38
N SER I 95 57.08 7.70 -36.30
CA SER I 95 56.06 8.51 -35.66
C SER I 95 55.95 9.92 -36.24
N THR I 96 56.74 10.25 -37.26
CA THR I 96 56.59 11.53 -37.95
C THR I 96 55.94 11.39 -39.31
N PHE I 97 55.23 10.27 -39.54
CA PHE I 97 54.72 9.96 -40.88
C PHE I 97 53.80 11.07 -41.38
N PHE I 98 52.73 11.35 -40.64
CA PHE I 98 51.73 12.30 -41.11
C PHE I 98 52.32 13.69 -41.17
N ARG I 99 53.07 14.08 -40.13
CA ARG I 99 53.67 15.41 -40.12
C ARG I 99 54.61 15.58 -41.30
N ASP I 100 55.40 14.56 -41.62
CA ASP I 100 56.33 14.65 -42.74
C ASP I 100 55.57 14.75 -44.06
N LEU I 101 54.38 14.17 -44.14
CA LEU I 101 53.65 14.26 -45.40
C LEU I 101 53.09 15.66 -45.63
N GLY I 102 52.85 16.42 -44.57
CA GLY I 102 52.42 17.80 -44.72
C GLY I 102 51.10 17.96 -45.44
N ASP I 103 51.15 18.69 -46.56
CA ASP I 103 50.01 18.85 -47.46
C ASP I 103 50.00 17.82 -48.58
N LYS I 104 51.07 17.03 -48.71
CA LYS I 104 51.24 16.08 -49.81
C LYS I 104 50.54 14.76 -49.49
N GLY I 105 49.21 14.78 -49.54
CA GLY I 105 48.45 13.57 -49.33
C GLY I 105 46.98 13.75 -49.64
N LEU I 106 46.30 12.61 -49.80
CA LEU I 106 44.92 12.54 -50.26
C LEU I 106 44.12 11.63 -49.35
N ILE I 107 42.94 12.09 -48.94
CA ILE I 107 42.05 11.32 -48.08
C ILE I 107 40.67 11.30 -48.70
N SER I 108 40.14 10.10 -48.95
CA SER I 108 38.74 9.94 -49.31
C SER I 108 37.90 10.03 -48.04
N TYR I 109 36.72 10.65 -48.16
CA TYR I 109 35.83 10.80 -47.00
C TYR I 109 35.74 9.54 -46.15
N THR I 110 35.65 8.38 -46.79
CA THR I 110 35.57 7.14 -46.02
C THR I 110 36.84 6.92 -45.19
N GLU I 111 38.01 7.18 -45.78
CA GLU I 111 39.26 7.03 -45.04
C GLU I 111 39.29 7.92 -43.81
N TYR I 112 38.82 9.16 -43.93
CA TYR I 112 38.84 10.05 -42.79
C TYR I 112 37.99 9.50 -41.66
N LEU I 113 36.89 8.83 -41.98
CA LEU I 113 36.10 8.19 -40.93
C LEU I 113 36.88 7.06 -40.27
N PHE I 114 37.67 6.32 -41.06
CA PHE I 114 38.39 5.17 -40.53
C PHE I 114 39.49 5.58 -39.55
N LEU I 115 40.12 6.73 -39.78
CA LEU I 115 41.11 7.22 -38.83
C LEU I 115 40.46 7.64 -37.52
N LEU I 116 39.37 8.39 -37.60
CA LEU I 116 38.69 8.86 -36.40
C LEU I 116 38.34 7.73 -35.46
N THR I 117 37.83 6.60 -35.98
CA THR I 117 37.49 5.52 -35.07
C THR I 117 38.74 4.96 -34.40
N ILE I 118 39.86 4.90 -35.12
CA ILE I 118 41.11 4.47 -34.51
C ILE I 118 41.51 5.39 -33.37
N LEU I 119 41.36 6.70 -33.56
CA LEU I 119 41.64 7.64 -32.48
C LEU I 119 40.71 7.43 -31.29
N THR I 120 39.40 7.40 -31.53
CA THR I 120 38.47 7.33 -30.41
C THR I 120 38.36 5.92 -29.84
N LYS I 121 38.14 4.92 -30.71
CA LYS I 121 37.85 3.58 -30.24
C LYS I 121 39.10 2.93 -29.64
N PRO I 122 38.94 1.98 -28.72
CA PRO I 122 40.05 1.09 -28.40
C PRO I 122 40.37 0.16 -29.55
N HIS I 123 41.64 -0.23 -29.62
CA HIS I 123 42.17 -0.95 -30.77
C HIS I 123 41.67 -2.39 -30.88
N SER I 124 41.27 -3.01 -29.78
CA SER I 124 40.97 -4.44 -29.79
C SER I 124 39.86 -4.79 -30.78
N GLY I 125 38.87 -3.92 -30.94
CA GLY I 125 37.80 -4.22 -31.87
C GLY I 125 38.28 -4.44 -33.28
N PHE I 126 39.28 -3.66 -33.70
CA PHE I 126 39.82 -3.82 -35.04
C PHE I 126 40.45 -5.18 -35.19
N HIS I 127 41.10 -5.67 -34.14
CA HIS I 127 41.67 -7.01 -34.18
C HIS I 127 40.60 -8.05 -34.42
N VAL I 128 39.42 -7.88 -33.81
CA VAL I 128 38.35 -8.84 -34.03
C VAL I 128 37.98 -8.84 -35.51
N ALA I 129 37.96 -7.67 -36.14
CA ALA I 129 37.64 -7.62 -37.56
C ALA I 129 38.68 -8.36 -38.38
N PHE I 130 39.96 -8.20 -38.00
CA PHE I 130 41.01 -8.93 -38.70
C PHE I 130 40.77 -10.43 -38.63
N LYS I 131 40.26 -10.91 -37.49
CA LYS I 131 39.94 -12.32 -37.40
C LYS I 131 38.77 -12.69 -38.32
N MET I 132 37.71 -11.87 -38.31
CA MET I 132 36.51 -12.20 -39.08
C MET I 132 36.74 -12.21 -40.57
N LEU I 133 37.60 -11.32 -41.08
CA LEU I 133 37.75 -11.20 -42.52
C LEU I 133 38.36 -12.45 -43.14
N ASP I 134 39.49 -12.90 -42.60
CA ASP I 134 40.21 -14.02 -43.18
C ASP I 134 40.57 -15.01 -42.07
N THR I 135 40.41 -16.29 -42.36
CA THR I 135 40.70 -17.36 -41.43
C THR I 135 41.94 -18.12 -41.87
N ASP I 136 42.80 -18.45 -40.91
CA ASP I 136 44.02 -19.22 -41.16
C ASP I 136 44.89 -18.52 -42.20
N GLY I 137 45.00 -17.19 -42.09
CA GLY I 137 45.80 -16.43 -43.02
C GLY I 137 46.49 -15.27 -42.33
N ASN I 138 47.40 -14.63 -43.08
CA ASN I 138 48.05 -13.41 -42.64
C ASN I 138 47.09 -12.24 -42.49
N GLU I 139 45.82 -12.39 -42.90
CA GLU I 139 44.82 -11.33 -42.89
C GLU I 139 45.12 -10.24 -43.93
N MET I 140 45.48 -10.66 -45.13
CA MET I 140 45.76 -9.74 -46.22
C MET I 140 44.46 -9.19 -46.80
N ILE I 141 44.54 -7.95 -47.29
CA ILE I 141 43.41 -7.27 -47.90
C ILE I 141 43.82 -6.74 -49.27
N GLU I 142 42.93 -6.88 -50.25
CA GLU I 142 43.09 -6.22 -51.52
C GLU I 142 42.70 -4.75 -51.40
N LYS I 143 42.94 -4.00 -52.47
CA LYS I 143 42.51 -2.60 -52.50
C LYS I 143 41.01 -2.48 -52.24
N ARG I 144 40.21 -3.37 -52.85
CA ARG I 144 38.78 -3.36 -52.61
C ARG I 144 38.44 -3.82 -51.20
N GLU I 145 39.16 -4.84 -50.71
CA GLU I 145 38.93 -5.30 -49.34
C GLU I 145 39.24 -4.20 -48.33
N PHE I 146 40.19 -3.33 -48.65
CA PHE I 146 40.48 -2.21 -47.76
C PHE I 146 39.26 -1.30 -47.65
N PHE I 147 38.60 -1.05 -48.79
CA PHE I 147 37.36 -0.26 -48.78
C PHE I 147 36.28 -0.95 -47.98
N LYS I 148 36.13 -2.26 -48.16
CA LYS I 148 35.18 -3.02 -47.35
C LYS I 148 35.46 -2.86 -45.86
N LEU I 149 36.73 -3.00 -45.47
CA LEU I 149 37.11 -2.81 -44.08
C LEU I 149 36.73 -1.42 -43.58
N GLN I 150 36.96 -0.39 -44.39
CA GLN I 150 36.59 0.95 -43.96
C GLN I 150 35.09 1.06 -43.78
N LYS I 151 34.33 0.51 -44.73
CA LYS I 151 32.88 0.67 -44.70
C LYS I 151 32.25 -0.09 -43.54
N ILE I 152 32.82 -1.23 -43.15
CA ILE I 152 32.27 -1.96 -42.01
C ILE I 152 32.71 -1.37 -40.68
N ILE I 153 34.01 -1.06 -40.53
CA ILE I 153 34.50 -0.66 -39.21
C ILE I 153 33.83 0.64 -38.74
N SER I 154 33.69 1.60 -39.64
CA SER I 154 33.22 2.94 -39.28
C SER I 154 31.71 3.08 -39.30
N LYS I 155 30.97 1.99 -39.23
CA LYS I 155 29.51 2.07 -39.32
C LYS I 155 28.91 2.31 -37.94
N PRO I 177 36.60 0.66 -59.37
CA PRO I 177 37.92 1.29 -59.37
C PRO I 177 37.93 2.60 -58.58
N GLU I 178 39.13 3.09 -58.27
CA GLU I 178 39.36 4.19 -57.34
C GLU I 178 40.79 4.65 -57.49
N ILE I 179 41.04 5.88 -57.05
CA ILE I 179 42.38 6.46 -57.13
C ILE I 179 43.27 5.83 -56.07
N ASN I 180 44.58 5.87 -56.33
CA ASN I 180 45.53 5.35 -55.35
C ASN I 180 45.58 6.31 -54.16
N THR I 181 45.89 5.76 -52.99
CA THR I 181 45.94 6.56 -51.77
C THR I 181 47.18 6.19 -50.97
N THR I 182 47.47 7.05 -50.00
CA THR I 182 48.68 6.89 -49.20
C THR I 182 48.66 5.58 -48.41
N LEU I 183 47.52 5.25 -47.80
CA LEU I 183 47.43 4.00 -47.05
C LEU I 183 47.61 2.79 -47.95
N GLN I 184 46.92 2.75 -49.08
CA GLN I 184 47.04 1.60 -49.97
C GLN I 184 48.45 1.44 -50.50
N MET I 185 49.05 2.53 -50.97
CA MET I 185 50.39 2.46 -51.52
C MET I 185 51.40 2.10 -50.46
N ARG I 186 51.26 2.65 -49.25
CA ARG I 186 52.18 2.32 -48.16
C ARG I 186 52.08 0.86 -47.77
N PHE I 187 50.84 0.34 -47.65
CA PHE I 187 50.64 -0.99 -47.09
C PHE I 187 50.88 -2.10 -48.10
N PHE I 188 50.53 -1.88 -49.36
CA PHE I 188 50.56 -2.94 -50.38
C PHE I 188 51.62 -2.69 -51.43
N GLY I 189 52.55 -1.77 -51.21
CA GLY I 189 53.46 -1.36 -52.24
C GLY I 189 52.78 -0.42 -53.23
N LYS I 190 53.54 -0.09 -54.28
CA LYS I 190 53.06 0.94 -55.21
C LYS I 190 51.84 0.46 -55.99
N ARG I 191 51.84 -0.81 -56.43
CA ARG I 191 50.79 -1.34 -57.28
C ARG I 191 50.03 -2.49 -56.62
N GLY I 192 50.01 -2.55 -55.30
CA GLY I 192 49.29 -3.61 -54.60
C GLY I 192 49.97 -4.96 -54.64
N GLN I 193 51.30 -4.98 -54.54
CA GLN I 193 52.09 -6.21 -54.60
C GLN I 193 52.25 -6.87 -53.23
N ARG I 194 52.56 -6.07 -52.21
CA ARG I 194 52.65 -6.56 -50.85
C ARG I 194 51.26 -6.67 -50.23
N LYS I 195 51.18 -7.32 -49.08
CA LYS I 195 49.91 -7.50 -48.38
C LYS I 195 50.03 -6.97 -46.96
N LEU I 196 48.89 -6.66 -46.36
CA LEU I 196 48.83 -6.10 -45.01
C LEU I 196 48.86 -7.19 -43.95
N HIS I 197 50.00 -7.33 -43.28
CA HIS I 197 50.12 -8.23 -42.15
C HIS I 197 49.77 -7.45 -40.88
N TYR I 198 48.87 -8.01 -40.08
CA TYR I 198 48.28 -7.37 -38.92
C TYR I 198 49.26 -6.52 -38.12
N LYS I 199 50.47 -7.06 -37.89
CA LYS I 199 51.46 -6.35 -37.07
C LYS I 199 51.84 -5.00 -37.66
N GLU I 200 51.92 -4.85 -38.98
CA GLU I 200 52.20 -3.54 -39.54
C GLU I 200 51.08 -2.56 -39.22
N PHE I 201 49.83 -3.02 -39.29
CA PHE I 201 48.71 -2.13 -38.95
C PHE I 201 48.76 -1.75 -37.47
N ARG I 202 49.14 -2.70 -36.61
CA ARG I 202 49.23 -2.39 -35.19
C ARG I 202 50.33 -1.35 -34.93
N ARG I 203 51.48 -1.53 -35.57
CA ARG I 203 52.55 -0.53 -35.51
C ARG I 203 52.09 0.82 -36.01
N PHE I 204 51.37 0.85 -37.14
CA PHE I 204 50.92 2.12 -37.70
C PHE I 204 49.95 2.82 -36.77
N MET I 205 49.03 2.07 -36.16
CA MET I 205 48.10 2.66 -35.21
C MET I 205 48.84 3.20 -34.00
N GLU I 206 49.84 2.47 -33.51
CA GLU I 206 50.64 2.96 -32.40
C GLU I 206 51.36 4.25 -32.78
N ASN I 207 51.95 4.29 -33.98
CA ASN I 207 52.64 5.49 -34.42
C ASN I 207 51.67 6.66 -34.56
N LEU I 208 50.43 6.39 -34.96
CA LEU I 208 49.45 7.47 -35.06
C LEU I 208 49.12 8.03 -33.68
N GLN I 209 48.79 7.14 -32.74
CA GLN I 209 48.57 7.57 -31.35
C GLN I 209 49.74 8.41 -30.86
N THR I 210 50.95 7.90 -31.02
CA THR I 210 52.13 8.57 -30.49
C THR I 210 52.32 9.93 -31.15
N GLU I 211 52.11 10.02 -32.47
CA GLU I 211 52.33 11.28 -33.17
C GLU I 211 51.32 12.33 -32.73
N ILE I 212 50.05 11.95 -32.62
CA ILE I 212 49.06 12.95 -32.21
C ILE I 212 49.32 13.36 -30.77
N GLN I 213 49.77 12.44 -29.91
CA GLN I 213 50.07 12.80 -28.54
C GLN I 213 51.27 13.75 -28.47
N GLU I 214 52.32 13.48 -29.24
CA GLU I 214 53.46 14.39 -29.28
C GLU I 214 53.04 15.77 -29.79
N MET I 215 52.10 15.81 -30.74
CA MET I 215 51.60 17.07 -31.23
C MET I 215 50.82 17.82 -30.15
N GLU I 216 50.04 17.08 -29.35
CA GLU I 216 49.33 17.72 -28.24
C GLU I 216 50.30 18.29 -27.23
N PHE I 217 51.36 17.54 -26.92
CA PHE I 217 52.34 18.03 -25.95
C PHE I 217 53.06 19.27 -26.47
N LEU I 218 53.40 19.28 -27.75
CA LEU I 218 54.01 20.48 -28.31
C LEU I 218 53.03 21.66 -28.31
N GLN I 219 51.76 21.40 -28.65
CA GLN I 219 50.81 22.49 -28.78
C GLN I 219 50.47 23.11 -27.43
N PHE I 220 50.51 22.32 -26.35
CA PHE I 220 50.33 22.91 -25.02
C PHE I 220 51.64 23.49 -24.48
N SER I 221 52.78 22.93 -24.86
CA SER I 221 54.07 23.44 -24.42
C SER I 221 54.40 24.77 -25.09
N LYS I 222 53.90 24.98 -26.30
CA LYS I 222 54.29 26.12 -27.15
C LYS I 222 55.77 26.03 -27.52
N GLY I 223 56.24 24.82 -27.73
CA GLY I 223 57.64 24.54 -28.03
C GLY I 223 58.59 24.83 -26.89
N LEU I 224 58.20 24.50 -25.67
CA LEU I 224 59.05 24.70 -24.50
C LEU I 224 59.77 23.43 -24.05
N SER I 225 59.53 22.30 -24.71
CA SER I 225 60.18 21.02 -24.49
C SER I 225 59.80 20.38 -23.16
N PHE I 226 58.95 21.03 -22.37
CA PHE I 226 58.45 20.49 -21.11
C PHE I 226 57.16 21.22 -20.80
N MET I 227 56.38 20.67 -19.89
CA MET I 227 55.14 21.32 -19.53
C MET I 227 55.25 21.97 -18.15
N ARG I 228 54.17 22.62 -17.79
CA ARG I 228 53.91 23.22 -16.49
C ARG I 228 52.58 22.64 -16.03
N LYS I 229 52.49 22.24 -14.78
CA LYS I 229 51.33 21.45 -14.37
C LYS I 229 50.01 22.21 -14.51
N GLU I 230 50.02 23.54 -14.48
CA GLU I 230 48.79 24.27 -14.82
C GLU I 230 48.37 23.98 -16.26
N ASP I 231 49.33 23.93 -17.19
CA ASP I 231 48.99 23.58 -18.56
C ASP I 231 48.47 22.16 -18.66
N PHE I 232 49.05 21.24 -17.88
CA PHE I 232 48.52 19.88 -17.84
C PHE I 232 47.08 19.89 -17.36
N ALA I 233 46.78 20.68 -16.33
CA ALA I 233 45.41 20.78 -15.86
C ALA I 233 44.50 21.30 -16.95
N GLU I 234 44.99 22.26 -17.73
CA GLU I 234 44.20 22.80 -18.83
C GLU I 234 43.92 21.71 -19.85
N TRP I 235 44.94 20.95 -20.21
CA TRP I 235 44.75 19.84 -21.15
C TRP I 235 43.76 18.83 -20.61
N LEU I 236 43.77 18.62 -19.30
CA LEU I 236 42.92 17.61 -18.69
C LEU I 236 41.45 18.03 -18.70
N LEU I 237 41.17 19.22 -18.19
CA LEU I 237 39.80 19.69 -18.03
C LEU I 237 39.25 20.37 -19.28
N PHE I 238 40.03 20.44 -20.36
CA PHE I 238 39.70 21.30 -21.49
C PHE I 238 38.34 20.96 -22.09
N PHE I 239 38.14 19.71 -22.48
CA PHE I 239 36.94 19.36 -23.22
C PHE I 239 35.69 19.43 -22.37
N THR I 240 35.82 19.29 -21.05
CA THR I 240 34.64 19.26 -20.18
C THR I 240 34.06 20.66 -20.03
N ASN I 241 33.12 21.01 -20.92
CA ASN I 241 32.56 22.35 -20.97
C ASN I 241 31.47 22.59 -19.93
N THR I 242 30.91 21.53 -19.35
CA THR I 242 29.91 21.70 -18.30
C THR I 242 30.51 22.47 -17.13
N GLU I 243 29.79 23.48 -16.67
CA GLU I 243 30.39 24.47 -15.77
C GLU I 243 30.57 23.88 -14.38
N ASN I 244 31.78 23.40 -14.11
CA ASN I 244 32.26 23.19 -12.76
C ASN I 244 33.73 23.57 -12.64
N LYS I 245 34.33 24.09 -13.72
CA LYS I 245 35.77 24.25 -13.85
C LYS I 245 36.35 25.26 -12.87
N ASP I 246 35.55 26.19 -12.36
CA ASP I 246 36.08 27.24 -11.50
C ASP I 246 36.68 26.66 -10.22
N ILE I 247 35.91 25.81 -9.52
CA ILE I 247 36.39 25.24 -8.27
C ILE I 247 37.60 24.34 -8.51
N TYR I 248 37.58 23.58 -9.61
CA TYR I 248 38.73 22.76 -9.95
C TYR I 248 39.97 23.61 -10.18
N TRP I 249 39.82 24.70 -10.94
CA TRP I 249 40.94 25.61 -11.17
C TRP I 249 41.46 26.18 -9.87
N LYS I 250 40.56 26.57 -8.97
CA LYS I 250 41.00 27.08 -7.68
C LYS I 250 41.81 26.02 -6.93
N ASN I 251 41.29 24.79 -6.90
CA ASN I 251 41.98 23.73 -6.16
C ASN I 251 43.35 23.42 -6.74
N VAL I 252 43.45 23.35 -8.07
CA VAL I 252 44.74 23.04 -8.69
C VAL I 252 45.70 24.20 -8.46
N ARG I 253 45.24 25.44 -8.61
CA ARG I 253 46.14 26.58 -8.44
C ARG I 253 46.64 26.66 -7.02
N GLU I 254 45.81 26.29 -6.05
CA GLU I 254 46.29 26.23 -4.67
C GLU I 254 47.28 25.09 -4.48
N LYS I 255 47.01 23.94 -5.11
CA LYS I 255 47.75 22.70 -4.84
C LYS I 255 48.69 22.28 -5.97
N LEU I 256 49.17 23.21 -6.80
CA LEU I 256 50.08 22.81 -7.88
C LEU I 256 51.54 23.13 -7.60
N SER I 257 51.83 24.20 -6.86
CA SER I 257 53.20 24.58 -6.50
C SER I 257 54.05 24.82 -7.75
N ALA I 258 53.72 25.91 -8.44
CA ALA I 258 54.26 26.19 -9.77
C ALA I 258 55.79 26.09 -9.79
N GLY I 259 56.33 25.59 -10.90
CA GLY I 259 57.73 25.25 -11.03
C GLY I 259 58.00 23.79 -11.24
N GLU I 260 57.02 22.92 -11.02
CA GLU I 260 57.16 21.49 -11.28
C GLU I 260 56.84 21.22 -12.73
N SER I 261 57.41 20.14 -13.27
CA SER I 261 57.32 19.89 -14.69
C SER I 261 57.12 18.40 -14.94
N ILE I 262 56.61 18.09 -16.13
CA ILE I 262 56.51 16.72 -16.61
C ILE I 262 56.96 16.69 -18.06
N SER I 263 57.50 15.56 -18.47
CA SER I 263 58.05 15.39 -19.81
C SER I 263 57.11 14.54 -20.65
N LEU I 264 57.52 14.26 -21.88
CA LEU I 264 56.62 13.63 -22.84
C LEU I 264 56.25 12.22 -22.42
N ASP I 265 57.18 11.49 -21.79
CA ASP I 265 56.88 10.12 -21.38
C ASP I 265 55.72 10.09 -20.39
N GLU I 266 55.71 11.01 -19.43
CA GLU I 266 54.59 11.08 -18.49
C GLU I 266 53.29 11.32 -19.25
N PHE I 267 53.30 12.23 -20.21
CA PHE I 267 52.08 12.56 -20.92
C PHE I 267 51.55 11.35 -21.69
N LYS I 268 52.45 10.64 -22.35
CA LYS I 268 52.06 9.45 -23.11
C LYS I 268 51.47 8.41 -22.19
N SER I 269 52.13 8.17 -21.04
CA SER I 269 51.63 7.18 -20.11
C SER I 269 50.25 7.56 -19.58
N PHE I 270 50.03 8.85 -19.35
CA PHE I 270 48.72 9.21 -18.82
C PHE I 270 47.64 9.07 -19.90
N CYS I 271 47.97 9.36 -21.15
CA CYS I 271 46.99 9.13 -22.21
C CYS I 271 46.65 7.64 -22.32
N HIS I 272 47.67 6.77 -22.19
CA HIS I 272 47.40 5.34 -22.14
C HIS I 272 46.42 4.99 -21.03
N PHE I 273 46.69 5.49 -19.82
CA PHE I 273 45.74 5.27 -18.74
C PHE I 273 44.33 5.72 -19.14
N THR I 274 44.24 6.88 -19.80
CA THR I 274 42.96 7.36 -20.29
C THR I 274 42.28 6.30 -21.14
N THR I 275 43.07 5.61 -21.97
CA THR I 275 42.48 4.57 -22.81
C THR I 275 42.06 3.32 -22.02
N HIS I 276 42.61 3.08 -20.83
CA HIS I 276 42.26 1.88 -20.07
C HIS I 276 41.23 2.07 -18.96
N LEU I 277 40.57 3.23 -18.88
CA LEU I 277 39.90 3.68 -17.65
C LEU I 277 38.89 2.73 -16.99
N GLU I 278 38.37 1.70 -17.67
CA GLU I 278 37.22 1.02 -17.09
C GLU I 278 37.59 0.25 -15.81
N ASP I 279 38.75 -0.40 -15.81
CA ASP I 279 39.20 -1.13 -14.64
C ASP I 279 39.36 -0.23 -13.44
N PHE I 280 39.78 1.02 -13.67
CA PHE I 280 39.81 2.01 -12.60
C PHE I 280 38.44 2.19 -11.97
N ALA I 281 37.39 2.27 -12.79
CA ALA I 281 36.05 2.41 -12.26
C ALA I 281 35.64 1.19 -11.44
N ILE I 282 35.96 -0.01 -11.92
CA ILE I 282 35.60 -1.20 -11.15
C ILE I 282 36.33 -1.21 -9.82
N ALA I 283 37.61 -0.85 -9.80
CA ALA I 283 38.36 -0.84 -8.55
C ALA I 283 37.82 0.21 -7.56
N MET I 284 37.44 1.39 -8.06
CA MET I 284 36.87 2.40 -7.17
C MET I 284 35.52 1.95 -6.63
N GLN I 285 34.70 1.32 -7.46
CA GLN I 285 33.43 0.77 -6.98
C GLN I 285 33.67 -0.26 -5.88
N MET I 286 34.68 -1.11 -6.06
CA MET I 286 34.98 -2.11 -5.04
C MET I 286 35.44 -1.45 -3.74
N PHE I 287 36.23 -0.38 -3.84
CA PHE I 287 36.62 0.35 -2.64
C PHE I 287 35.42 0.97 -1.95
N SER I 288 34.49 1.52 -2.74
CA SER I 288 33.29 2.11 -2.14
C SER I 288 32.46 1.06 -1.41
N LEU I 289 32.32 -0.12 -2.00
CA LEU I 289 31.66 -1.21 -1.30
C LEU I 289 32.41 -1.58 -0.03
N ALA I 290 33.75 -1.48 -0.06
CA ALA I 290 34.52 -1.63 1.16
C ALA I 290 34.24 -0.51 2.15
N HIS I 291 33.78 0.64 1.65
CA HIS I 291 33.44 1.80 2.49
C HIS I 291 34.66 2.35 3.20
N ARG I 292 35.80 2.32 2.52
CA ARG I 292 36.99 3.02 2.94
C ARG I 292 37.23 4.19 2.00
N PRO I 293 37.48 5.38 2.50
CA PRO I 293 37.76 6.51 1.61
C PRO I 293 39.01 6.26 0.78
N VAL I 294 38.86 6.40 -0.54
CA VAL I 294 39.98 6.14 -1.44
C VAL I 294 41.05 7.19 -1.18
N ARG I 295 42.29 6.76 -1.12
CA ARG I 295 43.40 7.65 -0.80
C ARG I 295 44.42 7.57 -1.91
N LEU I 296 45.35 8.52 -1.89
CA LEU I 296 46.27 8.68 -3.01
C LEU I 296 47.00 7.37 -3.29
N ALA I 297 47.49 6.69 -2.24
CA ALA I 297 48.14 5.40 -2.43
C ALA I 297 47.18 4.37 -3.03
N GLU I 298 45.91 4.39 -2.62
CA GLU I 298 44.95 3.46 -3.20
C GLU I 298 44.70 3.78 -4.66
N PHE I 299 44.65 5.07 -5.00
CA PHE I 299 44.51 5.48 -6.39
C PHE I 299 45.68 5.00 -7.22
N LYS I 300 46.90 5.12 -6.69
CA LYS I 300 48.07 4.61 -7.40
C LYS I 300 48.00 3.11 -7.59
N ARG I 301 47.49 2.39 -6.58
CA ARG I 301 47.34 0.95 -6.72
C ARG I 301 46.33 0.59 -7.81
N ALA I 302 45.22 1.33 -7.87
CA ALA I 302 44.23 1.10 -8.91
C ALA I 302 44.79 1.41 -10.29
N VAL I 303 45.59 2.47 -10.40
CA VAL I 303 46.22 2.80 -11.67
C VAL I 303 47.19 1.69 -12.10
N LYS I 304 48.01 1.22 -11.16
CA LYS I 304 48.92 0.13 -11.49
C LYS I 304 48.18 -1.12 -11.92
N VAL I 305 47.00 -1.38 -11.34
CA VAL I 305 46.21 -2.54 -11.76
C VAL I 305 45.66 -2.33 -13.16
N ALA I 306 45.02 -1.18 -13.40
CA ALA I 306 44.38 -0.91 -14.69
C ALA I 306 45.39 -0.86 -15.82
N THR I 307 46.33 0.08 -15.76
CA THR I 307 47.28 0.26 -16.86
C THR I 307 48.29 -0.87 -16.95
N GLY I 308 48.64 -1.49 -15.83
CA GLY I 308 49.75 -2.42 -15.83
C GLY I 308 51.12 -1.77 -15.85
N GLN I 309 51.20 -0.48 -15.57
CA GLN I 309 52.45 0.26 -15.53
C GLN I 309 52.54 1.02 -14.22
N GLU I 310 53.73 1.50 -13.90
CA GLU I 310 53.99 2.24 -12.67
C GLU I 310 54.25 3.71 -13.04
N LEU I 311 53.20 4.53 -12.96
CA LEU I 311 53.35 5.95 -13.22
C LEU I 311 54.21 6.60 -12.14
N SER I 312 54.61 7.84 -12.42
CA SER I 312 55.45 8.61 -11.52
C SER I 312 54.64 9.15 -10.35
N ASN I 313 55.36 9.48 -9.27
CA ASN I 313 54.72 10.04 -8.09
C ASN I 313 54.14 11.42 -8.37
N ASN I 314 54.90 12.28 -9.07
CA ASN I 314 54.48 13.68 -9.22
C ASN I 314 53.17 13.77 -10.01
N ILE I 315 53.09 13.08 -11.14
CA ILE I 315 51.91 13.15 -12.00
C ILE I 315 50.68 12.64 -11.26
N LEU I 316 50.77 11.45 -10.64
CA LEU I 316 49.61 10.88 -9.97
C LEU I 316 49.22 11.68 -8.74
N ASP I 317 50.20 12.21 -8.01
CA ASP I 317 49.90 13.08 -6.88
C ASP I 317 49.17 14.33 -7.34
N THR I 318 49.63 14.91 -8.45
CA THR I 318 48.95 16.07 -9.02
C THR I 318 47.50 15.72 -9.36
N VAL I 319 47.28 14.57 -9.99
CA VAL I 319 45.93 14.22 -10.40
C VAL I 319 45.04 13.96 -9.18
N PHE I 320 45.57 13.31 -8.15
CA PHE I 320 44.79 13.12 -6.92
C PHE I 320 44.45 14.46 -6.28
N LYS I 321 45.38 15.41 -6.32
CA LYS I 321 45.13 16.71 -5.71
C LYS I 321 44.04 17.47 -6.47
N ILE I 322 44.10 17.47 -7.80
CA ILE I 322 43.16 18.27 -8.58
C ILE I 322 41.73 17.80 -8.35
N PHE I 323 41.50 16.50 -8.44
CA PHE I 323 40.17 15.95 -8.25
C PHE I 323 39.85 15.60 -6.80
N ASP I 324 40.55 16.22 -5.86
CA ASP I 324 40.19 16.14 -4.45
C ASP I 324 39.14 17.22 -4.16
N LEU I 325 37.91 16.90 -4.56
CA LEU I 325 36.82 17.88 -4.46
C LEU I 325 36.60 18.34 -3.03
N ASP I 326 36.66 17.42 -2.07
CA ASP I 326 36.46 17.79 -0.67
C ASP I 326 37.79 18.11 -0.01
N GLY I 327 37.70 18.68 1.20
CA GLY I 327 38.90 18.95 1.97
C GLY I 327 39.58 17.70 2.50
N ASP I 328 38.90 16.56 2.47
CA ASP I 328 39.47 15.30 2.89
C ASP I 328 40.55 14.87 1.91
N GLU I 329 41.14 13.70 2.17
CA GLU I 329 42.15 13.11 1.28
C GLU I 329 41.55 12.00 0.44
N CYS I 330 40.32 12.19 -0.03
CA CYS I 330 39.59 11.17 -0.78
C CYS I 330 39.32 11.63 -2.20
N LEU I 331 39.50 10.71 -3.15
CA LEU I 331 39.29 11.01 -4.56
C LEU I 331 37.80 11.09 -4.88
N SER I 332 37.37 12.22 -5.44
CA SER I 332 36.01 12.38 -5.94
C SER I 332 35.93 11.72 -7.32
N HIS I 333 35.93 10.38 -7.29
CA HIS I 333 36.18 9.62 -8.52
C HIS I 333 35.03 9.70 -9.51
N GLU I 334 33.82 10.05 -9.08
CA GLU I 334 32.71 10.15 -10.01
C GLU I 334 32.98 11.22 -11.07
N GLU I 335 33.22 12.46 -10.62
CA GLU I 335 33.58 13.53 -11.54
C GLU I 335 34.89 13.23 -12.25
N PHE I 336 35.81 12.52 -11.59
CA PHE I 336 37.06 12.13 -12.24
C PHE I 336 36.78 11.27 -13.47
N LEU I 337 35.94 10.26 -13.30
CA LEU I 337 35.55 9.41 -14.41
C LEU I 337 34.83 10.20 -15.48
N GLY I 338 33.93 11.09 -15.08
CA GLY I 338 33.23 11.91 -16.07
C GLY I 338 34.19 12.75 -16.90
N VAL I 339 35.18 13.36 -16.25
CA VAL I 339 36.12 14.23 -16.94
C VAL I 339 36.99 13.41 -17.87
N LEU I 340 37.46 12.26 -17.42
CA LEU I 340 38.27 11.41 -18.27
C LEU I 340 37.47 10.86 -19.45
N LYS I 341 36.17 10.60 -19.25
CA LYS I 341 35.33 10.15 -20.36
C LYS I 341 35.20 11.24 -21.42
N ASN I 342 34.86 12.45 -20.98
CA ASN I 342 34.81 13.59 -21.90
C ASN I 342 36.14 13.74 -22.64
N ARG I 343 37.25 13.64 -21.92
CA ARG I 343 38.56 13.79 -22.53
C ARG I 343 38.83 12.71 -23.57
N MET I 344 38.44 11.47 -23.28
CA MET I 344 38.68 10.37 -24.21
C MET I 344 37.81 10.45 -25.46
N HIS I 345 36.58 10.94 -25.32
CA HIS I 345 35.71 11.05 -26.48
C HIS I 345 36.01 12.24 -27.38
N ARG I 346 36.81 13.20 -26.92
CA ARG I 346 37.13 14.39 -27.71
C ARG I 346 35.86 15.11 -28.14
#